data_3ETP
# 
_entry.id   3ETP 
# 
_audit_conform.dict_name       mmcif_pdbx.dic 
_audit_conform.dict_version    5.398 
_audit_conform.dict_location   http://mmcif.pdb.org/dictionaries/ascii/mmcif_pdbx.dic 
# 
loop_
_database_2.database_id 
_database_2.database_code 
_database_2.pdbx_database_accession 
_database_2.pdbx_DOI 
PDB   3ETP         pdb_00003etp 10.2210/pdb3etp/pdb 
RCSB  RCSB049754   ?            ?                   
WWPDB D_1000049754 ?            ?                   
# 
loop_
_pdbx_audit_revision_history.ordinal 
_pdbx_audit_revision_history.data_content_type 
_pdbx_audit_revision_history.major_revision 
_pdbx_audit_revision_history.minor_revision 
_pdbx_audit_revision_history.revision_date 
1 'Structure model' 1 0 2008-10-21 
2 'Structure model' 1 1 2011-07-13 
3 'Structure model' 1 2 2018-01-24 
4 'Structure model' 1 3 2023-09-06 
5 'Structure model' 1 4 2023-11-29 
6 'Structure model' 1 5 2024-11-06 
# 
_pdbx_audit_revision_details.ordinal             1 
_pdbx_audit_revision_details.revision_ordinal    1 
_pdbx_audit_revision_details.data_content_type   'Structure model' 
_pdbx_audit_revision_details.provider            repository 
_pdbx_audit_revision_details.type                'Initial release' 
_pdbx_audit_revision_details.description         ? 
_pdbx_audit_revision_details.details             ? 
# 
loop_
_pdbx_audit_revision_group.ordinal 
_pdbx_audit_revision_group.revision_ordinal 
_pdbx_audit_revision_group.data_content_type 
_pdbx_audit_revision_group.group 
1 2 'Structure model' 'Version format compliance' 
2 3 'Structure model' 'Structure summary'         
3 4 'Structure model' 'Data collection'           
4 4 'Structure model' 'Database references'       
5 4 'Structure model' 'Refinement description'    
6 5 'Structure model' 'Database references'       
7 6 'Structure model' 'Structure summary'         
# 
loop_
_pdbx_audit_revision_category.ordinal 
_pdbx_audit_revision_category.revision_ordinal 
_pdbx_audit_revision_category.data_content_type 
_pdbx_audit_revision_category.category 
1 3 'Structure model' audit_author                  
2 4 'Structure model' chem_comp_atom                
3 4 'Structure model' chem_comp_bond                
4 4 'Structure model' database_2                    
5 4 'Structure model' pdbx_initial_refinement_model 
6 4 'Structure model' struct_ref_seq_dif            
7 5 'Structure model' pdbx_database_related         
8 6 'Structure model' pdbx_entry_details            
9 6 'Structure model' pdbx_modification_feature     
# 
loop_
_pdbx_audit_revision_item.ordinal 
_pdbx_audit_revision_item.revision_ordinal 
_pdbx_audit_revision_item.data_content_type 
_pdbx_audit_revision_item.item 
1 3 'Structure model' '_audit_author.name'                           
2 4 'Structure model' '_database_2.pdbx_DOI'                         
3 4 'Structure model' '_database_2.pdbx_database_accession'          
4 4 'Structure model' '_struct_ref_seq_dif.details'                  
5 5 'Structure model' '_pdbx_database_related.db_name'               
6 6 'Structure model' '_pdbx_entry_details.has_protein_modification' 
# 
_pdbx_database_status.status_code                     REL 
_pdbx_database_status.entry_id                        3ETP 
_pdbx_database_status.recvd_initial_deposition_date   2008-10-08 
_pdbx_database_status.deposit_site                    RCSB 
_pdbx_database_status.process_site                    RCSB 
_pdbx_database_status.status_code_sf                  REL 
_pdbx_database_status.status_code_mr                  ? 
_pdbx_database_status.SG_entry                        ? 
_pdbx_database_status.pdb_format_compatible           Y 
_pdbx_database_status.status_code_cs                  ? 
_pdbx_database_status.methods_development_category    ? 
_pdbx_database_status.status_code_nmr_data            ? 
# 
loop_
_pdbx_database_related.db_name 
_pdbx_database_related.db_id 
_pdbx_database_related.details 
_pdbx_database_related.content_type 
PDB 1NUK . unspecified 
PDB 1KGY . unspecified 
PDB 1SHW . unspecified 
PDB 2QBX . unspecified 
# 
loop_
_audit_author.name 
_audit_author.pdbx_ordinal 
'Goldgur, Y.'     1 
'Paavilainen, S.' 2 
'Nikolov, D.B.'   3 
'Himanen, J.P.'   4 
# 
_citation.id                        primary 
_citation.title                     'Structure of the ligand-binding domain of the EphB2 receptor at 2 A resolution.' 
_citation.journal_abbrev            'Acta Crystallogr.,Sect.F' 
_citation.journal_volume            65 
_citation.page_first                71 
_citation.page_last                 74 
_citation.year                      2009 
_citation.journal_id_ASTM           ? 
_citation.country                   DK 
_citation.journal_id_ISSN           1744-3091 
_citation.journal_id_CSD            ? 
_citation.book_publisher            ? 
_citation.pdbx_database_id_PubMed   19193989 
_citation.pdbx_database_id_DOI      10.1107/S1744309108043078 
# 
loop_
_citation_author.citation_id 
_citation_author.name 
_citation_author.ordinal 
_citation_author.identifier_ORCID 
primary 'Goldgur, Y.'     1 ? 
primary 'Paavilainen, S.' 2 ? 
primary 'Nikolov, D.'     3 ? 
primary 'Himanen, J.P.'   4 ? 
# 
loop_
_entity.id 
_entity.type 
_entity.src_method 
_entity.pdbx_description 
_entity.formula_weight 
_entity.pdbx_number_of_molecules 
_entity.pdbx_ec 
_entity.pdbx_mutation 
_entity.pdbx_fragment 
_entity.details 
1 polymer man 'Ephrin type-B receptor 2' 21437.211 1   2.7.10.1 ? 'UNP residues 28-207' ? 
2 water   nat water                      18.015    185 ?        ? ?                     ? 
# 
_entity_name_com.entity_id   1 
_entity_name_com.name        'Tyrosine-protein kinase receptor EPH-3, Neural kinase, Nuk receptor tyrosine kinase, SEK-3' 
# 
_entity_poly.entity_id                      1 
_entity_poly.type                           'polypeptide(L)' 
_entity_poly.nstd_linkage                   no 
_entity_poly.nstd_monomer                   no 
_entity_poly.pdbx_seq_one_letter_code       
;AMAISDPEETLMDSTTATAELGWMVHPPSGWEEVSGYDENMNTIRTYQVCNVFESSQNNWLRTKFIRRRGAHRIHVEMKF
SVRDCSSIPSVPGSCKETFNLYYYEADFDLATKTFPNWMENPWVKVDTIAADESISQVDLGGRVMKINTEVRSFGPVSRN
GFYLAFQDYGGCMSLIAVRVFYRKCPR
;
_entity_poly.pdbx_seq_one_letter_code_can   
;AMAISDPEETLMDSTTATAELGWMVHPPSGWEEVSGYDENMNTIRTYQVCNVFESSQNNWLRTKFIRRRGAHRIHVEMKF
SVRDCSSIPSVPGSCKETFNLYYYEADFDLATKTFPNWMENPWVKVDTIAADESISQVDLGGRVMKINTEVRSFGPVSRN
GFYLAFQDYGGCMSLIAVRVFYRKCPR
;
_entity_poly.pdbx_strand_id                 A 
_entity_poly.pdbx_target_identifier         ? 
# 
_pdbx_entity_nonpoly.entity_id   2 
_pdbx_entity_nonpoly.name        water 
_pdbx_entity_nonpoly.comp_id     HOH 
# 
loop_
_entity_poly_seq.entity_id 
_entity_poly_seq.num 
_entity_poly_seq.mon_id 
_entity_poly_seq.hetero 
1 1   ALA n 
1 2   MET n 
1 3   ALA n 
1 4   ILE n 
1 5   SER n 
1 6   ASP n 
1 7   PRO n 
1 8   GLU n 
1 9   GLU n 
1 10  THR n 
1 11  LEU n 
1 12  MET n 
1 13  ASP n 
1 14  SER n 
1 15  THR n 
1 16  THR n 
1 17  ALA n 
1 18  THR n 
1 19  ALA n 
1 20  GLU n 
1 21  LEU n 
1 22  GLY n 
1 23  TRP n 
1 24  MET n 
1 25  VAL n 
1 26  HIS n 
1 27  PRO n 
1 28  PRO n 
1 29  SER n 
1 30  GLY n 
1 31  TRP n 
1 32  GLU n 
1 33  GLU n 
1 34  VAL n 
1 35  SER n 
1 36  GLY n 
1 37  TYR n 
1 38  ASP n 
1 39  GLU n 
1 40  ASN n 
1 41  MET n 
1 42  ASN n 
1 43  THR n 
1 44  ILE n 
1 45  ARG n 
1 46  THR n 
1 47  TYR n 
1 48  GLN n 
1 49  VAL n 
1 50  CYS n 
1 51  ASN n 
1 52  VAL n 
1 53  PHE n 
1 54  GLU n 
1 55  SER n 
1 56  SER n 
1 57  GLN n 
1 58  ASN n 
1 59  ASN n 
1 60  TRP n 
1 61  LEU n 
1 62  ARG n 
1 63  THR n 
1 64  LYS n 
1 65  PHE n 
1 66  ILE n 
1 67  ARG n 
1 68  ARG n 
1 69  ARG n 
1 70  GLY n 
1 71  ALA n 
1 72  HIS n 
1 73  ARG n 
1 74  ILE n 
1 75  HIS n 
1 76  VAL n 
1 77  GLU n 
1 78  MET n 
1 79  LYS n 
1 80  PHE n 
1 81  SER n 
1 82  VAL n 
1 83  ARG n 
1 84  ASP n 
1 85  CYS n 
1 86  SER n 
1 87  SER n 
1 88  ILE n 
1 89  PRO n 
1 90  SER n 
1 91  VAL n 
1 92  PRO n 
1 93  GLY n 
1 94  SER n 
1 95  CYS n 
1 96  LYS n 
1 97  GLU n 
1 98  THR n 
1 99  PHE n 
1 100 ASN n 
1 101 LEU n 
1 102 TYR n 
1 103 TYR n 
1 104 TYR n 
1 105 GLU n 
1 106 ALA n 
1 107 ASP n 
1 108 PHE n 
1 109 ASP n 
1 110 LEU n 
1 111 ALA n 
1 112 THR n 
1 113 LYS n 
1 114 THR n 
1 115 PHE n 
1 116 PRO n 
1 117 ASN n 
1 118 TRP n 
1 119 MET n 
1 120 GLU n 
1 121 ASN n 
1 122 PRO n 
1 123 TRP n 
1 124 VAL n 
1 125 LYS n 
1 126 VAL n 
1 127 ASP n 
1 128 THR n 
1 129 ILE n 
1 130 ALA n 
1 131 ALA n 
1 132 ASP n 
1 133 GLU n 
1 134 SER n 
1 135 ILE n 
1 136 SER n 
1 137 GLN n 
1 138 VAL n 
1 139 ASP n 
1 140 LEU n 
1 141 GLY n 
1 142 GLY n 
1 143 ARG n 
1 144 VAL n 
1 145 MET n 
1 146 LYS n 
1 147 ILE n 
1 148 ASN n 
1 149 THR n 
1 150 GLU n 
1 151 VAL n 
1 152 ARG n 
1 153 SER n 
1 154 PHE n 
1 155 GLY n 
1 156 PRO n 
1 157 VAL n 
1 158 SER n 
1 159 ARG n 
1 160 ASN n 
1 161 GLY n 
1 162 PHE n 
1 163 TYR n 
1 164 LEU n 
1 165 ALA n 
1 166 PHE n 
1 167 GLN n 
1 168 ASP n 
1 169 TYR n 
1 170 GLY n 
1 171 GLY n 
1 172 CYS n 
1 173 MET n 
1 174 SER n 
1 175 LEU n 
1 176 ILE n 
1 177 ALA n 
1 178 VAL n 
1 179 ARG n 
1 180 VAL n 
1 181 PHE n 
1 182 TYR n 
1 183 ARG n 
1 184 LYS n 
1 185 CYS n 
1 186 PRO n 
1 187 ARG n 
# 
_entity_src_gen.entity_id                          1 
_entity_src_gen.pdbx_src_id                        1 
_entity_src_gen.pdbx_alt_source_flag               sample 
_entity_src_gen.pdbx_seq_type                      ? 
_entity_src_gen.pdbx_beg_seq_num                   ? 
_entity_src_gen.pdbx_end_seq_num                   ? 
_entity_src_gen.gene_src_common_name               mouse 
_entity_src_gen.gene_src_genus                     ? 
_entity_src_gen.pdbx_gene_src_gene                 'Ephb2, Epth3, Nuk, Sek3' 
_entity_src_gen.gene_src_species                   ? 
_entity_src_gen.gene_src_strain                    ? 
_entity_src_gen.gene_src_tissue                    ? 
_entity_src_gen.gene_src_tissue_fraction           ? 
_entity_src_gen.gene_src_details                   ? 
_entity_src_gen.pdbx_gene_src_fragment             ? 
_entity_src_gen.pdbx_gene_src_scientific_name      'Mus musculus' 
_entity_src_gen.pdbx_gene_src_ncbi_taxonomy_id     10090 
_entity_src_gen.pdbx_gene_src_variant              ? 
_entity_src_gen.pdbx_gene_src_cell_line            ? 
_entity_src_gen.pdbx_gene_src_atcc                 ? 
_entity_src_gen.pdbx_gene_src_organ                ? 
_entity_src_gen.pdbx_gene_src_organelle            ? 
_entity_src_gen.pdbx_gene_src_cell                 ? 
_entity_src_gen.pdbx_gene_src_cellular_location    ? 
_entity_src_gen.host_org_common_name               ? 
_entity_src_gen.pdbx_host_org_scientific_name      'Escherichia coli' 
_entity_src_gen.pdbx_host_org_ncbi_taxonomy_id     562 
_entity_src_gen.host_org_genus                     ? 
_entity_src_gen.pdbx_host_org_gene                 ? 
_entity_src_gen.pdbx_host_org_organ                ? 
_entity_src_gen.host_org_species                   ? 
_entity_src_gen.pdbx_host_org_tissue               ? 
_entity_src_gen.pdbx_host_org_tissue_fraction      ? 
_entity_src_gen.pdbx_host_org_strain               AD494 
_entity_src_gen.pdbx_host_org_variant              ? 
_entity_src_gen.pdbx_host_org_cell_line            ? 
_entity_src_gen.pdbx_host_org_atcc                 ? 
_entity_src_gen.pdbx_host_org_culture_collection   ? 
_entity_src_gen.pdbx_host_org_cell                 ? 
_entity_src_gen.pdbx_host_org_organelle            ? 
_entity_src_gen.pdbx_host_org_cellular_location    ? 
_entity_src_gen.pdbx_host_org_vector_type          plasmid 
_entity_src_gen.pdbx_host_org_vector               ? 
_entity_src_gen.host_org_details                   ? 
_entity_src_gen.expression_system_id               ? 
_entity_src_gen.plasmid_name                       pET32 
_entity_src_gen.plasmid_details                    ? 
_entity_src_gen.pdbx_description                   ? 
# 
loop_
_chem_comp.id 
_chem_comp.type 
_chem_comp.mon_nstd_flag 
_chem_comp.name 
_chem_comp.pdbx_synonyms 
_chem_comp.formula 
_chem_comp.formula_weight 
ALA 'L-peptide linking' y ALANINE         ? 'C3 H7 N O2'     89.093  
ARG 'L-peptide linking' y ARGININE        ? 'C6 H15 N4 O2 1' 175.209 
ASN 'L-peptide linking' y ASPARAGINE      ? 'C4 H8 N2 O3'    132.118 
ASP 'L-peptide linking' y 'ASPARTIC ACID' ? 'C4 H7 N O4'     133.103 
CYS 'L-peptide linking' y CYSTEINE        ? 'C3 H7 N O2 S'   121.158 
GLN 'L-peptide linking' y GLUTAMINE       ? 'C5 H10 N2 O3'   146.144 
GLU 'L-peptide linking' y 'GLUTAMIC ACID' ? 'C5 H9 N O4'     147.129 
GLY 'peptide linking'   y GLYCINE         ? 'C2 H5 N O2'     75.067  
HIS 'L-peptide linking' y HISTIDINE       ? 'C6 H10 N3 O2 1' 156.162 
HOH non-polymer         . WATER           ? 'H2 O'           18.015  
ILE 'L-peptide linking' y ISOLEUCINE      ? 'C6 H13 N O2'    131.173 
LEU 'L-peptide linking' y LEUCINE         ? 'C6 H13 N O2'    131.173 
LYS 'L-peptide linking' y LYSINE          ? 'C6 H15 N2 O2 1' 147.195 
MET 'L-peptide linking' y METHIONINE      ? 'C5 H11 N O2 S'  149.211 
PHE 'L-peptide linking' y PHENYLALANINE   ? 'C9 H11 N O2'    165.189 
PRO 'L-peptide linking' y PROLINE         ? 'C5 H9 N O2'     115.130 
SER 'L-peptide linking' y SERINE          ? 'C3 H7 N O3'     105.093 
THR 'L-peptide linking' y THREONINE       ? 'C4 H9 N O3'     119.119 
TRP 'L-peptide linking' y TRYPTOPHAN      ? 'C11 H12 N2 O2'  204.225 
TYR 'L-peptide linking' y TYROSINE        ? 'C9 H11 N O3'    181.189 
VAL 'L-peptide linking' y VALINE          ? 'C5 H11 N O2'    117.146 
# 
loop_
_pdbx_poly_seq_scheme.asym_id 
_pdbx_poly_seq_scheme.entity_id 
_pdbx_poly_seq_scheme.seq_id 
_pdbx_poly_seq_scheme.mon_id 
_pdbx_poly_seq_scheme.ndb_seq_num 
_pdbx_poly_seq_scheme.pdb_seq_num 
_pdbx_poly_seq_scheme.auth_seq_num 
_pdbx_poly_seq_scheme.pdb_mon_id 
_pdbx_poly_seq_scheme.auth_mon_id 
_pdbx_poly_seq_scheme.pdb_strand_id 
_pdbx_poly_seq_scheme.pdb_ins_code 
_pdbx_poly_seq_scheme.hetero 
A 1 1   ALA 1   21  21  ALA ALA A . n 
A 1 2   MET 2   22  22  MET MET A . n 
A 1 3   ALA 3   23  23  ALA ALA A . n 
A 1 4   ILE 4   24  24  ILE ILE A . n 
A 1 5   SER 5   25  25  SER SER A . n 
A 1 6   ASP 6   26  26  ASP ASP A . n 
A 1 7   PRO 7   27  27  PRO PRO A . n 
A 1 8   GLU 8   28  28  GLU GLU A . n 
A 1 9   GLU 9   29  29  GLU GLU A . n 
A 1 10  THR 10  30  30  THR THR A . n 
A 1 11  LEU 11  31  31  LEU LEU A . n 
A 1 12  MET 12  32  32  MET MET A . n 
A 1 13  ASP 13  33  33  ASP ASP A . n 
A 1 14  SER 14  34  34  SER SER A . n 
A 1 15  THR 15  35  35  THR THR A . n 
A 1 16  THR 16  36  36  THR THR A . n 
A 1 17  ALA 17  37  37  ALA ALA A . n 
A 1 18  THR 18  38  38  THR THR A . n 
A 1 19  ALA 19  39  39  ALA ALA A . n 
A 1 20  GLU 20  40  40  GLU GLU A . n 
A 1 21  LEU 21  41  41  LEU LEU A . n 
A 1 22  GLY 22  42  42  GLY GLY A . n 
A 1 23  TRP 23  43  43  TRP TRP A . n 
A 1 24  MET 24  44  44  MET MET A . n 
A 1 25  VAL 25  45  45  VAL VAL A . n 
A 1 26  HIS 26  46  46  HIS HIS A . n 
A 1 27  PRO 27  47  47  PRO PRO A . n 
A 1 28  PRO 28  48  48  PRO PRO A . n 
A 1 29  SER 29  49  49  SER SER A . n 
A 1 30  GLY 30  50  50  GLY GLY A . n 
A 1 31  TRP 31  51  51  TRP TRP A . n 
A 1 32  GLU 32  52  52  GLU GLU A . n 
A 1 33  GLU 33  53  53  GLU GLU A . n 
A 1 34  VAL 34  54  54  VAL VAL A . n 
A 1 35  SER 35  55  55  SER SER A . n 
A 1 36  GLY 36  56  56  GLY GLY A . n 
A 1 37  TYR 37  57  57  TYR TYR A . n 
A 1 38  ASP 38  58  58  ASP ASP A . n 
A 1 39  GLU 39  59  59  GLU GLU A . n 
A 1 40  ASN 40  60  60  ASN ASN A . n 
A 1 41  MET 41  61  61  MET MET A . n 
A 1 42  ASN 42  62  62  ASN ASN A . n 
A 1 43  THR 43  63  63  THR THR A . n 
A 1 44  ILE 44  64  64  ILE ILE A . n 
A 1 45  ARG 45  65  65  ARG ARG A . n 
A 1 46  THR 46  66  66  THR THR A . n 
A 1 47  TYR 47  67  67  TYR TYR A . n 
A 1 48  GLN 48  68  68  GLN GLN A . n 
A 1 49  VAL 49  69  69  VAL VAL A . n 
A 1 50  CYS 50  70  70  CYS CYS A . n 
A 1 51  ASN 51  71  71  ASN ASN A . n 
A 1 52  VAL 52  72  72  VAL VAL A . n 
A 1 53  PHE 53  73  73  PHE PHE A . n 
A 1 54  GLU 54  74  74  GLU GLU A . n 
A 1 55  SER 55  75  75  SER SER A . n 
A 1 56  SER 56  76  76  SER SER A . n 
A 1 57  GLN 57  77  77  GLN GLN A . n 
A 1 58  ASN 58  78  78  ASN ASN A . n 
A 1 59  ASN 59  79  79  ASN ASN A . n 
A 1 60  TRP 60  80  80  TRP TRP A . n 
A 1 61  LEU 61  81  81  LEU LEU A . n 
A 1 62  ARG 62  82  82  ARG ARG A . n 
A 1 63  THR 63  83  83  THR THR A . n 
A 1 64  LYS 64  84  84  LYS LYS A . n 
A 1 65  PHE 65  85  85  PHE PHE A . n 
A 1 66  ILE 66  86  86  ILE ILE A . n 
A 1 67  ARG 67  87  87  ARG ARG A . n 
A 1 68  ARG 68  88  88  ARG ARG A . n 
A 1 69  ARG 69  89  89  ARG ARG A . n 
A 1 70  GLY 70  90  90  GLY GLY A . n 
A 1 71  ALA 71  91  91  ALA ALA A . n 
A 1 72  HIS 72  92  92  HIS HIS A . n 
A 1 73  ARG 73  93  93  ARG ARG A . n 
A 1 74  ILE 74  94  94  ILE ILE A . n 
A 1 75  HIS 75  95  95  HIS HIS A . n 
A 1 76  VAL 76  96  96  VAL VAL A . n 
A 1 77  GLU 77  97  97  GLU GLU A . n 
A 1 78  MET 78  98  98  MET MET A . n 
A 1 79  LYS 79  99  99  LYS LYS A . n 
A 1 80  PHE 80  100 100 PHE PHE A . n 
A 1 81  SER 81  101 101 SER SER A . n 
A 1 82  VAL 82  102 102 VAL VAL A . n 
A 1 83  ARG 83  103 103 ARG ARG A . n 
A 1 84  ASP 84  104 104 ASP ASP A . n 
A 1 85  CYS 85  105 105 CYS CYS A . n 
A 1 86  SER 86  106 106 SER SER A . n 
A 1 87  SER 87  107 107 SER SER A . n 
A 1 88  ILE 88  108 108 ILE ILE A . n 
A 1 89  PRO 89  109 109 PRO PRO A . n 
A 1 90  SER 90  110 110 SER SER A . n 
A 1 91  VAL 91  111 111 VAL VAL A . n 
A 1 92  PRO 92  112 112 PRO PRO A . n 
A 1 93  GLY 93  113 113 GLY GLY A . n 
A 1 94  SER 94  114 114 SER SER A . n 
A 1 95  CYS 95  115 115 CYS CYS A . n 
A 1 96  LYS 96  116 116 LYS LYS A . n 
A 1 97  GLU 97  117 117 GLU GLU A . n 
A 1 98  THR 98  118 118 THR THR A . n 
A 1 99  PHE 99  119 119 PHE PHE A . n 
A 1 100 ASN 100 120 120 ASN ASN A . n 
A 1 101 LEU 101 121 121 LEU LEU A . n 
A 1 102 TYR 102 122 122 TYR TYR A . n 
A 1 103 TYR 103 123 123 TYR TYR A . n 
A 1 104 TYR 104 124 124 TYR TYR A . n 
A 1 105 GLU 105 125 125 GLU GLU A . n 
A 1 106 ALA 106 126 126 ALA ALA A . n 
A 1 107 ASP 107 127 127 ASP ASP A . n 
A 1 108 PHE 108 128 128 PHE PHE A . n 
A 1 109 ASP 109 129 129 ASP ASP A . n 
A 1 110 LEU 110 130 130 LEU LEU A . n 
A 1 111 ALA 111 131 131 ALA ALA A . n 
A 1 112 THR 112 132 132 THR THR A . n 
A 1 113 LYS 113 133 133 LYS LYS A . n 
A 1 114 THR 114 134 134 THR THR A . n 
A 1 115 PHE 115 135 135 PHE PHE A . n 
A 1 116 PRO 116 136 136 PRO PRO A . n 
A 1 117 ASN 117 137 137 ASN ASN A . n 
A 1 118 TRP 118 138 138 TRP TRP A . n 
A 1 119 MET 119 139 139 MET MET A . n 
A 1 120 GLU 120 140 140 GLU GLU A . n 
A 1 121 ASN 121 141 141 ASN ASN A . n 
A 1 122 PRO 122 142 142 PRO PRO A . n 
A 1 123 TRP 123 143 143 TRP TRP A . n 
A 1 124 VAL 124 144 144 VAL VAL A . n 
A 1 125 LYS 125 145 145 LYS LYS A . n 
A 1 126 VAL 126 146 146 VAL VAL A . n 
A 1 127 ASP 127 147 147 ASP ASP A . n 
A 1 128 THR 128 148 148 THR THR A . n 
A 1 129 ILE 129 149 149 ILE ILE A . n 
A 1 130 ALA 130 150 150 ALA ALA A . n 
A 1 131 ALA 131 151 151 ALA ALA A . n 
A 1 132 ASP 132 152 152 ASP ASP A . n 
A 1 133 GLU 133 153 153 GLU GLU A . n 
A 1 134 SER 134 154 154 SER SER A . n 
A 1 135 ILE 135 155 155 ILE ILE A . n 
A 1 136 SER 136 156 156 SER SER A . n 
A 1 137 GLN 137 157 157 GLN GLN A . n 
A 1 138 VAL 138 158 158 VAL VAL A . n 
A 1 139 ASP 139 159 159 ASP ASP A . n 
A 1 140 LEU 140 160 160 LEU LEU A . n 
A 1 141 GLY 141 161 161 GLY GLY A . n 
A 1 142 GLY 142 162 162 GLY GLY A . n 
A 1 143 ARG 143 163 163 ARG ARG A . n 
A 1 144 VAL 144 164 164 VAL VAL A . n 
A 1 145 MET 145 165 165 MET MET A . n 
A 1 146 LYS 146 166 166 LYS LYS A . n 
A 1 147 ILE 147 167 167 ILE ILE A . n 
A 1 148 ASN 148 168 168 ASN ASN A . n 
A 1 149 THR 149 169 169 THR THR A . n 
A 1 150 GLU 150 170 170 GLU GLU A . n 
A 1 151 VAL 151 171 171 VAL VAL A . n 
A 1 152 ARG 152 172 172 ARG ARG A . n 
A 1 153 SER 153 173 173 SER SER A . n 
A 1 154 PHE 154 174 174 PHE PHE A . n 
A 1 155 GLY 155 175 175 GLY GLY A . n 
A 1 156 PRO 156 176 176 PRO PRO A . n 
A 1 157 VAL 157 177 177 VAL VAL A . n 
A 1 158 SER 158 178 178 SER SER A . n 
A 1 159 ARG 159 179 179 ARG ARG A . n 
A 1 160 ASN 160 180 180 ASN ASN A . n 
A 1 161 GLY 161 181 181 GLY GLY A . n 
A 1 162 PHE 162 182 182 PHE PHE A . n 
A 1 163 TYR 163 183 183 TYR TYR A . n 
A 1 164 LEU 164 184 184 LEU LEU A . n 
A 1 165 ALA 165 185 185 ALA ALA A . n 
A 1 166 PHE 166 186 186 PHE PHE A . n 
A 1 167 GLN 167 187 187 GLN GLN A . n 
A 1 168 ASP 168 188 188 ASP ASP A . n 
A 1 169 TYR 169 189 189 TYR TYR A . n 
A 1 170 GLY 170 190 190 GLY GLY A . n 
A 1 171 GLY 171 191 191 GLY GLY A . n 
A 1 172 CYS 172 192 192 CYS CYS A . n 
A 1 173 MET 173 193 193 MET MET A . n 
A 1 174 SER 174 194 194 SER SER A . n 
A 1 175 LEU 175 195 195 LEU LEU A . n 
A 1 176 ILE 176 196 196 ILE ILE A . n 
A 1 177 ALA 177 197 197 ALA ALA A . n 
A 1 178 VAL 178 198 198 VAL VAL A . n 
A 1 179 ARG 179 199 199 ARG ARG A . n 
A 1 180 VAL 180 200 200 VAL VAL A . n 
A 1 181 PHE 181 201 201 PHE PHE A . n 
A 1 182 TYR 182 202 202 TYR TYR A . n 
A 1 183 ARG 183 203 203 ARG ARG A . n 
A 1 184 LYS 184 204 204 LYS LYS A . n 
A 1 185 CYS 185 205 205 CYS CYS A . n 
A 1 186 PRO 186 206 206 PRO PRO A . n 
A 1 187 ARG 187 207 207 ARG ARG A . n 
# 
loop_
_pdbx_nonpoly_scheme.asym_id 
_pdbx_nonpoly_scheme.entity_id 
_pdbx_nonpoly_scheme.mon_id 
_pdbx_nonpoly_scheme.ndb_seq_num 
_pdbx_nonpoly_scheme.pdb_seq_num 
_pdbx_nonpoly_scheme.auth_seq_num 
_pdbx_nonpoly_scheme.pdb_mon_id 
_pdbx_nonpoly_scheme.auth_mon_id 
_pdbx_nonpoly_scheme.pdb_strand_id 
_pdbx_nonpoly_scheme.pdb_ins_code 
B 2 HOH 1   208 1   HOH HOH A . 
B 2 HOH 2   209 2   HOH HOH A . 
B 2 HOH 3   210 3   HOH HOH A . 
B 2 HOH 4   211 4   HOH HOH A . 
B 2 HOH 5   212 5   HOH HOH A . 
B 2 HOH 6   213 6   HOH HOH A . 
B 2 HOH 7   214 7   HOH HOH A . 
B 2 HOH 8   215 8   HOH HOH A . 
B 2 HOH 9   216 9   HOH HOH A . 
B 2 HOH 10  217 10  HOH HOH A . 
B 2 HOH 11  218 11  HOH HOH A . 
B 2 HOH 12  219 12  HOH HOH A . 
B 2 HOH 13  220 13  HOH HOH A . 
B 2 HOH 14  221 14  HOH HOH A . 
B 2 HOH 15  222 15  HOH HOH A . 
B 2 HOH 16  223 16  HOH HOH A . 
B 2 HOH 17  224 17  HOH HOH A . 
B 2 HOH 18  225 18  HOH HOH A . 
B 2 HOH 19  226 19  HOH HOH A . 
B 2 HOH 20  227 20  HOH HOH A . 
B 2 HOH 21  228 21  HOH HOH A . 
B 2 HOH 22  229 22  HOH HOH A . 
B 2 HOH 23  230 23  HOH HOH A . 
B 2 HOH 24  231 24  HOH HOH A . 
B 2 HOH 25  232 25  HOH HOH A . 
B 2 HOH 26  233 26  HOH HOH A . 
B 2 HOH 27  234 27  HOH HOH A . 
B 2 HOH 28  235 28  HOH HOH A . 
B 2 HOH 29  236 29  HOH HOH A . 
B 2 HOH 30  237 30  HOH HOH A . 
B 2 HOH 31  238 31  HOH HOH A . 
B 2 HOH 32  239 32  HOH HOH A . 
B 2 HOH 33  240 33  HOH HOH A . 
B 2 HOH 34  241 34  HOH HOH A . 
B 2 HOH 35  242 35  HOH HOH A . 
B 2 HOH 36  243 36  HOH HOH A . 
B 2 HOH 37  244 37  HOH HOH A . 
B 2 HOH 38  245 38  HOH HOH A . 
B 2 HOH 39  246 39  HOH HOH A . 
B 2 HOH 40  247 40  HOH HOH A . 
B 2 HOH 41  248 41  HOH HOH A . 
B 2 HOH 42  249 42  HOH HOH A . 
B 2 HOH 43  250 43  HOH HOH A . 
B 2 HOH 44  251 44  HOH HOH A . 
B 2 HOH 45  252 45  HOH HOH A . 
B 2 HOH 46  253 46  HOH HOH A . 
B 2 HOH 47  254 47  HOH HOH A . 
B 2 HOH 48  255 48  HOH HOH A . 
B 2 HOH 49  256 49  HOH HOH A . 
B 2 HOH 50  257 50  HOH HOH A . 
B 2 HOH 51  258 51  HOH HOH A . 
B 2 HOH 52  259 52  HOH HOH A . 
B 2 HOH 53  260 53  HOH HOH A . 
B 2 HOH 54  261 54  HOH HOH A . 
B 2 HOH 55  262 55  HOH HOH A . 
B 2 HOH 56  263 56  HOH HOH A . 
B 2 HOH 57  264 57  HOH HOH A . 
B 2 HOH 58  265 58  HOH HOH A . 
B 2 HOH 59  266 59  HOH HOH A . 
B 2 HOH 60  267 60  HOH HOH A . 
B 2 HOH 61  268 61  HOH HOH A . 
B 2 HOH 62  269 62  HOH HOH A . 
B 2 HOH 63  270 63  HOH HOH A . 
B 2 HOH 64  271 64  HOH HOH A . 
B 2 HOH 65  272 65  HOH HOH A . 
B 2 HOH 66  273 66  HOH HOH A . 
B 2 HOH 67  274 67  HOH HOH A . 
B 2 HOH 68  275 68  HOH HOH A . 
B 2 HOH 69  276 69  HOH HOH A . 
B 2 HOH 70  277 70  HOH HOH A . 
B 2 HOH 71  278 71  HOH HOH A . 
B 2 HOH 72  279 72  HOH HOH A . 
B 2 HOH 73  280 73  HOH HOH A . 
B 2 HOH 74  281 74  HOH HOH A . 
B 2 HOH 75  282 75  HOH HOH A . 
B 2 HOH 76  283 76  HOH HOH A . 
B 2 HOH 77  284 77  HOH HOH A . 
B 2 HOH 78  285 78  HOH HOH A . 
B 2 HOH 79  286 79  HOH HOH A . 
B 2 HOH 80  287 80  HOH HOH A . 
B 2 HOH 81  288 81  HOH HOH A . 
B 2 HOH 82  289 82  HOH HOH A . 
B 2 HOH 83  290 83  HOH HOH A . 
B 2 HOH 84  291 84  HOH HOH A . 
B 2 HOH 85  292 85  HOH HOH A . 
B 2 HOH 86  293 86  HOH HOH A . 
B 2 HOH 87  294 87  HOH HOH A . 
B 2 HOH 88  295 88  HOH HOH A . 
B 2 HOH 89  296 89  HOH HOH A . 
B 2 HOH 90  297 90  HOH HOH A . 
B 2 HOH 91  298 91  HOH HOH A . 
B 2 HOH 92  299 92  HOH HOH A . 
B 2 HOH 93  300 93  HOH HOH A . 
B 2 HOH 94  301 94  HOH HOH A . 
B 2 HOH 95  302 95  HOH HOH A . 
B 2 HOH 96  303 96  HOH HOH A . 
B 2 HOH 97  304 97  HOH HOH A . 
B 2 HOH 98  305 98  HOH HOH A . 
B 2 HOH 99  306 99  HOH HOH A . 
B 2 HOH 100 307 100 HOH HOH A . 
B 2 HOH 101 308 101 HOH HOH A . 
B 2 HOH 102 309 102 HOH HOH A . 
B 2 HOH 103 310 103 HOH HOH A . 
B 2 HOH 104 311 104 HOH HOH A . 
B 2 HOH 105 312 105 HOH HOH A . 
B 2 HOH 106 313 106 HOH HOH A . 
B 2 HOH 107 314 107 HOH HOH A . 
B 2 HOH 108 315 108 HOH HOH A . 
B 2 HOH 109 316 109 HOH HOH A . 
B 2 HOH 110 317 110 HOH HOH A . 
B 2 HOH 111 318 111 HOH HOH A . 
B 2 HOH 112 319 112 HOH HOH A . 
B 2 HOH 113 320 113 HOH HOH A . 
B 2 HOH 114 321 114 HOH HOH A . 
B 2 HOH 115 322 115 HOH HOH A . 
B 2 HOH 116 323 116 HOH HOH A . 
B 2 HOH 117 324 117 HOH HOH A . 
B 2 HOH 118 325 118 HOH HOH A . 
B 2 HOH 119 326 119 HOH HOH A . 
B 2 HOH 120 327 120 HOH HOH A . 
B 2 HOH 121 328 121 HOH HOH A . 
B 2 HOH 122 329 122 HOH HOH A . 
B 2 HOH 123 330 123 HOH HOH A . 
B 2 HOH 124 331 124 HOH HOH A . 
B 2 HOH 125 332 125 HOH HOH A . 
B 2 HOH 126 333 126 HOH HOH A . 
B 2 HOH 127 334 127 HOH HOH A . 
B 2 HOH 128 335 128 HOH HOH A . 
B 2 HOH 129 336 129 HOH HOH A . 
B 2 HOH 130 337 130 HOH HOH A . 
B 2 HOH 131 338 131 HOH HOH A . 
B 2 HOH 132 339 132 HOH HOH A . 
B 2 HOH 133 340 133 HOH HOH A . 
B 2 HOH 134 341 134 HOH HOH A . 
B 2 HOH 135 342 135 HOH HOH A . 
B 2 HOH 136 343 136 HOH HOH A . 
B 2 HOH 137 344 137 HOH HOH A . 
B 2 HOH 138 345 138 HOH HOH A . 
B 2 HOH 139 346 139 HOH HOH A . 
B 2 HOH 140 347 140 HOH HOH A . 
B 2 HOH 141 348 141 HOH HOH A . 
B 2 HOH 142 349 142 HOH HOH A . 
B 2 HOH 143 350 143 HOH HOH A . 
B 2 HOH 144 351 144 HOH HOH A . 
B 2 HOH 145 352 145 HOH HOH A . 
B 2 HOH 146 353 146 HOH HOH A . 
B 2 HOH 147 354 147 HOH HOH A . 
B 2 HOH 148 355 148 HOH HOH A . 
B 2 HOH 149 356 149 HOH HOH A . 
B 2 HOH 150 357 150 HOH HOH A . 
B 2 HOH 151 358 151 HOH HOH A . 
B 2 HOH 152 359 152 HOH HOH A . 
B 2 HOH 153 360 153 HOH HOH A . 
B 2 HOH 154 361 154 HOH HOH A . 
B 2 HOH 155 362 155 HOH HOH A . 
B 2 HOH 156 363 156 HOH HOH A . 
B 2 HOH 157 364 157 HOH HOH A . 
B 2 HOH 158 365 158 HOH HOH A . 
B 2 HOH 159 366 159 HOH HOH A . 
B 2 HOH 160 367 160 HOH HOH A . 
B 2 HOH 161 368 161 HOH HOH A . 
B 2 HOH 162 369 162 HOH HOH A . 
B 2 HOH 163 370 163 HOH HOH A . 
B 2 HOH 164 371 164 HOH HOH A . 
B 2 HOH 165 372 165 HOH HOH A . 
B 2 HOH 166 373 166 HOH HOH A . 
B 2 HOH 167 374 167 HOH HOH A . 
B 2 HOH 168 375 168 HOH HOH A . 
B 2 HOH 169 376 169 HOH HOH A . 
B 2 HOH 170 377 170 HOH HOH A . 
B 2 HOH 171 378 171 HOH HOH A . 
B 2 HOH 172 379 172 HOH HOH A . 
B 2 HOH 173 380 173 HOH HOH A . 
B 2 HOH 174 381 174 HOH HOH A . 
B 2 HOH 175 382 175 HOH HOH A . 
B 2 HOH 176 383 176 HOH HOH A . 
B 2 HOH 177 384 177 HOH HOH A . 
B 2 HOH 178 385 178 HOH HOH A . 
B 2 HOH 179 386 179 HOH HOH A . 
B 2 HOH 180 387 180 HOH HOH A . 
B 2 HOH 181 388 181 HOH HOH A . 
B 2 HOH 182 389 182 HOH HOH A . 
B 2 HOH 183 390 183 HOH HOH A . 
B 2 HOH 184 391 184 HOH HOH A . 
B 2 HOH 185 392 185 HOH HOH A . 
# 
loop_
_software.name 
_software.classification 
_software.version 
_software.citation_id 
_software.pdbx_ordinal 
HKL-2000 'data collection' .        ? 1 
AMoRE    phasing           .        ? 2 
REFMAC   refinement        5.4.0077 ? 3 
HKL-2000 'data reduction'  .        ? 4 
HKL-2000 'data scaling'    .        ? 5 
# 
_cell.entry_id           3ETP 
_cell.length_a           54.028 
_cell.length_b           54.028 
_cell.length_c           157.412 
_cell.angle_alpha        90.00 
_cell.angle_beta         90.00 
_cell.angle_gamma        90.00 
_cell.Z_PDB              8 
_cell.pdbx_unique_axis   ? 
_cell.length_a_esd       ? 
_cell.length_b_esd       ? 
_cell.length_c_esd       ? 
_cell.angle_alpha_esd    ? 
_cell.angle_beta_esd     ? 
_cell.angle_gamma_esd    ? 
# 
_symmetry.entry_id                         3ETP 
_symmetry.space_group_name_H-M             'P 41 21 2' 
_symmetry.pdbx_full_space_group_name_H-M   ? 
_symmetry.cell_setting                     ? 
_symmetry.Int_Tables_number                92 
_symmetry.space_group_name_Hall            ? 
# 
_exptl.entry_id          3ETP 
_exptl.method            'X-RAY DIFFRACTION' 
_exptl.crystals_number   1 
# 
_exptl_crystal.id                    1 
_exptl_crystal.density_meas          ? 
_exptl_crystal.density_Matthews      2.68 
_exptl_crystal.density_percent_sol   54.09 
_exptl_crystal.description           ? 
_exptl_crystal.F_000                 ? 
_exptl_crystal.preparation           ? 
# 
_exptl_crystal_grow.crystal_id      1 
_exptl_crystal_grow.method          'VAPOR DIFFUSION, HANGING DROP' 
_exptl_crystal_grow.temp            295 
_exptl_crystal_grow.temp_details    ? 
_exptl_crystal_grow.pH              5.4 
_exptl_crystal_grow.pdbx_pH_range   ? 
_exptl_crystal_grow.pdbx_details    '1.2 M Na/K phosphate, pH 5.4, VAPOR DIFFUSION, HANGING DROP, temperature 295K' 
# 
_diffrn.id                     1 
_diffrn.ambient_temp           100 
_diffrn.ambient_temp_details   ? 
_diffrn.crystal_id             1 
# 
_diffrn_detector.diffrn_id              1 
_diffrn_detector.detector               CCD 
_diffrn_detector.type                   'ADSC QUANTUM 210' 
_diffrn_detector.pdbx_collection_date   2006-08-21 
_diffrn_detector.details                ? 
# 
_diffrn_radiation.diffrn_id                        1 
_diffrn_radiation.wavelength_id                    1 
_diffrn_radiation.pdbx_monochromatic_or_laue_m_l   M 
_diffrn_radiation.monochromator                    ? 
_diffrn_radiation.pdbx_diffrn_protocol             'SINGLE WAVELENGTH' 
_diffrn_radiation.pdbx_scattering_type             x-ray 
# 
_diffrn_radiation_wavelength.id           1 
_diffrn_radiation_wavelength.wavelength   0.97950 
_diffrn_radiation_wavelength.wt           1.0 
# 
_diffrn_source.diffrn_id                   1 
_diffrn_source.source                      SYNCHROTRON 
_diffrn_source.type                        'NSLS BEAMLINE X6A' 
_diffrn_source.pdbx_synchrotron_site       NSLS 
_diffrn_source.pdbx_synchrotron_beamline   X6A 
_diffrn_source.pdbx_wavelength             ? 
_diffrn_source.pdbx_wavelength_list        0.97950 
# 
_reflns.entry_id                     3ETP 
_reflns.observed_criterion_sigma_I   ? 
_reflns.observed_criterion_sigma_F   ? 
_reflns.d_resolution_low             37.13 
_reflns.d_resolution_high            2 
_reflns.number_obs                   15984 
_reflns.number_all                   ? 
_reflns.percent_possible_obs         ? 
_reflns.pdbx_Rmerge_I_obs            ? 
_reflns.pdbx_Rsym_value              ? 
_reflns.pdbx_netI_over_sigmaI        ? 
_reflns.B_iso_Wilson_estimate        ? 
_reflns.pdbx_redundancy              ? 
_reflns.R_free_details               ? 
_reflns.limit_h_max                  ? 
_reflns.limit_h_min                  ? 
_reflns.limit_k_max                  ? 
_reflns.limit_k_min                  ? 
_reflns.limit_l_max                  ? 
_reflns.limit_l_min                  ? 
_reflns.observed_criterion_F_max     ? 
_reflns.observed_criterion_F_min     ? 
_reflns.pdbx_chi_squared             ? 
_reflns.pdbx_scaling_rejects         ? 
_reflns.pdbx_diffrn_id               1 
_reflns.pdbx_ordinal                 1 
# 
_refine.entry_id                                 3ETP 
_refine.ls_number_reflns_obs                     15163 
_refine.ls_number_reflns_all                     ? 
_refine.pdbx_ls_sigma_I                          ? 
_refine.pdbx_ls_sigma_F                          ? 
_refine.pdbx_data_cutoff_high_absF               ? 
_refine.pdbx_data_cutoff_low_absF                ? 
_refine.pdbx_data_cutoff_high_rms_absF           ? 
_refine.ls_d_res_low                             37.11 
_refine.ls_d_res_high                            2.00 
_refine.ls_percent_reflns_obs                    96.31 
_refine.ls_R_factor_obs                          0.20134 
_refine.ls_R_factor_all                          ? 
_refine.ls_R_factor_R_work                       0.19833 
_refine.ls_R_factor_R_free                       0.26320 
_refine.ls_R_factor_R_free_error                 ? 
_refine.ls_R_factor_R_free_error_details         ? 
_refine.ls_percent_reflns_R_free                 5.0 
_refine.ls_number_reflns_R_free                  806 
_refine.ls_number_parameters                     ? 
_refine.ls_number_restraints                     ? 
_refine.occupancy_min                            ? 
_refine.occupancy_max                            ? 
_refine.correlation_coeff_Fo_to_Fc               0.957 
_refine.correlation_coeff_Fo_to_Fc_free          0.933 
_refine.B_iso_mean                               42.247 
_refine.aniso_B[1][1]                            1.20 
_refine.aniso_B[2][2]                            1.20 
_refine.aniso_B[3][3]                            -2.40 
_refine.aniso_B[1][2]                            0.00 
_refine.aniso_B[1][3]                            0.00 
_refine.aniso_B[2][3]                            0.00 
_refine.solvent_model_details                    MASK 
_refine.solvent_model_param_ksol                 ? 
_refine.solvent_model_param_bsol                 ? 
_refine.pdbx_solvent_vdw_probe_radii             1.20 
_refine.pdbx_solvent_ion_probe_radii             0.80 
_refine.pdbx_solvent_shrinkage_radii             0.80 
_refine.pdbx_ls_cross_valid_method               THROUGHOUT 
_refine.details                                  'HYDROGENS HAVE BEEN ADDED IN THE RIDING POSITIONS' 
_refine.pdbx_starting_model                      'PDB entry 1NUK' 
_refine.pdbx_method_to_determine_struct          'MOLECULAR REPLACEMENT' 
_refine.pdbx_isotropic_thermal_model             ? 
_refine.pdbx_stereochemistry_target_values       'MAXIMUM LIKELIHOOD' 
_refine.pdbx_stereochem_target_val_spec_case     ? 
_refine.pdbx_R_Free_selection_details            RANDOM 
_refine.pdbx_overall_ESU_R                       0.183 
_refine.pdbx_overall_ESU_R_Free                  0.181 
_refine.overall_SU_ML                            0.120 
_refine.pdbx_overall_phase_error                 ? 
_refine.overall_SU_B                             4.368 
_refine.pdbx_refine_id                           'X-RAY DIFFRACTION' 
_refine.ls_redundancy_reflns_obs                 ? 
_refine.B_iso_min                                ? 
_refine.B_iso_max                                ? 
_refine.overall_SU_R_Cruickshank_DPI             ? 
_refine.overall_SU_R_free                        ? 
_refine.ls_wR_factor_R_free                      ? 
_refine.ls_wR_factor_R_work                      ? 
_refine.overall_FOM_free_R_set                   ? 
_refine.overall_FOM_work_R_set                   ? 
_refine.pdbx_diffrn_id                           1 
_refine.pdbx_TLS_residual_ADP_flag               ? 
_refine.pdbx_overall_SU_R_free_Cruickshank_DPI   ? 
_refine.pdbx_overall_SU_R_Blow_DPI               ? 
_refine.pdbx_overall_SU_R_free_Blow_DPI          ? 
# 
_refine_hist.pdbx_refine_id                   'X-RAY DIFFRACTION' 
_refine_hist.cycle_id                         LAST 
_refine_hist.pdbx_number_atoms_protein        1503 
_refine_hist.pdbx_number_atoms_nucleic_acid   0 
_refine_hist.pdbx_number_atoms_ligand         0 
_refine_hist.number_atoms_solvent             185 
_refine_hist.number_atoms_total               1688 
_refine_hist.d_res_high                       2.00 
_refine_hist.d_res_low                        37.11 
# 
loop_
_refine_ls_restr.type 
_refine_ls_restr.dev_ideal 
_refine_ls_restr.dev_ideal_target 
_refine_ls_restr.weight 
_refine_ls_restr.number 
_refine_ls_restr.pdbx_refine_id 
_refine_ls_restr.pdbx_restraint_function 
r_bond_refined_d             0.022  0.022  ? 1544 'X-RAY DIFFRACTION' ? 
r_bond_other_d               ?      ?      ? ?    'X-RAY DIFFRACTION' ? 
r_angle_refined_deg          2.085  1.931  ? 2095 'X-RAY DIFFRACTION' ? 
r_angle_other_deg            ?      ?      ? ?    'X-RAY DIFFRACTION' ? 
r_dihedral_angle_1_deg       7.148  5.000  ? 186  'X-RAY DIFFRACTION' ? 
r_dihedral_angle_2_deg       34.820 23.158 ? 76   'X-RAY DIFFRACTION' ? 
r_dihedral_angle_3_deg       17.222 15.000 ? 253  'X-RAY DIFFRACTION' ? 
r_dihedral_angle_4_deg       17.839 15.000 ? 13   'X-RAY DIFFRACTION' ? 
r_chiral_restr               0.176  0.200  ? 220  'X-RAY DIFFRACTION' ? 
r_gen_planes_refined         0.010  0.021  ? 1199 'X-RAY DIFFRACTION' ? 
r_gen_planes_other           ?      ?      ? ?    'X-RAY DIFFRACTION' ? 
r_nbd_refined                ?      ?      ? ?    'X-RAY DIFFRACTION' ? 
r_nbd_other                  ?      ?      ? ?    'X-RAY DIFFRACTION' ? 
r_nbtor_refined              ?      ?      ? ?    'X-RAY DIFFRACTION' ? 
r_nbtor_other                ?      ?      ? ?    'X-RAY DIFFRACTION' ? 
r_xyhbond_nbd_refined        ?      ?      ? ?    'X-RAY DIFFRACTION' ? 
r_xyhbond_nbd_other          ?      ?      ? ?    'X-RAY DIFFRACTION' ? 
r_metal_ion_refined          ?      ?      ? ?    'X-RAY DIFFRACTION' ? 
r_metal_ion_other            ?      ?      ? ?    'X-RAY DIFFRACTION' ? 
r_symmetry_vdw_refined       ?      ?      ? ?    'X-RAY DIFFRACTION' ? 
r_symmetry_vdw_other         ?      ?      ? ?    'X-RAY DIFFRACTION' ? 
r_symmetry_hbond_refined     ?      ?      ? ?    'X-RAY DIFFRACTION' ? 
r_symmetry_hbond_other       ?      ?      ? ?    'X-RAY DIFFRACTION' ? 
r_symmetry_metal_ion_refined ?      ?      ? ?    'X-RAY DIFFRACTION' ? 
r_symmetry_metal_ion_other   ?      ?      ? ?    'X-RAY DIFFRACTION' ? 
r_mcbond_it                  1.539  1.500  ? 933  'X-RAY DIFFRACTION' ? 
r_mcbond_other               ?      ?      ? ?    'X-RAY DIFFRACTION' ? 
r_mcangle_it                 2.710  2.000  ? 1514 'X-RAY DIFFRACTION' ? 
r_scbond_it                  3.477  3.000  ? 611  'X-RAY DIFFRACTION' ? 
r_scangle_it                 5.568  4.500  ? 581  'X-RAY DIFFRACTION' ? 
r_rigid_bond_restr           ?      ?      ? ?    'X-RAY DIFFRACTION' ? 
r_sphericity_free            ?      ?      ? ?    'X-RAY DIFFRACTION' ? 
r_sphericity_bonded          ?      ?      ? ?    'X-RAY DIFFRACTION' ? 
# 
_refine_ls_shell.pdbx_total_number_of_bins_used   20 
_refine_ls_shell.d_res_high                       2.00 
_refine_ls_shell.d_res_low                        2.054 
_refine_ls_shell.number_reflns_R_work             872 
_refine_ls_shell.R_factor_R_work                  0.260 
_refine_ls_shell.percent_reflns_obs               77.27 
_refine_ls_shell.R_factor_R_free                  0.357 
_refine_ls_shell.R_factor_R_free_error            ? 
_refine_ls_shell.percent_reflns_R_free            ? 
_refine_ls_shell.number_reflns_R_free             39 
_refine_ls_shell.number_reflns_all                ? 
_refine_ls_shell.R_factor_all                     ? 
_refine_ls_shell.pdbx_refine_id                   'X-RAY DIFFRACTION' 
_refine_ls_shell.redundancy_reflns_obs            ? 
_refine_ls_shell.number_reflns_obs                ? 
# 
_struct.entry_id                  3ETP 
_struct.title                     'The crystal structure of the ligand-binding domain of the EphB2 receptor at 2.0 A resolution' 
_struct.pdbx_model_details        ? 
_struct.pdbx_CASP_flag            ? 
_struct.pdbx_model_type_details   ? 
# 
_struct_keywords.entry_id        3ETP 
_struct_keywords.pdbx_keywords   TRANSFERASE 
_struct_keywords.text            
;Eph receptor, tyrosine kinase, Alternative splicing, ATP-binding, Glycoprotein, Kinase, Membrane, Nucleotide-binding, Phosphoprotein, Receptor, Transferase, Transmembrane, Tyrosine-protein kinase
;
# 
loop_
_struct_asym.id 
_struct_asym.pdbx_blank_PDB_chainid_flag 
_struct_asym.pdbx_modified 
_struct_asym.entity_id 
_struct_asym.details 
A N N 1 ? 
B N N 2 ? 
# 
_struct_ref.id                         1 
_struct_ref.db_name                    UNP 
_struct_ref.db_code                    EPHB2_MOUSE 
_struct_ref.pdbx_db_accession          P54763 
_struct_ref.entity_id                  1 
_struct_ref.pdbx_seq_one_letter_code   
;EETLMDSTTATAELGWMVHPPSGWEEVSGYDENMNTIRTYQVCNVFESSQNNWLRTKFIRRRGAHRIHVEMKFSVRDCSS
IPSVPGSCKETFNLYYYEADFDLATKTFPNWMENPWVKVDTIAADESFSQVDLGGRVMKINTEVRSFGPVSRNGFYLAFQ
DYGGCMSLIAVRVFYRKCPR
;
_struct_ref.pdbx_align_begin           28 
_struct_ref.pdbx_db_isoform            ? 
# 
_struct_ref_seq.align_id                      1 
_struct_ref_seq.ref_id                        1 
_struct_ref_seq.pdbx_PDB_id_code              3ETP 
_struct_ref_seq.pdbx_strand_id                A 
_struct_ref_seq.seq_align_beg                 8 
_struct_ref_seq.pdbx_seq_align_beg_ins_code   ? 
_struct_ref_seq.seq_align_end                 187 
_struct_ref_seq.pdbx_seq_align_end_ins_code   ? 
_struct_ref_seq.pdbx_db_accession             P54763 
_struct_ref_seq.db_align_beg                  28 
_struct_ref_seq.pdbx_db_align_beg_ins_code    ? 
_struct_ref_seq.db_align_end                  207 
_struct_ref_seq.pdbx_db_align_end_ins_code    ? 
_struct_ref_seq.pdbx_auth_seq_align_beg       28 
_struct_ref_seq.pdbx_auth_seq_align_end       207 
# 
loop_
_struct_ref_seq_dif.align_id 
_struct_ref_seq_dif.pdbx_pdb_id_code 
_struct_ref_seq_dif.mon_id 
_struct_ref_seq_dif.pdbx_pdb_strand_id 
_struct_ref_seq_dif.seq_num 
_struct_ref_seq_dif.pdbx_pdb_ins_code 
_struct_ref_seq_dif.pdbx_seq_db_name 
_struct_ref_seq_dif.pdbx_seq_db_accession_code 
_struct_ref_seq_dif.db_mon_id 
_struct_ref_seq_dif.pdbx_seq_db_seq_num 
_struct_ref_seq_dif.details 
_struct_ref_seq_dif.pdbx_auth_seq_num 
_struct_ref_seq_dif.pdbx_ordinal 
1 3ETP ALA A 1   ? UNP P54763 ?   ?   'expression tag' 21  1 
1 3ETP MET A 2   ? UNP P54763 ?   ?   'expression tag' 22  2 
1 3ETP ALA A 3   ? UNP P54763 ?   ?   'expression tag' 23  3 
1 3ETP ILE A 4   ? UNP P54763 ?   ?   'expression tag' 24  4 
1 3ETP SER A 5   ? UNP P54763 ?   ?   'expression tag' 25  5 
1 3ETP ASP A 6   ? UNP P54763 ?   ?   'expression tag' 26  6 
1 3ETP PRO A 7   ? UNP P54763 ?   ?   'expression tag' 27  7 
1 3ETP ILE A 135 ? UNP P54763 PHE 155 'SEE REMARK 999' 155 8 
# 
_pdbx_struct_assembly.id                   1 
_pdbx_struct_assembly.details              author_and_software_defined_assembly 
_pdbx_struct_assembly.method_details       PISA 
_pdbx_struct_assembly.oligomeric_details   monomeric 
_pdbx_struct_assembly.oligomeric_count     1 
# 
_pdbx_struct_assembly_gen.assembly_id       1 
_pdbx_struct_assembly_gen.oper_expression   1 
_pdbx_struct_assembly_gen.asym_id_list      A,B 
# 
_pdbx_struct_oper_list.id                   1 
_pdbx_struct_oper_list.type                 'identity operation' 
_pdbx_struct_oper_list.name                 1_555 
_pdbx_struct_oper_list.symmetry_operation   x,y,z 
_pdbx_struct_oper_list.matrix[1][1]         1.0000000000 
_pdbx_struct_oper_list.matrix[1][2]         0.0000000000 
_pdbx_struct_oper_list.matrix[1][3]         0.0000000000 
_pdbx_struct_oper_list.vector[1]            0.0000000000 
_pdbx_struct_oper_list.matrix[2][1]         0.0000000000 
_pdbx_struct_oper_list.matrix[2][2]         1.0000000000 
_pdbx_struct_oper_list.matrix[2][3]         0.0000000000 
_pdbx_struct_oper_list.vector[2]            0.0000000000 
_pdbx_struct_oper_list.matrix[3][1]         0.0000000000 
_pdbx_struct_oper_list.matrix[3][2]         0.0000000000 
_pdbx_struct_oper_list.matrix[3][3]         1.0000000000 
_pdbx_struct_oper_list.vector[3]            0.0000000000 
# 
loop_
_struct_conf.conf_type_id 
_struct_conf.id 
_struct_conf.pdbx_PDB_helix_id 
_struct_conf.beg_label_comp_id 
_struct_conf.beg_label_asym_id 
_struct_conf.beg_label_seq_id 
_struct_conf.pdbx_beg_PDB_ins_code 
_struct_conf.end_label_comp_id 
_struct_conf.end_label_asym_id 
_struct_conf.end_label_seq_id 
_struct_conf.pdbx_end_PDB_ins_code 
_struct_conf.beg_auth_comp_id 
_struct_conf.beg_auth_asym_id 
_struct_conf.beg_auth_seq_id 
_struct_conf.end_auth_comp_id 
_struct_conf.end_auth_asym_id 
_struct_conf.end_auth_seq_id 
_struct_conf.pdbx_PDB_helix_class 
_struct_conf.details 
_struct_conf.pdbx_PDB_helix_length 
HELX_P HELX_P1 1 THR A 15 ? ALA A 17 ? THR A 35  ALA A 37  5 ? 3 
HELX_P HELX_P2 2 ASP A 84 ? ILE A 88 ? ASP A 104 ILE A 108 5 ? 5 
# 
_struct_conf_type.id          HELX_P 
_struct_conf_type.criteria    ? 
_struct_conf_type.reference   ? 
# 
loop_
_struct_conn.id 
_struct_conn.conn_type_id 
_struct_conn.pdbx_leaving_atom_flag 
_struct_conn.pdbx_PDB_id 
_struct_conn.ptnr1_label_asym_id 
_struct_conn.ptnr1_label_comp_id 
_struct_conn.ptnr1_label_seq_id 
_struct_conn.ptnr1_label_atom_id 
_struct_conn.pdbx_ptnr1_label_alt_id 
_struct_conn.pdbx_ptnr1_PDB_ins_code 
_struct_conn.pdbx_ptnr1_standard_comp_id 
_struct_conn.ptnr1_symmetry 
_struct_conn.ptnr2_label_asym_id 
_struct_conn.ptnr2_label_comp_id 
_struct_conn.ptnr2_label_seq_id 
_struct_conn.ptnr2_label_atom_id 
_struct_conn.pdbx_ptnr2_label_alt_id 
_struct_conn.pdbx_ptnr2_PDB_ins_code 
_struct_conn.ptnr1_auth_asym_id 
_struct_conn.ptnr1_auth_comp_id 
_struct_conn.ptnr1_auth_seq_id 
_struct_conn.ptnr2_auth_asym_id 
_struct_conn.ptnr2_auth_comp_id 
_struct_conn.ptnr2_auth_seq_id 
_struct_conn.ptnr2_symmetry 
_struct_conn.pdbx_ptnr3_label_atom_id 
_struct_conn.pdbx_ptnr3_label_seq_id 
_struct_conn.pdbx_ptnr3_label_comp_id 
_struct_conn.pdbx_ptnr3_label_asym_id 
_struct_conn.pdbx_ptnr3_label_alt_id 
_struct_conn.pdbx_ptnr3_PDB_ins_code 
_struct_conn.details 
_struct_conn.pdbx_dist_value 
_struct_conn.pdbx_value_order 
_struct_conn.pdbx_role 
disulf1 disulf ? ? A CYS 50 SG ? ? ? 1_555 A CYS 172 SG ? ? A CYS 70  A CYS 192 1_555 ? ? ? ? ? ? ? 2.112 ? ? 
disulf2 disulf ? ? A CYS 85 SG ? ? ? 1_555 A CYS 95  SG ? ? A CYS 105 A CYS 115 1_555 ? ? ? ? ? ? ? 2.196 ? ? 
# 
_struct_conn_type.id          disulf 
_struct_conn_type.criteria    ? 
_struct_conn_type.reference   ? 
# 
loop_
_pdbx_modification_feature.ordinal 
_pdbx_modification_feature.label_comp_id 
_pdbx_modification_feature.label_asym_id 
_pdbx_modification_feature.label_seq_id 
_pdbx_modification_feature.label_alt_id 
_pdbx_modification_feature.modified_residue_label_comp_id 
_pdbx_modification_feature.modified_residue_label_asym_id 
_pdbx_modification_feature.modified_residue_label_seq_id 
_pdbx_modification_feature.modified_residue_label_alt_id 
_pdbx_modification_feature.auth_comp_id 
_pdbx_modification_feature.auth_asym_id 
_pdbx_modification_feature.auth_seq_id 
_pdbx_modification_feature.PDB_ins_code 
_pdbx_modification_feature.symmetry 
_pdbx_modification_feature.modified_residue_auth_comp_id 
_pdbx_modification_feature.modified_residue_auth_asym_id 
_pdbx_modification_feature.modified_residue_auth_seq_id 
_pdbx_modification_feature.modified_residue_PDB_ins_code 
_pdbx_modification_feature.modified_residue_symmetry 
_pdbx_modification_feature.comp_id_linking_atom 
_pdbx_modification_feature.modified_residue_id_linking_atom 
_pdbx_modification_feature.modified_residue_id 
_pdbx_modification_feature.ref_pcm_id 
_pdbx_modification_feature.ref_comp_id 
_pdbx_modification_feature.type 
_pdbx_modification_feature.category 
1 CYS A 50 ? CYS A 172 ? CYS A 70  ? 1_555 CYS A 192 ? 1_555 SG SG . . . None 'Disulfide bridge' 
2 CYS A 85 ? CYS A 95  ? CYS A 105 ? 1_555 CYS A 115 ? 1_555 SG SG . . . None 'Disulfide bridge' 
# 
loop_
_struct_mon_prot_cis.pdbx_id 
_struct_mon_prot_cis.label_comp_id 
_struct_mon_prot_cis.label_seq_id 
_struct_mon_prot_cis.label_asym_id 
_struct_mon_prot_cis.label_alt_id 
_struct_mon_prot_cis.pdbx_PDB_ins_code 
_struct_mon_prot_cis.auth_comp_id 
_struct_mon_prot_cis.auth_seq_id 
_struct_mon_prot_cis.auth_asym_id 
_struct_mon_prot_cis.pdbx_label_comp_id_2 
_struct_mon_prot_cis.pdbx_label_seq_id_2 
_struct_mon_prot_cis.pdbx_label_asym_id_2 
_struct_mon_prot_cis.pdbx_PDB_ins_code_2 
_struct_mon_prot_cis.pdbx_auth_comp_id_2 
_struct_mon_prot_cis.pdbx_auth_seq_id_2 
_struct_mon_prot_cis.pdbx_auth_asym_id_2 
_struct_mon_prot_cis.pdbx_PDB_model_num 
_struct_mon_prot_cis.pdbx_omega_angle 
1 HIS 26  A . ? HIS 46  A PRO 27  A ? PRO 47  A 1 1.03  
2 PHE 115 A . ? PHE 135 A PRO 116 A ? PRO 136 A 1 -1.68 
3 ASN 121 A . ? ASN 141 A PRO 122 A ? PRO 142 A 1 20.53 
4 GLY 155 A . ? GLY 175 A PRO 156 A ? PRO 176 A 1 0.72  
# 
loop_
_struct_sheet.id 
_struct_sheet.type 
_struct_sheet.number_strands 
_struct_sheet.details 
A ? 4 ? 
B ? 5 ? 
C ? 4 ? 
D ? 5 ? 
# 
loop_
_struct_sheet_order.sheet_id 
_struct_sheet_order.range_id_1 
_struct_sheet_order.range_id_2 
_struct_sheet_order.offset 
_struct_sheet_order.sense 
A 1 2 ? anti-parallel 
A 2 3 ? anti-parallel 
A 3 4 ? anti-parallel 
B 1 2 ? anti-parallel 
B 2 3 ? anti-parallel 
B 3 4 ? anti-parallel 
B 4 5 ? anti-parallel 
C 1 2 ? anti-parallel 
C 2 3 ? anti-parallel 
C 3 4 ? anti-parallel 
D 1 2 ? anti-parallel 
D 2 3 ? anti-parallel 
D 3 4 ? anti-parallel 
D 4 5 ? anti-parallel 
# 
loop_
_struct_sheet_range.sheet_id 
_struct_sheet_range.id 
_struct_sheet_range.beg_label_comp_id 
_struct_sheet_range.beg_label_asym_id 
_struct_sheet_range.beg_label_seq_id 
_struct_sheet_range.pdbx_beg_PDB_ins_code 
_struct_sheet_range.end_label_comp_id 
_struct_sheet_range.end_label_asym_id 
_struct_sheet_range.end_label_seq_id 
_struct_sheet_range.pdbx_end_PDB_ins_code 
_struct_sheet_range.beg_auth_comp_id 
_struct_sheet_range.beg_auth_asym_id 
_struct_sheet_range.beg_auth_seq_id 
_struct_sheet_range.end_auth_comp_id 
_struct_sheet_range.end_auth_asym_id 
_struct_sheet_range.end_auth_seq_id 
A 1 GLU A 8   ? ASP A 13  ? GLU A 28  ASP A 33  
A 2 MET A 173 ? ARG A 183 ? MET A 193 ARG A 203 
A 3 THR A 43  ? VAL A 49  ? THR A 63  VAL A 69  
A 4 GLU A 32  ? TYR A 37  ? GLU A 52  TYR A 57  
B 1 GLU A 8   ? ASP A 13  ? GLU A 28  ASP A 33  
B 2 MET A 173 ? ARG A 183 ? MET A 193 ARG A 203 
B 3 ILE A 74  ? VAL A 82  ? ILE A 94  VAL A 102 
B 4 ARG A 143 ? PHE A 154 ? ARG A 163 PHE A 174 
B 5 ILE A 135 ? LEU A 140 ? ILE A 155 LEU A 160 
C 1 MET A 24  ? HIS A 26  ? MET A 44  HIS A 46  
C 2 ASN A 59  ? ARG A 62  ? ASN A 79  ARG A 82  
C 3 GLY A 161 ? ASP A 168 ? GLY A 181 ASP A 188 
C 4 ILE A 66  ? ARG A 67  ? ILE A 86  ARG A 87  
D 1 MET A 24  ? HIS A 26  ? MET A 44  HIS A 46  
D 2 ASN A 59  ? ARG A 62  ? ASN A 79  ARG A 82  
D 3 GLY A 161 ? ASP A 168 ? GLY A 181 ASP A 188 
D 4 THR A 98  ? ALA A 106 ? THR A 118 ALA A 126 
D 5 VAL A 124 ? ALA A 130 ? VAL A 144 ALA A 150 
# 
loop_
_pdbx_struct_sheet_hbond.sheet_id 
_pdbx_struct_sheet_hbond.range_id_1 
_pdbx_struct_sheet_hbond.range_id_2 
_pdbx_struct_sheet_hbond.range_1_label_atom_id 
_pdbx_struct_sheet_hbond.range_1_label_comp_id 
_pdbx_struct_sheet_hbond.range_1_label_asym_id 
_pdbx_struct_sheet_hbond.range_1_label_seq_id 
_pdbx_struct_sheet_hbond.range_1_PDB_ins_code 
_pdbx_struct_sheet_hbond.range_1_auth_atom_id 
_pdbx_struct_sheet_hbond.range_1_auth_comp_id 
_pdbx_struct_sheet_hbond.range_1_auth_asym_id 
_pdbx_struct_sheet_hbond.range_1_auth_seq_id 
_pdbx_struct_sheet_hbond.range_2_label_atom_id 
_pdbx_struct_sheet_hbond.range_2_label_comp_id 
_pdbx_struct_sheet_hbond.range_2_label_asym_id 
_pdbx_struct_sheet_hbond.range_2_label_seq_id 
_pdbx_struct_sheet_hbond.range_2_PDB_ins_code 
_pdbx_struct_sheet_hbond.range_2_auth_atom_id 
_pdbx_struct_sheet_hbond.range_2_auth_comp_id 
_pdbx_struct_sheet_hbond.range_2_auth_asym_id 
_pdbx_struct_sheet_hbond.range_2_auth_seq_id 
A 1 2 N LEU A 11  ? N LEU A 31  O VAL A 180 ? O VAL A 200 
A 2 3 O LEU A 175 ? O LEU A 195 N TYR A 47  ? N TYR A 67  
A 3 4 O THR A 46  ? O THR A 66  N VAL A 34  ? N VAL A 54  
B 1 2 N LEU A 11  ? N LEU A 31  O VAL A 180 ? O VAL A 200 
B 2 3 O ARG A 179 ? O ARG A 199 N GLU A 77  ? N GLU A 97  
B 3 4 N VAL A 76  ? N VAL A 96  O ARG A 152 ? O ARG A 172 
B 4 5 O ILE A 147 ? O ILE A 167 N SER A 136 ? N SER A 156 
C 1 2 N HIS A 26  ? N HIS A 46  O TRP A 60  ? O TRP A 80  
C 2 3 N ASN A 59  ? N ASN A 79  O ASP A 168 ? O ASP A 188 
C 3 4 O PHE A 162 ? O PHE A 182 N ILE A 66  ? N ILE A 86  
D 1 2 N HIS A 26  ? N HIS A 46  O TRP A 60  ? O TRP A 80  
D 2 3 N ASN A 59  ? N ASN A 79  O ASP A 168 ? O ASP A 188 
D 3 4 O ALA A 165 ? O ALA A 185 N TYR A 102 ? N TYR A 122 
D 4 5 N PHE A 99  ? N PHE A 119 O ILE A 129 ? O ILE A 149 
# 
_pdbx_entry_details.entry_id                   3ETP 
_pdbx_entry_details.sequence_details           
;ACCORDING TO THE AUTHORS, THE ELECTRON DENSITY 
OF THIS WELL ORDERED RESIDUE DOES NOT FIT PHE.
IT IS PROBABLY A CLONING ARTEFACT. THE ORIGINAL 
PLASMID WAS SEQUENCED AND HAD EITHER TTC (PHE) 
OR ATC (ILE) AT THIS POSITION.
;
_pdbx_entry_details.compound_details           ? 
_pdbx_entry_details.source_details             ? 
_pdbx_entry_details.nonpolymer_details         ? 
_pdbx_entry_details.has_ligand_of_interest     ? 
_pdbx_entry_details.has_protein_modification   Y 
# 
_pdbx_validate_close_contact.id               1 
_pdbx_validate_close_contact.PDB_model_num    1 
_pdbx_validate_close_contact.auth_atom_id_1   O 
_pdbx_validate_close_contact.auth_asym_id_1   A 
_pdbx_validate_close_contact.auth_comp_id_1   HOH 
_pdbx_validate_close_contact.auth_seq_id_1    213 
_pdbx_validate_close_contact.PDB_ins_code_1   ? 
_pdbx_validate_close_contact.label_alt_id_1   ? 
_pdbx_validate_close_contact.auth_atom_id_2   O 
_pdbx_validate_close_contact.auth_asym_id_2   A 
_pdbx_validate_close_contact.auth_comp_id_2   HOH 
_pdbx_validate_close_contact.auth_seq_id_2    369 
_pdbx_validate_close_contact.PDB_ins_code_2   ? 
_pdbx_validate_close_contact.label_alt_id_2   ? 
_pdbx_validate_close_contact.dist             1.95 
# 
loop_
_pdbx_validate_torsion.id 
_pdbx_validate_torsion.PDB_model_num 
_pdbx_validate_torsion.auth_comp_id 
_pdbx_validate_torsion.auth_asym_id 
_pdbx_validate_torsion.auth_seq_id 
_pdbx_validate_torsion.PDB_ins_code 
_pdbx_validate_torsion.label_alt_id 
_pdbx_validate_torsion.phi 
_pdbx_validate_torsion.psi 
1 1 ASP A 58  ? ? -86.24  -159.78 
2 1 CYS A 70  ? ? -152.65 57.09   
3 1 ASN A 71  ? ? -93.88  53.45   
4 1 ASN A 78  ? ? -155.81 80.69   
5 1 ARG A 89  ? ? 39.47   52.35   
6 1 ASN A 141 ? ? 60.25   88.65   
7 1 SER A 156 ? ? -114.20 -164.41 
# 
loop_
_chem_comp_atom.comp_id 
_chem_comp_atom.atom_id 
_chem_comp_atom.type_symbol 
_chem_comp_atom.pdbx_aromatic_flag 
_chem_comp_atom.pdbx_stereo_config 
_chem_comp_atom.pdbx_ordinal 
ALA N    N N N 1   
ALA CA   C N S 2   
ALA C    C N N 3   
ALA O    O N N 4   
ALA CB   C N N 5   
ALA OXT  O N N 6   
ALA H    H N N 7   
ALA H2   H N N 8   
ALA HA   H N N 9   
ALA HB1  H N N 10  
ALA HB2  H N N 11  
ALA HB3  H N N 12  
ALA HXT  H N N 13  
ARG N    N N N 14  
ARG CA   C N S 15  
ARG C    C N N 16  
ARG O    O N N 17  
ARG CB   C N N 18  
ARG CG   C N N 19  
ARG CD   C N N 20  
ARG NE   N N N 21  
ARG CZ   C N N 22  
ARG NH1  N N N 23  
ARG NH2  N N N 24  
ARG OXT  O N N 25  
ARG H    H N N 26  
ARG H2   H N N 27  
ARG HA   H N N 28  
ARG HB2  H N N 29  
ARG HB3  H N N 30  
ARG HG2  H N N 31  
ARG HG3  H N N 32  
ARG HD2  H N N 33  
ARG HD3  H N N 34  
ARG HE   H N N 35  
ARG HH11 H N N 36  
ARG HH12 H N N 37  
ARG HH21 H N N 38  
ARG HH22 H N N 39  
ARG HXT  H N N 40  
ASN N    N N N 41  
ASN CA   C N S 42  
ASN C    C N N 43  
ASN O    O N N 44  
ASN CB   C N N 45  
ASN CG   C N N 46  
ASN OD1  O N N 47  
ASN ND2  N N N 48  
ASN OXT  O N N 49  
ASN H    H N N 50  
ASN H2   H N N 51  
ASN HA   H N N 52  
ASN HB2  H N N 53  
ASN HB3  H N N 54  
ASN HD21 H N N 55  
ASN HD22 H N N 56  
ASN HXT  H N N 57  
ASP N    N N N 58  
ASP CA   C N S 59  
ASP C    C N N 60  
ASP O    O N N 61  
ASP CB   C N N 62  
ASP CG   C N N 63  
ASP OD1  O N N 64  
ASP OD2  O N N 65  
ASP OXT  O N N 66  
ASP H    H N N 67  
ASP H2   H N N 68  
ASP HA   H N N 69  
ASP HB2  H N N 70  
ASP HB3  H N N 71  
ASP HD2  H N N 72  
ASP HXT  H N N 73  
CYS N    N N N 74  
CYS CA   C N R 75  
CYS C    C N N 76  
CYS O    O N N 77  
CYS CB   C N N 78  
CYS SG   S N N 79  
CYS OXT  O N N 80  
CYS H    H N N 81  
CYS H2   H N N 82  
CYS HA   H N N 83  
CYS HB2  H N N 84  
CYS HB3  H N N 85  
CYS HG   H N N 86  
CYS HXT  H N N 87  
GLN N    N N N 88  
GLN CA   C N S 89  
GLN C    C N N 90  
GLN O    O N N 91  
GLN CB   C N N 92  
GLN CG   C N N 93  
GLN CD   C N N 94  
GLN OE1  O N N 95  
GLN NE2  N N N 96  
GLN OXT  O N N 97  
GLN H    H N N 98  
GLN H2   H N N 99  
GLN HA   H N N 100 
GLN HB2  H N N 101 
GLN HB3  H N N 102 
GLN HG2  H N N 103 
GLN HG3  H N N 104 
GLN HE21 H N N 105 
GLN HE22 H N N 106 
GLN HXT  H N N 107 
GLU N    N N N 108 
GLU CA   C N S 109 
GLU C    C N N 110 
GLU O    O N N 111 
GLU CB   C N N 112 
GLU CG   C N N 113 
GLU CD   C N N 114 
GLU OE1  O N N 115 
GLU OE2  O N N 116 
GLU OXT  O N N 117 
GLU H    H N N 118 
GLU H2   H N N 119 
GLU HA   H N N 120 
GLU HB2  H N N 121 
GLU HB3  H N N 122 
GLU HG2  H N N 123 
GLU HG3  H N N 124 
GLU HE2  H N N 125 
GLU HXT  H N N 126 
GLY N    N N N 127 
GLY CA   C N N 128 
GLY C    C N N 129 
GLY O    O N N 130 
GLY OXT  O N N 131 
GLY H    H N N 132 
GLY H2   H N N 133 
GLY HA2  H N N 134 
GLY HA3  H N N 135 
GLY HXT  H N N 136 
HIS N    N N N 137 
HIS CA   C N S 138 
HIS C    C N N 139 
HIS O    O N N 140 
HIS CB   C N N 141 
HIS CG   C Y N 142 
HIS ND1  N Y N 143 
HIS CD2  C Y N 144 
HIS CE1  C Y N 145 
HIS NE2  N Y N 146 
HIS OXT  O N N 147 
HIS H    H N N 148 
HIS H2   H N N 149 
HIS HA   H N N 150 
HIS HB2  H N N 151 
HIS HB3  H N N 152 
HIS HD1  H N N 153 
HIS HD2  H N N 154 
HIS HE1  H N N 155 
HIS HE2  H N N 156 
HIS HXT  H N N 157 
HOH O    O N N 158 
HOH H1   H N N 159 
HOH H2   H N N 160 
ILE N    N N N 161 
ILE CA   C N S 162 
ILE C    C N N 163 
ILE O    O N N 164 
ILE CB   C N S 165 
ILE CG1  C N N 166 
ILE CG2  C N N 167 
ILE CD1  C N N 168 
ILE OXT  O N N 169 
ILE H    H N N 170 
ILE H2   H N N 171 
ILE HA   H N N 172 
ILE HB   H N N 173 
ILE HG12 H N N 174 
ILE HG13 H N N 175 
ILE HG21 H N N 176 
ILE HG22 H N N 177 
ILE HG23 H N N 178 
ILE HD11 H N N 179 
ILE HD12 H N N 180 
ILE HD13 H N N 181 
ILE HXT  H N N 182 
LEU N    N N N 183 
LEU CA   C N S 184 
LEU C    C N N 185 
LEU O    O N N 186 
LEU CB   C N N 187 
LEU CG   C N N 188 
LEU CD1  C N N 189 
LEU CD2  C N N 190 
LEU OXT  O N N 191 
LEU H    H N N 192 
LEU H2   H N N 193 
LEU HA   H N N 194 
LEU HB2  H N N 195 
LEU HB3  H N N 196 
LEU HG   H N N 197 
LEU HD11 H N N 198 
LEU HD12 H N N 199 
LEU HD13 H N N 200 
LEU HD21 H N N 201 
LEU HD22 H N N 202 
LEU HD23 H N N 203 
LEU HXT  H N N 204 
LYS N    N N N 205 
LYS CA   C N S 206 
LYS C    C N N 207 
LYS O    O N N 208 
LYS CB   C N N 209 
LYS CG   C N N 210 
LYS CD   C N N 211 
LYS CE   C N N 212 
LYS NZ   N N N 213 
LYS OXT  O N N 214 
LYS H    H N N 215 
LYS H2   H N N 216 
LYS HA   H N N 217 
LYS HB2  H N N 218 
LYS HB3  H N N 219 
LYS HG2  H N N 220 
LYS HG3  H N N 221 
LYS HD2  H N N 222 
LYS HD3  H N N 223 
LYS HE2  H N N 224 
LYS HE3  H N N 225 
LYS HZ1  H N N 226 
LYS HZ2  H N N 227 
LYS HZ3  H N N 228 
LYS HXT  H N N 229 
MET N    N N N 230 
MET CA   C N S 231 
MET C    C N N 232 
MET O    O N N 233 
MET CB   C N N 234 
MET CG   C N N 235 
MET SD   S N N 236 
MET CE   C N N 237 
MET OXT  O N N 238 
MET H    H N N 239 
MET H2   H N N 240 
MET HA   H N N 241 
MET HB2  H N N 242 
MET HB3  H N N 243 
MET HG2  H N N 244 
MET HG3  H N N 245 
MET HE1  H N N 246 
MET HE2  H N N 247 
MET HE3  H N N 248 
MET HXT  H N N 249 
PHE N    N N N 250 
PHE CA   C N S 251 
PHE C    C N N 252 
PHE O    O N N 253 
PHE CB   C N N 254 
PHE CG   C Y N 255 
PHE CD1  C Y N 256 
PHE CD2  C Y N 257 
PHE CE1  C Y N 258 
PHE CE2  C Y N 259 
PHE CZ   C Y N 260 
PHE OXT  O N N 261 
PHE H    H N N 262 
PHE H2   H N N 263 
PHE HA   H N N 264 
PHE HB2  H N N 265 
PHE HB3  H N N 266 
PHE HD1  H N N 267 
PHE HD2  H N N 268 
PHE HE1  H N N 269 
PHE HE2  H N N 270 
PHE HZ   H N N 271 
PHE HXT  H N N 272 
PRO N    N N N 273 
PRO CA   C N S 274 
PRO C    C N N 275 
PRO O    O N N 276 
PRO CB   C N N 277 
PRO CG   C N N 278 
PRO CD   C N N 279 
PRO OXT  O N N 280 
PRO H    H N N 281 
PRO HA   H N N 282 
PRO HB2  H N N 283 
PRO HB3  H N N 284 
PRO HG2  H N N 285 
PRO HG3  H N N 286 
PRO HD2  H N N 287 
PRO HD3  H N N 288 
PRO HXT  H N N 289 
SER N    N N N 290 
SER CA   C N S 291 
SER C    C N N 292 
SER O    O N N 293 
SER CB   C N N 294 
SER OG   O N N 295 
SER OXT  O N N 296 
SER H    H N N 297 
SER H2   H N N 298 
SER HA   H N N 299 
SER HB2  H N N 300 
SER HB3  H N N 301 
SER HG   H N N 302 
SER HXT  H N N 303 
THR N    N N N 304 
THR CA   C N S 305 
THR C    C N N 306 
THR O    O N N 307 
THR CB   C N R 308 
THR OG1  O N N 309 
THR CG2  C N N 310 
THR OXT  O N N 311 
THR H    H N N 312 
THR H2   H N N 313 
THR HA   H N N 314 
THR HB   H N N 315 
THR HG1  H N N 316 
THR HG21 H N N 317 
THR HG22 H N N 318 
THR HG23 H N N 319 
THR HXT  H N N 320 
TRP N    N N N 321 
TRP CA   C N S 322 
TRP C    C N N 323 
TRP O    O N N 324 
TRP CB   C N N 325 
TRP CG   C Y N 326 
TRP CD1  C Y N 327 
TRP CD2  C Y N 328 
TRP NE1  N Y N 329 
TRP CE2  C Y N 330 
TRP CE3  C Y N 331 
TRP CZ2  C Y N 332 
TRP CZ3  C Y N 333 
TRP CH2  C Y N 334 
TRP OXT  O N N 335 
TRP H    H N N 336 
TRP H2   H N N 337 
TRP HA   H N N 338 
TRP HB2  H N N 339 
TRP HB3  H N N 340 
TRP HD1  H N N 341 
TRP HE1  H N N 342 
TRP HE3  H N N 343 
TRP HZ2  H N N 344 
TRP HZ3  H N N 345 
TRP HH2  H N N 346 
TRP HXT  H N N 347 
TYR N    N N N 348 
TYR CA   C N S 349 
TYR C    C N N 350 
TYR O    O N N 351 
TYR CB   C N N 352 
TYR CG   C Y N 353 
TYR CD1  C Y N 354 
TYR CD2  C Y N 355 
TYR CE1  C Y N 356 
TYR CE2  C Y N 357 
TYR CZ   C Y N 358 
TYR OH   O N N 359 
TYR OXT  O N N 360 
TYR H    H N N 361 
TYR H2   H N N 362 
TYR HA   H N N 363 
TYR HB2  H N N 364 
TYR HB3  H N N 365 
TYR HD1  H N N 366 
TYR HD2  H N N 367 
TYR HE1  H N N 368 
TYR HE2  H N N 369 
TYR HH   H N N 370 
TYR HXT  H N N 371 
VAL N    N N N 372 
VAL CA   C N S 373 
VAL C    C N N 374 
VAL O    O N N 375 
VAL CB   C N N 376 
VAL CG1  C N N 377 
VAL CG2  C N N 378 
VAL OXT  O N N 379 
VAL H    H N N 380 
VAL H2   H N N 381 
VAL HA   H N N 382 
VAL HB   H N N 383 
VAL HG11 H N N 384 
VAL HG12 H N N 385 
VAL HG13 H N N 386 
VAL HG21 H N N 387 
VAL HG22 H N N 388 
VAL HG23 H N N 389 
VAL HXT  H N N 390 
# 
loop_
_chem_comp_bond.comp_id 
_chem_comp_bond.atom_id_1 
_chem_comp_bond.atom_id_2 
_chem_comp_bond.value_order 
_chem_comp_bond.pdbx_aromatic_flag 
_chem_comp_bond.pdbx_stereo_config 
_chem_comp_bond.pdbx_ordinal 
ALA N   CA   sing N N 1   
ALA N   H    sing N N 2   
ALA N   H2   sing N N 3   
ALA CA  C    sing N N 4   
ALA CA  CB   sing N N 5   
ALA CA  HA   sing N N 6   
ALA C   O    doub N N 7   
ALA C   OXT  sing N N 8   
ALA CB  HB1  sing N N 9   
ALA CB  HB2  sing N N 10  
ALA CB  HB3  sing N N 11  
ALA OXT HXT  sing N N 12  
ARG N   CA   sing N N 13  
ARG N   H    sing N N 14  
ARG N   H2   sing N N 15  
ARG CA  C    sing N N 16  
ARG CA  CB   sing N N 17  
ARG CA  HA   sing N N 18  
ARG C   O    doub N N 19  
ARG C   OXT  sing N N 20  
ARG CB  CG   sing N N 21  
ARG CB  HB2  sing N N 22  
ARG CB  HB3  sing N N 23  
ARG CG  CD   sing N N 24  
ARG CG  HG2  sing N N 25  
ARG CG  HG3  sing N N 26  
ARG CD  NE   sing N N 27  
ARG CD  HD2  sing N N 28  
ARG CD  HD3  sing N N 29  
ARG NE  CZ   sing N N 30  
ARG NE  HE   sing N N 31  
ARG CZ  NH1  sing N N 32  
ARG CZ  NH2  doub N N 33  
ARG NH1 HH11 sing N N 34  
ARG NH1 HH12 sing N N 35  
ARG NH2 HH21 sing N N 36  
ARG NH2 HH22 sing N N 37  
ARG OXT HXT  sing N N 38  
ASN N   CA   sing N N 39  
ASN N   H    sing N N 40  
ASN N   H2   sing N N 41  
ASN CA  C    sing N N 42  
ASN CA  CB   sing N N 43  
ASN CA  HA   sing N N 44  
ASN C   O    doub N N 45  
ASN C   OXT  sing N N 46  
ASN CB  CG   sing N N 47  
ASN CB  HB2  sing N N 48  
ASN CB  HB3  sing N N 49  
ASN CG  OD1  doub N N 50  
ASN CG  ND2  sing N N 51  
ASN ND2 HD21 sing N N 52  
ASN ND2 HD22 sing N N 53  
ASN OXT HXT  sing N N 54  
ASP N   CA   sing N N 55  
ASP N   H    sing N N 56  
ASP N   H2   sing N N 57  
ASP CA  C    sing N N 58  
ASP CA  CB   sing N N 59  
ASP CA  HA   sing N N 60  
ASP C   O    doub N N 61  
ASP C   OXT  sing N N 62  
ASP CB  CG   sing N N 63  
ASP CB  HB2  sing N N 64  
ASP CB  HB3  sing N N 65  
ASP CG  OD1  doub N N 66  
ASP CG  OD2  sing N N 67  
ASP OD2 HD2  sing N N 68  
ASP OXT HXT  sing N N 69  
CYS N   CA   sing N N 70  
CYS N   H    sing N N 71  
CYS N   H2   sing N N 72  
CYS CA  C    sing N N 73  
CYS CA  CB   sing N N 74  
CYS CA  HA   sing N N 75  
CYS C   O    doub N N 76  
CYS C   OXT  sing N N 77  
CYS CB  SG   sing N N 78  
CYS CB  HB2  sing N N 79  
CYS CB  HB3  sing N N 80  
CYS SG  HG   sing N N 81  
CYS OXT HXT  sing N N 82  
GLN N   CA   sing N N 83  
GLN N   H    sing N N 84  
GLN N   H2   sing N N 85  
GLN CA  C    sing N N 86  
GLN CA  CB   sing N N 87  
GLN CA  HA   sing N N 88  
GLN C   O    doub N N 89  
GLN C   OXT  sing N N 90  
GLN CB  CG   sing N N 91  
GLN CB  HB2  sing N N 92  
GLN CB  HB3  sing N N 93  
GLN CG  CD   sing N N 94  
GLN CG  HG2  sing N N 95  
GLN CG  HG3  sing N N 96  
GLN CD  OE1  doub N N 97  
GLN CD  NE2  sing N N 98  
GLN NE2 HE21 sing N N 99  
GLN NE2 HE22 sing N N 100 
GLN OXT HXT  sing N N 101 
GLU N   CA   sing N N 102 
GLU N   H    sing N N 103 
GLU N   H2   sing N N 104 
GLU CA  C    sing N N 105 
GLU CA  CB   sing N N 106 
GLU CA  HA   sing N N 107 
GLU C   O    doub N N 108 
GLU C   OXT  sing N N 109 
GLU CB  CG   sing N N 110 
GLU CB  HB2  sing N N 111 
GLU CB  HB3  sing N N 112 
GLU CG  CD   sing N N 113 
GLU CG  HG2  sing N N 114 
GLU CG  HG3  sing N N 115 
GLU CD  OE1  doub N N 116 
GLU CD  OE2  sing N N 117 
GLU OE2 HE2  sing N N 118 
GLU OXT HXT  sing N N 119 
GLY N   CA   sing N N 120 
GLY N   H    sing N N 121 
GLY N   H2   sing N N 122 
GLY CA  C    sing N N 123 
GLY CA  HA2  sing N N 124 
GLY CA  HA3  sing N N 125 
GLY C   O    doub N N 126 
GLY C   OXT  sing N N 127 
GLY OXT HXT  sing N N 128 
HIS N   CA   sing N N 129 
HIS N   H    sing N N 130 
HIS N   H2   sing N N 131 
HIS CA  C    sing N N 132 
HIS CA  CB   sing N N 133 
HIS CA  HA   sing N N 134 
HIS C   O    doub N N 135 
HIS C   OXT  sing N N 136 
HIS CB  CG   sing N N 137 
HIS CB  HB2  sing N N 138 
HIS CB  HB3  sing N N 139 
HIS CG  ND1  sing Y N 140 
HIS CG  CD2  doub Y N 141 
HIS ND1 CE1  doub Y N 142 
HIS ND1 HD1  sing N N 143 
HIS CD2 NE2  sing Y N 144 
HIS CD2 HD2  sing N N 145 
HIS CE1 NE2  sing Y N 146 
HIS CE1 HE1  sing N N 147 
HIS NE2 HE2  sing N N 148 
HIS OXT HXT  sing N N 149 
HOH O   H1   sing N N 150 
HOH O   H2   sing N N 151 
ILE N   CA   sing N N 152 
ILE N   H    sing N N 153 
ILE N   H2   sing N N 154 
ILE CA  C    sing N N 155 
ILE CA  CB   sing N N 156 
ILE CA  HA   sing N N 157 
ILE C   O    doub N N 158 
ILE C   OXT  sing N N 159 
ILE CB  CG1  sing N N 160 
ILE CB  CG2  sing N N 161 
ILE CB  HB   sing N N 162 
ILE CG1 CD1  sing N N 163 
ILE CG1 HG12 sing N N 164 
ILE CG1 HG13 sing N N 165 
ILE CG2 HG21 sing N N 166 
ILE CG2 HG22 sing N N 167 
ILE CG2 HG23 sing N N 168 
ILE CD1 HD11 sing N N 169 
ILE CD1 HD12 sing N N 170 
ILE CD1 HD13 sing N N 171 
ILE OXT HXT  sing N N 172 
LEU N   CA   sing N N 173 
LEU N   H    sing N N 174 
LEU N   H2   sing N N 175 
LEU CA  C    sing N N 176 
LEU CA  CB   sing N N 177 
LEU CA  HA   sing N N 178 
LEU C   O    doub N N 179 
LEU C   OXT  sing N N 180 
LEU CB  CG   sing N N 181 
LEU CB  HB2  sing N N 182 
LEU CB  HB3  sing N N 183 
LEU CG  CD1  sing N N 184 
LEU CG  CD2  sing N N 185 
LEU CG  HG   sing N N 186 
LEU CD1 HD11 sing N N 187 
LEU CD1 HD12 sing N N 188 
LEU CD1 HD13 sing N N 189 
LEU CD2 HD21 sing N N 190 
LEU CD2 HD22 sing N N 191 
LEU CD2 HD23 sing N N 192 
LEU OXT HXT  sing N N 193 
LYS N   CA   sing N N 194 
LYS N   H    sing N N 195 
LYS N   H2   sing N N 196 
LYS CA  C    sing N N 197 
LYS CA  CB   sing N N 198 
LYS CA  HA   sing N N 199 
LYS C   O    doub N N 200 
LYS C   OXT  sing N N 201 
LYS CB  CG   sing N N 202 
LYS CB  HB2  sing N N 203 
LYS CB  HB3  sing N N 204 
LYS CG  CD   sing N N 205 
LYS CG  HG2  sing N N 206 
LYS CG  HG3  sing N N 207 
LYS CD  CE   sing N N 208 
LYS CD  HD2  sing N N 209 
LYS CD  HD3  sing N N 210 
LYS CE  NZ   sing N N 211 
LYS CE  HE2  sing N N 212 
LYS CE  HE3  sing N N 213 
LYS NZ  HZ1  sing N N 214 
LYS NZ  HZ2  sing N N 215 
LYS NZ  HZ3  sing N N 216 
LYS OXT HXT  sing N N 217 
MET N   CA   sing N N 218 
MET N   H    sing N N 219 
MET N   H2   sing N N 220 
MET CA  C    sing N N 221 
MET CA  CB   sing N N 222 
MET CA  HA   sing N N 223 
MET C   O    doub N N 224 
MET C   OXT  sing N N 225 
MET CB  CG   sing N N 226 
MET CB  HB2  sing N N 227 
MET CB  HB3  sing N N 228 
MET CG  SD   sing N N 229 
MET CG  HG2  sing N N 230 
MET CG  HG3  sing N N 231 
MET SD  CE   sing N N 232 
MET CE  HE1  sing N N 233 
MET CE  HE2  sing N N 234 
MET CE  HE3  sing N N 235 
MET OXT HXT  sing N N 236 
PHE N   CA   sing N N 237 
PHE N   H    sing N N 238 
PHE N   H2   sing N N 239 
PHE CA  C    sing N N 240 
PHE CA  CB   sing N N 241 
PHE CA  HA   sing N N 242 
PHE C   O    doub N N 243 
PHE C   OXT  sing N N 244 
PHE CB  CG   sing N N 245 
PHE CB  HB2  sing N N 246 
PHE CB  HB3  sing N N 247 
PHE CG  CD1  doub Y N 248 
PHE CG  CD2  sing Y N 249 
PHE CD1 CE1  sing Y N 250 
PHE CD1 HD1  sing N N 251 
PHE CD2 CE2  doub Y N 252 
PHE CD2 HD2  sing N N 253 
PHE CE1 CZ   doub Y N 254 
PHE CE1 HE1  sing N N 255 
PHE CE2 CZ   sing Y N 256 
PHE CE2 HE2  sing N N 257 
PHE CZ  HZ   sing N N 258 
PHE OXT HXT  sing N N 259 
PRO N   CA   sing N N 260 
PRO N   CD   sing N N 261 
PRO N   H    sing N N 262 
PRO CA  C    sing N N 263 
PRO CA  CB   sing N N 264 
PRO CA  HA   sing N N 265 
PRO C   O    doub N N 266 
PRO C   OXT  sing N N 267 
PRO CB  CG   sing N N 268 
PRO CB  HB2  sing N N 269 
PRO CB  HB3  sing N N 270 
PRO CG  CD   sing N N 271 
PRO CG  HG2  sing N N 272 
PRO CG  HG3  sing N N 273 
PRO CD  HD2  sing N N 274 
PRO CD  HD3  sing N N 275 
PRO OXT HXT  sing N N 276 
SER N   CA   sing N N 277 
SER N   H    sing N N 278 
SER N   H2   sing N N 279 
SER CA  C    sing N N 280 
SER CA  CB   sing N N 281 
SER CA  HA   sing N N 282 
SER C   O    doub N N 283 
SER C   OXT  sing N N 284 
SER CB  OG   sing N N 285 
SER CB  HB2  sing N N 286 
SER CB  HB3  sing N N 287 
SER OG  HG   sing N N 288 
SER OXT HXT  sing N N 289 
THR N   CA   sing N N 290 
THR N   H    sing N N 291 
THR N   H2   sing N N 292 
THR CA  C    sing N N 293 
THR CA  CB   sing N N 294 
THR CA  HA   sing N N 295 
THR C   O    doub N N 296 
THR C   OXT  sing N N 297 
THR CB  OG1  sing N N 298 
THR CB  CG2  sing N N 299 
THR CB  HB   sing N N 300 
THR OG1 HG1  sing N N 301 
THR CG2 HG21 sing N N 302 
THR CG2 HG22 sing N N 303 
THR CG2 HG23 sing N N 304 
THR OXT HXT  sing N N 305 
TRP N   CA   sing N N 306 
TRP N   H    sing N N 307 
TRP N   H2   sing N N 308 
TRP CA  C    sing N N 309 
TRP CA  CB   sing N N 310 
TRP CA  HA   sing N N 311 
TRP C   O    doub N N 312 
TRP C   OXT  sing N N 313 
TRP CB  CG   sing N N 314 
TRP CB  HB2  sing N N 315 
TRP CB  HB3  sing N N 316 
TRP CG  CD1  doub Y N 317 
TRP CG  CD2  sing Y N 318 
TRP CD1 NE1  sing Y N 319 
TRP CD1 HD1  sing N N 320 
TRP CD2 CE2  doub Y N 321 
TRP CD2 CE3  sing Y N 322 
TRP NE1 CE2  sing Y N 323 
TRP NE1 HE1  sing N N 324 
TRP CE2 CZ2  sing Y N 325 
TRP CE3 CZ3  doub Y N 326 
TRP CE3 HE3  sing N N 327 
TRP CZ2 CH2  doub Y N 328 
TRP CZ2 HZ2  sing N N 329 
TRP CZ3 CH2  sing Y N 330 
TRP CZ3 HZ3  sing N N 331 
TRP CH2 HH2  sing N N 332 
TRP OXT HXT  sing N N 333 
TYR N   CA   sing N N 334 
TYR N   H    sing N N 335 
TYR N   H2   sing N N 336 
TYR CA  C    sing N N 337 
TYR CA  CB   sing N N 338 
TYR CA  HA   sing N N 339 
TYR C   O    doub N N 340 
TYR C   OXT  sing N N 341 
TYR CB  CG   sing N N 342 
TYR CB  HB2  sing N N 343 
TYR CB  HB3  sing N N 344 
TYR CG  CD1  doub Y N 345 
TYR CG  CD2  sing Y N 346 
TYR CD1 CE1  sing Y N 347 
TYR CD1 HD1  sing N N 348 
TYR CD2 CE2  doub Y N 349 
TYR CD2 HD2  sing N N 350 
TYR CE1 CZ   doub Y N 351 
TYR CE1 HE1  sing N N 352 
TYR CE2 CZ   sing Y N 353 
TYR CE2 HE2  sing N N 354 
TYR CZ  OH   sing N N 355 
TYR OH  HH   sing N N 356 
TYR OXT HXT  sing N N 357 
VAL N   CA   sing N N 358 
VAL N   H    sing N N 359 
VAL N   H2   sing N N 360 
VAL CA  C    sing N N 361 
VAL CA  CB   sing N N 362 
VAL CA  HA   sing N N 363 
VAL C   O    doub N N 364 
VAL C   OXT  sing N N 365 
VAL CB  CG1  sing N N 366 
VAL CB  CG2  sing N N 367 
VAL CB  HB   sing N N 368 
VAL CG1 HG11 sing N N 369 
VAL CG1 HG12 sing N N 370 
VAL CG1 HG13 sing N N 371 
VAL CG2 HG21 sing N N 372 
VAL CG2 HG22 sing N N 373 
VAL CG2 HG23 sing N N 374 
VAL OXT HXT  sing N N 375 
# 
_pdbx_initial_refinement_model.id               1 
_pdbx_initial_refinement_model.entity_id_list   ? 
_pdbx_initial_refinement_model.type             'experimental model' 
_pdbx_initial_refinement_model.source_name      PDB 
_pdbx_initial_refinement_model.accession_code   1NUK 
_pdbx_initial_refinement_model.details          'PDB entry 1NUK' 
# 
_atom_sites.entry_id                    3ETP 
_atom_sites.fract_transf_matrix[1][1]   0.00560064 
_atom_sites.fract_transf_matrix[1][2]   0.00616280 
_atom_sites.fract_transf_matrix[1][3]   -0.01652985 
_atom_sites.fract_transf_matrix[2][1]   0.00118892 
_atom_sites.fract_transf_matrix[2][2]   -0.01743529 
_atom_sites.fract_transf_matrix[2][3]   -0.00609755 
_atom_sites.fract_transf_matrix[3][1]   -0.00604141 
_atom_sites.fract_transf_matrix[3][2]   0.00026885 
_atom_sites.fract_transf_matrix[3][3]   -0.00194672 
_atom_sites.fract_transf_vector[1]      0.092622 
_atom_sites.fract_transf_vector[2]      -0.450892 
_atom_sites.fract_transf_vector[3]      0.426291 
# 
loop_
_atom_type.symbol 
C 
N 
O 
S 
# 
loop_
_atom_site.group_PDB 
_atom_site.id 
_atom_site.type_symbol 
_atom_site.label_atom_id 
_atom_site.label_alt_id 
_atom_site.label_comp_id 
_atom_site.label_asym_id 
_atom_site.label_entity_id 
_atom_site.label_seq_id 
_atom_site.pdbx_PDB_ins_code 
_atom_site.Cartn_x 
_atom_site.Cartn_y 
_atom_site.Cartn_z 
_atom_site.occupancy 
_atom_site.B_iso_or_equiv 
_atom_site.pdbx_formal_charge 
_atom_site.auth_seq_id 
_atom_site.auth_comp_id 
_atom_site.auth_asym_id 
_atom_site.auth_atom_id 
_atom_site.pdbx_PDB_model_num 
ATOM   1    N N   . ALA A 1 1   ? -21.716 -6.907  9.719   1.00 72.90  ? 21  ALA A N   1 
ATOM   2    C CA  . ALA A 1 1   ? -21.761 -5.408  9.697   1.00 73.34  ? 21  ALA A CA  1 
ATOM   3    C C   . ALA A 1 1   ? -23.168 -4.827  9.485   1.00 73.39  ? 21  ALA A C   1 
ATOM   4    O O   . ALA A 1 1   ? -23.362 -3.983  8.604   1.00 74.14  ? 21  ALA A O   1 
ATOM   5    C CB  . ALA A 1 1   ? -20.772 -4.825  8.652   1.00 72.50  ? 21  ALA A CB  1 
ATOM   6    N N   . MET A 1 2   ? -24.153 -5.277  10.261  1.00 73.13  ? 22  MET A N   1 
ATOM   7    C CA  . MET A 1 2   ? -25.361 -4.476  10.370  1.00 72.52  ? 22  MET A CA  1 
ATOM   8    C C   . MET A 1 2   ? -25.111 -3.402  11.432  1.00 70.90  ? 22  MET A C   1 
ATOM   9    O O   . MET A 1 2   ? -25.253 -2.212  11.138  1.00 70.46  ? 22  MET A O   1 
ATOM   10   C CB  . MET A 1 2   ? -26.640 -5.276  10.655  1.00 73.30  ? 22  MET A CB  1 
ATOM   11   C CG  . MET A 1 2   ? -27.885 -4.390  10.503  1.00 77.01  ? 22  MET A CG  1 
ATOM   12   S SD  . MET A 1 2   ? -29.507 -5.096  10.929  1.00 87.42  ? 22  MET A SD  1 
ATOM   13   C CE  . MET A 1 2   ? -29.466 -5.189  12.752  1.00 85.54  ? 22  MET A CE  1 
ATOM   14   N N   . ALA A 1 3   ? -24.700 -3.795  12.644  1.00 68.94  ? 23  ALA A N   1 
ATOM   15   C CA  . ALA A 1 3   ? -24.412 -2.777  13.676  1.00 67.33  ? 23  ALA A CA  1 
ATOM   16   C C   . ALA A 1 3   ? -23.219 -1.934  13.225  1.00 65.94  ? 23  ALA A C   1 
ATOM   17   O O   . ALA A 1 3   ? -22.294 -2.437  12.572  1.00 64.77  ? 23  ALA A O   1 
ATOM   18   C CB  . ALA A 1 3   ? -24.182 -3.391  15.054  1.00 67.62  ? 23  ALA A CB  1 
ATOM   19   N N   . ILE A 1 4   ? -23.275 -0.639  13.521  1.00 64.95  ? 24  ILE A N   1 
ATOM   20   C CA  . ILE A 1 4   ? -22.264 0.286   13.006  1.00 63.94  ? 24  ILE A CA  1 
ATOM   21   C C   . ILE A 1 4   ? -20.877 -0.084  13.624  1.00 63.75  ? 24  ILE A C   1 
ATOM   22   O O   . ILE A 1 4   ? -20.801 -0.438  14.803  1.00 63.27  ? 24  ILE A O   1 
ATOM   23   C CB  . ILE A 1 4   ? -22.688 1.784   13.213  1.00 63.37  ? 24  ILE A CB  1 
ATOM   24   C CG1 . ILE A 1 4   ? -24.033 2.067   12.555  1.00 61.41  ? 24  ILE A CG1 1 
ATOM   25   C CG2 . ILE A 1 4   ? -21.675 2.730   12.573  1.00 64.09  ? 24  ILE A CG2 1 
ATOM   26   C CD1 . ILE A 1 4   ? -24.267 3.540   12.337  1.00 56.53  ? 24  ILE A CD1 1 
ATOM   27   N N   . SER A 1 5   ? -19.801 -0.083  12.835  1.00 63.16  ? 25  SER A N   1 
ATOM   28   C CA  . SER A 1 5   ? -18.516 -0.568  13.382  1.00 63.22  ? 25  SER A CA  1 
ATOM   29   C C   . SER A 1 5   ? -17.927 0.533   14.285  1.00 62.64  ? 25  SER A C   1 
ATOM   30   O O   . SER A 1 5   ? -18.377 1.693   14.161  1.00 62.53  ? 25  SER A O   1 
ATOM   31   C CB  . SER A 1 5   ? -17.549 -1.020  12.273  1.00 63.04  ? 25  SER A CB  1 
ATOM   32   O OG  . SER A 1 5   ? -17.377 0.004   11.310  1.00 64.20  ? 25  SER A OG  1 
ATOM   33   N N   . ASP A 1 6   ? -16.976 0.183   15.188  1.00 61.74  ? 26  ASP A N   1 
ATOM   34   C CA  . ASP A 1 6   ? -16.389 1.146   16.192  1.00 60.39  ? 26  ASP A CA  1 
ATOM   35   C C   . ASP A 1 6   ? -15.674 2.266   15.495  1.00 58.56  ? 26  ASP A C   1 
ATOM   36   O O   . ASP A 1 6   ? -15.107 2.029   14.444  1.00 57.60  ? 26  ASP A O   1 
ATOM   37   C CB  . ASP A 1 6   ? -15.347 0.478   17.101  1.00 61.23  ? 26  ASP A CB  1 
ATOM   38   C CG  . ASP A 1 6   ? -15.969 -0.435  18.154  1.00 64.32  ? 26  ASP A CG  1 
ATOM   39   O OD1 . ASP A 1 6   ? -16.265 -1.613  17.793  1.00 67.96  ? 26  ASP A OD1 1 
ATOM   40   O OD2 . ASP A 1 6   ? -16.131 0.016   19.328  1.00 64.04  ? 26  ASP A OD2 1 
ATOM   41   N N   . PRO A 1 7   ? -15.642 3.477   16.085  1.00 57.31  ? 27  PRO A N   1 
ATOM   42   C CA  . PRO A 1 7   ? -14.826 4.423   15.351  1.00 57.25  ? 27  PRO A CA  1 
ATOM   43   C C   . PRO A 1 7   ? -13.341 3.924   15.304  1.00 57.31  ? 27  PRO A C   1 
ATOM   44   O O   . PRO A 1 7   ? -12.872 3.120   16.131  1.00 56.20  ? 27  PRO A O   1 
ATOM   45   C CB  . PRO A 1 7   ? -14.982 5.732   16.155  1.00 57.19  ? 27  PRO A CB  1 
ATOM   46   C CG  . PRO A 1 7   ? -16.062 5.468   17.194  1.00 56.18  ? 27  PRO A CG  1 
ATOM   47   C CD  . PRO A 1 7   ? -15.978 3.984   17.422  1.00 57.82  ? 27  PRO A CD  1 
ATOM   48   N N   . GLU A 1 8   ? -12.635 4.371   14.287  1.00 57.73  ? 28  GLU A N   1 
ATOM   49   C CA  . GLU A 1 8   ? -11.260 4.003   14.098  1.00 57.21  ? 28  GLU A CA  1 
ATOM   50   C C   . GLU A 1 8   ? -10.544 5.329   13.981  1.00 57.29  ? 28  GLU A C   1 
ATOM   51   O O   . GLU A 1 8   ? -11.012 6.236   13.266  1.00 57.99  ? 28  GLU A O   1 
ATOM   52   C CB  . GLU A 1 8   ? -11.115 3.289   12.776  1.00 56.90  ? 28  GLU A CB  1 
ATOM   53   C CG  . GLU A 1 8   ? -11.789 1.965   12.698  1.00 55.22  ? 28  GLU A CG  1 
ATOM   54   C CD  . GLU A 1 8   ? -12.095 1.650   11.261  1.00 52.73  ? 28  GLU A CD  1 
ATOM   55   O OE1 . GLU A 1 8   ? -11.872 2.526   10.388  1.00 55.47  ? 28  GLU A OE1 1 
ATOM   56   O OE2 . GLU A 1 8   ? -12.546 0.536   11.001  1.00 52.41  ? 28  GLU A OE2 1 
ATOM   57   N N   . GLU A 1 9   ? -9.421  5.447   14.681  1.00 55.92  ? 29  GLU A N   1 
ATOM   58   C CA  . GLU A 1 9   ? -8.598  6.626   14.562  1.00 54.44  ? 29  GLU A CA  1 
ATOM   59   C C   . GLU A 1 9   ? -7.642  6.418   13.340  1.00 52.56  ? 29  GLU A C   1 
ATOM   60   O O   . GLU A 1 9   ? -6.934  5.407   13.228  1.00 50.70  ? 29  GLU A O   1 
ATOM   61   C CB  . GLU A 1 9   ? -7.853  6.858   15.887  1.00 55.17  ? 29  GLU A CB  1 
ATOM   62   C CG  . GLU A 1 9   ? -7.163  8.226   16.033  1.00 58.70  ? 29  GLU A CG  1 
ATOM   63   C CD  . GLU A 1 9   ? -8.145  9.340   16.288  1.00 65.97  ? 29  GLU A CD  1 
ATOM   64   O OE1 . GLU A 1 9   ? -9.036  9.178   17.162  1.00 67.83  ? 29  GLU A OE1 1 
ATOM   65   O OE2 . GLU A 1 9   ? -8.033  10.380  15.599  1.00 69.90  ? 29  GLU A OE2 1 
ATOM   66   N N   . THR A 1 10  ? -7.670  7.375   12.429  1.00 50.44  ? 30  THR A N   1 
ATOM   67   C CA  . THR A 1 10  ? -6.870  7.311   11.231  1.00 50.39  ? 30  THR A CA  1 
ATOM   68   C C   . THR A 1 10  ? -5.447  7.862   11.498  1.00 49.41  ? 30  THR A C   1 
ATOM   69   O O   . THR A 1 10  ? -5.287  9.034   11.923  1.00 48.21  ? 30  THR A O   1 
ATOM   70   C CB  . THR A 1 10  ? -7.592  8.069   10.096  1.00 50.39  ? 30  THR A CB  1 
ATOM   71   O OG1 . THR A 1 10  ? -8.669  7.247   9.634   1.00 54.00  ? 30  THR A OG1 1 
ATOM   72   C CG2 . THR A 1 10  ? -6.660  8.389   8.922   1.00 49.81  ? 30  THR A CG2 1 
ATOM   73   N N   . LEU A 1 11  ? -4.423  7.018   11.276  1.00 47.63  ? 31  LEU A N   1 
ATOM   74   C CA  . LEU A 1 11  ? -3.025  7.453   11.500  1.00 44.74  ? 31  LEU A CA  1 
ATOM   75   C C   . LEU A 1 11  ? -2.465  8.007   10.204  1.00 43.00  ? 31  LEU A C   1 
ATOM   76   O O   . LEU A 1 11  ? -1.569  8.858   10.201  1.00 42.66  ? 31  LEU A O   1 
ATOM   77   C CB  . LEU A 1 11  ? -2.175  6.313   12.072  1.00 44.81  ? 31  LEU A CB  1 
ATOM   78   C CG  . LEU A 1 11  ? -2.711  5.690   13.366  1.00 44.92  ? 31  LEU A CG  1 
ATOM   79   C CD1 . LEU A 1 11  ? -2.045  4.339   13.688  1.00 44.35  ? 31  LEU A CD1 1 
ATOM   80   C CD2 . LEU A 1 11  ? -2.658  6.662   14.582  1.00 40.83  ? 31  LEU A CD2 1 
ATOM   81   N N   . MET A 1 12  ? -3.020  7.569   9.072   1.00 40.01  ? 32  MET A N   1 
ATOM   82   C CA  . MET A 1 12  ? -2.542  8.067   7.805   1.00 37.33  ? 32  MET A CA  1 
ATOM   83   C C   . MET A 1 12  ? -3.583  7.701   6.730   1.00 36.32  ? 32  MET A C   1 
ATOM   84   O O   . MET A 1 12  ? -4.185  6.650   6.804   1.00 35.84  ? 32  MET A O   1 
ATOM   85   C CB  . MET A 1 12  ? -1.158  7.385   7.450   1.00 36.45  ? 32  MET A CB  1 
ATOM   86   C CG  . MET A 1 12  ? -0.563  7.865   6.166   1.00 36.45  ? 32  MET A CG  1 
ATOM   87   S SD  . MET A 1 12  ? -1.100  6.999   4.618   1.00 41.06  ? 32  MET A SD  1 
ATOM   88   C CE  . MET A 1 12  ? 0.056   5.578   4.554   1.00 29.37  ? 32  MET A CE  1 
ATOM   89   N N   . ASP A 1 13  ? -3.735  8.519   5.699   1.00 36.90  ? 33  ASP A N   1 
ATOM   90   C CA  . ASP A 1 13  ? -4.635  8.162   4.606   1.00 38.11  ? 33  ASP A CA  1 
ATOM   91   C C   . ASP A 1 13  ? -4.181  8.838   3.359   1.00 38.80  ? 33  ASP A C   1 
ATOM   92   O O   . ASP A 1 13  ? -4.284  10.061  3.276   1.00 41.67  ? 33  ASP A O   1 
ATOM   93   C CB  . ASP A 1 13  ? -6.045  8.665   4.918   1.00 38.15  ? 33  ASP A CB  1 
ATOM   94   C CG  . ASP A 1 13  ? -7.074  8.229   3.843   1.00 41.02  ? 33  ASP A CG  1 
ATOM   95   O OD1 . ASP A 1 13  ? -6.734  7.945   2.642   1.00 39.80  ? 33  ASP A OD1 1 
ATOM   96   O OD2 . ASP A 1 13  ? -8.232  8.151   4.235   1.00 45.77  ? 33  ASP A OD2 1 
ATOM   97   N N   . SER A 1 14  ? -3.692  8.077   2.379   1.00 38.28  ? 34  SER A N   1 
ATOM   98   C CA  . SER A 1 14  ? -3.140  8.654   1.189   1.00 37.85  ? 34  SER A CA  1 
ATOM   99   C C   . SER A 1 14  ? -4.147  9.475   0.408   1.00 40.12  ? 34  SER A C   1 
ATOM   100  O O   . SER A 1 14  ? -3.751  10.253  -0.491  1.00 38.98  ? 34  SER A O   1 
ATOM   101  C CB  . SER A 1 14  ? -2.588  7.579   0.237   1.00 37.38  ? 34  SER A CB  1 
ATOM   102  O OG  . SER A 1 14  ? -3.617  6.691   -0.216  1.00 35.31  ? 34  SER A OG  1 
ATOM   103  N N   . THR A 1 15  ? -5.442  9.254   0.661   1.00 42.34  ? 35  THR A N   1 
ATOM   104  C CA  . THR A 1 15  ? -6.427  9.898   -0.214  1.00 45.37  ? 35  THR A CA  1 
ATOM   105  C C   . THR A 1 15  ? -6.630  11.331  0.254   1.00 47.09  ? 35  THR A C   1 
ATOM   106  O O   . THR A 1 15  ? -7.238  12.103  -0.449  1.00 48.82  ? 35  THR A O   1 
ATOM   107  C CB  . THR A 1 15  ? -7.791  9.202   -0.244  1.00 44.52  ? 35  THR A CB  1 
ATOM   108  O OG1 . THR A 1 15  ? -8.326  9.214   1.078   1.00 46.14  ? 35  THR A OG1 1 
ATOM   109  C CG2 . THR A 1 15  ? -7.685  7.765   -0.755  1.00 43.56  ? 35  THR A CG2 1 
ATOM   110  N N   . THR A 1 16  ? -6.098  11.680  1.422   1.00 49.03  ? 36  THR A N   1 
ATOM   111  C CA  . THR A 1 16  ? -6.225  13.032  1.935   1.00 50.92  ? 36  THR A CA  1 
ATOM   112  C C   . THR A 1 16  ? -4.980  13.884  1.670   1.00 52.27  ? 36  THR A C   1 
ATOM   113  O O   . THR A 1 16  ? -4.865  15.013  2.130   1.00 53.38  ? 36  THR A O   1 
ATOM   114  C CB  . THR A 1 16  ? -6.611  13.011  3.435   1.00 50.49  ? 36  THR A CB  1 
ATOM   115  O OG1 . THR A 1 16  ? -5.539  12.454  4.201   1.00 51.05  ? 36  THR A OG1 1 
ATOM   116  C CG2 . THR A 1 16  ? -7.858  12.165  3.626   1.00 49.92  ? 36  THR A CG2 1 
ATOM   117  N N   . ALA A 1 17  ? -4.054  13.358  0.899   1.00 54.24  ? 37  ALA A N   1 
ATOM   118  C CA  . ALA A 1 17  ? -2.844  14.075  0.662   1.00 56.70  ? 37  ALA A CA  1 
ATOM   119  C C   . ALA A 1 17  ? -3.232  15.291  -0.159  1.00 58.83  ? 37  ALA A C   1 
ATOM   120  O O   . ALA A 1 17  ? -3.826  15.182  -1.221  1.00 59.01  ? 37  ALA A O   1 
ATOM   121  C CB  . ALA A 1 17  ? -1.823  13.221  -0.081  1.00 55.88  ? 37  ALA A CB  1 
ATOM   122  N N   . THR A 1 18  ? -2.883  16.462  0.346   1.00 61.24  ? 38  THR A N   1 
ATOM   123  C CA  . THR A 1 18  ? -3.045  17.678  -0.422  1.00 63.06  ? 38  THR A CA  1 
ATOM   124  C C   . THR A 1 18  ? -1.913  17.717  -1.488  1.00 63.33  ? 38  THR A C   1 
ATOM   125  O O   . THR A 1 18  ? -2.159  17.854  -2.703  1.00 64.59  ? 38  THR A O   1 
ATOM   126  C CB  . THR A 1 18  ? -3.106  18.912  0.552   1.00 63.69  ? 38  THR A CB  1 
ATOM   127  O OG1 . THR A 1 18  ? -1.891  19.002  1.313   1.00 64.67  ? 38  THR A OG1 1 
ATOM   128  C CG2 . THR A 1 18  ? -4.285  18.765  1.574   1.00 62.58  ? 38  THR A CG2 1 
ATOM   129  N N   . ALA A 1 19  ? -0.679  17.514  -1.035  1.00 62.68  ? 39  ALA A N   1 
ATOM   130  C CA  . ALA A 1 19  ? 0.492   17.589  -1.924  1.00 61.52  ? 39  ALA A CA  1 
ATOM   131  C C   . ALA A 1 19  ? 0.950   16.190  -2.439  1.00 60.64  ? 39  ALA A C   1 
ATOM   132  O O   . ALA A 1 19  ? 0.415   15.159  -2.027  1.00 61.00  ? 39  ALA A O   1 
ATOM   133  C CB  . ALA A 1 19  ? 1.625   18.318  -1.228  1.00 61.19  ? 39  ALA A CB  1 
ATOM   134  N N   . GLU A 1 20  ? 1.917   16.145  -3.348  1.00 58.72  ? 40  GLU A N   1 
ATOM   135  C CA  . GLU A 1 20  ? 2.344   14.865  -3.853  1.00 57.19  ? 40  GLU A CA  1 
ATOM   136  C C   . GLU A 1 20  ? 2.826   14.032  -2.648  1.00 54.03  ? 40  GLU A C   1 
ATOM   137  O O   . GLU A 1 20  ? 3.412   14.570  -1.714  1.00 53.88  ? 40  GLU A O   1 
ATOM   138  C CB  . GLU A 1 20  ? 3.419   15.043  -4.911  1.00 58.08  ? 40  GLU A CB  1 
ATOM   139  C CG  . GLU A 1 20  ? 4.793   14.916  -4.349  1.00 64.41  ? 40  GLU A CG  1 
ATOM   140  C CD  . GLU A 1 20  ? 5.561   13.829  -5.070  1.00 72.53  ? 40  GLU A CD  1 
ATOM   141  O OE1 . GLU A 1 20  ? 5.822   12.750  -4.441  1.00 74.34  ? 40  GLU A OE1 1 
ATOM   142  O OE2 . GLU A 1 20  ? 5.850   14.050  -6.284  1.00 75.76  ? 40  GLU A OE2 1 
ATOM   143  N N   . LEU A 1 21  ? 2.549   12.729  -2.678  1.00 50.31  ? 41  LEU A N   1 
ATOM   144  C CA  . LEU A 1 21  ? 2.752   11.812  -1.538  1.00 45.68  ? 41  LEU A CA  1 
ATOM   145  C C   . LEU A 1 21  ? 4.199   11.697  -1.032  1.00 42.68  ? 41  LEU A C   1 
ATOM   146  O O   . LEU A 1 21  ? 4.435   11.603  0.150   1.00 41.71  ? 41  LEU A O   1 
ATOM   147  C CB  . LEU A 1 21  ? 2.192   10.423  -1.877  1.00 46.04  ? 41  LEU A CB  1 
ATOM   148  C CG  . LEU A 1 21  ? 0.669   10.204  -1.859  1.00 42.76  ? 41  LEU A CG  1 
ATOM   149  C CD1 . LEU A 1 21  ? 0.351   8.843   -2.459  1.00 39.14  ? 41  LEU A CD1 1 
ATOM   150  C CD2 . LEU A 1 21  ? 0.115   10.341  -0.427  1.00 40.90  ? 41  LEU A CD2 1 
ATOM   151  N N   . GLY A 1 22  ? 5.158   11.737  -1.926  1.00 40.87  ? 42  GLY A N   1 
ATOM   152  C CA  . GLY A 1 22  ? 6.538   11.711  -1.493  1.00 38.59  ? 42  GLY A CA  1 
ATOM   153  C C   . GLY A 1 22  ? 6.963   10.372  -0.864  1.00 37.56  ? 42  GLY A C   1 
ATOM   154  O O   . GLY A 1 22  ? 7.881   10.344  -0.068  1.00 35.91  ? 42  GLY A O   1 
ATOM   155  N N   . TRP A 1 23  ? 6.336   9.254   -1.258  1.00 34.92  ? 43  TRP A N   1 
ATOM   156  C CA  . TRP A 1 23  ? 6.778   7.965   -0.748  1.00 32.43  ? 43  TRP A CA  1 
ATOM   157  C C   . TRP A 1 23  ? 8.076   7.600   -1.440  1.00 31.81  ? 43  TRP A C   1 
ATOM   158  O O   . TRP A 1 23  ? 8.248   7.920   -2.601  1.00 31.66  ? 43  TRP A O   1 
ATOM   159  C CB  . TRP A 1 23  ? 5.700   6.912   -1.023  1.00 30.38  ? 43  TRP A CB  1 
ATOM   160  C CG  . TRP A 1 23  ? 4.510   7.197   -0.180  1.00 29.03  ? 43  TRP A CG  1 
ATOM   161  C CD1 . TRP A 1 23  ? 4.313   8.300   0.650   1.00 31.28  ? 43  TRP A CD1 1 
ATOM   162  C CD2 . TRP A 1 23  ? 3.332   6.410   -0.088  1.00 25.20  ? 43  TRP A CD2 1 
ATOM   163  N NE1 . TRP A 1 23  ? 3.101   8.185   1.290   1.00 30.71  ? 43  TRP A NE1 1 
ATOM   164  C CE2 . TRP A 1 23  ? 2.468   7.050   0.831   1.00 28.55  ? 43  TRP A CE2 1 
ATOM   165  C CE3 . TRP A 1 23  ? 2.928   5.200   -0.685  1.00 25.63  ? 43  TRP A CE3 1 
ATOM   166  C CZ2 . TRP A 1 23  ? 1.216   6.526   1.160   1.00 24.96  ? 43  TRP A CZ2 1 
ATOM   167  C CZ3 . TRP A 1 23  ? 1.700   4.678   -0.373  1.00 25.24  ? 43  TRP A CZ3 1 
ATOM   168  C CH2 . TRP A 1 23  ? 0.849   5.338   0.556   1.00 27.48  ? 43  TRP A CH2 1 
ATOM   169  N N   . MET A 1 24  ? 8.944   6.838   -0.785  1.00 29.81  ? 44  MET A N   1 
ATOM   170  C CA  . MET A 1 24  ? 10.261  6.549   -1.365  1.00 30.00  ? 44  MET A CA  1 
ATOM   171  C C   . MET A 1 24  ? 10.138  5.328   -2.252  1.00 29.47  ? 44  MET A C   1 
ATOM   172  O O   . MET A 1 24  ? 9.553   4.346   -1.836  1.00 27.97  ? 44  MET A O   1 
ATOM   173  C CB  . MET A 1 24  ? 11.265  6.351   -0.206  1.00 30.22  ? 44  MET A CB  1 
ATOM   174  C CG  . MET A 1 24  ? 12.624  5.774   -0.612  1.00 34.55  ? 44  MET A CG  1 
ATOM   175  S SD  . MET A 1 24  ? 13.602  7.007   -1.438  1.00 45.32  ? 44  MET A SD  1 
ATOM   176  C CE  . MET A 1 24  ? 13.672  8.280   -0.130  1.00 42.23  ? 44  MET A CE  1 
ATOM   177  N N   . VAL A 1 25  ? 10.665  5.374   -3.472  1.00 27.21  ? 45  VAL A N   1 
ATOM   178  C CA  . VAL A 1 25  ? 10.556  4.263   -4.385  1.00 28.51  ? 45  VAL A CA  1 
ATOM   179  C C   . VAL A 1 25  ? 11.952  3.649   -4.603  1.00 28.35  ? 45  VAL A C   1 
ATOM   180  O O   . VAL A 1 25  ? 12.938  4.360   -4.932  1.00 29.70  ? 45  VAL A O   1 
ATOM   181  C CB  . VAL A 1 25  ? 10.032  4.767   -5.755  1.00 29.47  ? 45  VAL A CB  1 
ATOM   182  C CG1 . VAL A 1 25  ? 10.059  3.620   -6.718  1.00 34.20  ? 45  VAL A CG1 1 
ATOM   183  C CG2 . VAL A 1 25  ? 8.633   5.250   -5.622  1.00 30.14  ? 45  VAL A CG2 1 
ATOM   184  N N   . HIS A 1 26  ? 12.070  2.349   -4.448  1.00 26.29  ? 46  HIS A N   1 
ATOM   185  C CA  . HIS A 1 26  ? 13.356  1.712   -4.575  1.00 25.94  ? 46  HIS A CA  1 
ATOM   186  C C   . HIS A 1 26  ? 13.166  0.421   -5.348  1.00 25.44  ? 46  HIS A C   1 
ATOM   187  O O   . HIS A 1 26  ? 12.625  -0.540  -4.810  1.00 23.66  ? 46  HIS A O   1 
ATOM   188  C CB  . HIS A 1 26  ? 13.893  1.411   -3.161  1.00 24.33  ? 46  HIS A CB  1 
ATOM   189  C CG  . HIS A 1 26  ? 15.145  0.588   -3.157  1.00 28.18  ? 46  HIS A CG  1 
ATOM   190  N ND1 . HIS A 1 26  ? 16.409  1.149   -2.991  1.00 29.64  ? 46  HIS A ND1 1 
ATOM   191  C CD2 . HIS A 1 26  ? 15.338  -0.738  -3.379  1.00 29.22  ? 46  HIS A CD2 1 
ATOM   192  C CE1 . HIS A 1 26  ? 17.310  0.183   -3.066  1.00 29.22  ? 46  HIS A CE1 1 
ATOM   193  N NE2 . HIS A 1 26  ? 16.689  -0.965  -3.329  1.00 32.51  ? 46  HIS A NE2 1 
ATOM   194  N N   . PRO A 1 27  ? 13.654  0.351   -6.591  1.00 27.07  ? 47  PRO A N   1 
ATOM   195  C CA  . PRO A 1 27  ? 14.399  1.361   -7.367  1.00 27.68  ? 47  PRO A CA  1 
ATOM   196  C C   . PRO A 1 27  ? 13.427  2.264   -8.127  1.00 29.43  ? 47  PRO A C   1 
ATOM   197  O O   . PRO A 1 27  ? 12.228  1.955   -8.230  1.00 29.38  ? 47  PRO A O   1 
ATOM   198  C CB  . PRO A 1 27  ? 15.167  0.523   -8.347  1.00 27.44  ? 47  PRO A CB  1 
ATOM   199  C CG  . PRO A 1 27  ? 14.096  -0.578  -8.681  1.00 28.50  ? 47  PRO A CG  1 
ATOM   200  C CD  . PRO A 1 27  ? 13.572  -0.924  -7.302  1.00 24.85  ? 47  PRO A CD  1 
ATOM   201  N N   . PRO A 1 28  ? 13.917  3.422   -8.608  1.00 31.16  ? 48  PRO A N   1 
ATOM   202  C CA  . PRO A 1 28  ? 12.958  4.289   -9.295  1.00 29.89  ? 48  PRO A CA  1 
ATOM   203  C C   . PRO A 1 28  ? 12.459  3.748   -10.615 1.00 28.82  ? 48  PRO A C   1 
ATOM   204  O O   . PRO A 1 28  ? 11.495  4.295   -11.145 1.00 29.93  ? 48  PRO A O   1 
ATOM   205  C CB  . PRO A 1 28  ? 13.673  5.661   -9.414  1.00 31.71  ? 48  PRO A CB  1 
ATOM   206  C CG  . PRO A 1 28  ? 15.161  5.411   -9.111  1.00 33.24  ? 48  PRO A CG  1 
ATOM   207  C CD  . PRO A 1 28  ? 15.250  4.043   -8.364  1.00 31.22  ? 48  PRO A CD  1 
ATOM   208  N N   . SER A 1 29  ? 12.967  2.621   -11.104 1.00 28.13  ? 49  SER A N   1 
ATOM   209  C CA  . SER A 1 29  ? 12.376  2.084   -12.334 1.00 28.27  ? 49  SER A CA  1 
ATOM   210  C C   . SER A 1 29  ? 11.066  1.295   -11.990 1.00 29.58  ? 49  SER A C   1 
ATOM   211  O O   . SER A 1 29  ? 10.491  0.680   -12.876 1.00 29.20  ? 49  SER A O   1 
ATOM   212  C CB  . SER A 1 29  ? 13.338  1.087   -12.918 1.00 28.32  ? 49  SER A CB  1 
ATOM   213  O OG  . SER A 1 29  ? 13.857  0.262   -11.852 1.00 29.55  ? 49  SER A OG  1 
ATOM   214  N N   . GLY A 1 30  ? 10.717  1.176   -10.698 1.00 29.41  ? 50  GLY A N   1 
ATOM   215  C CA  . GLY A 1 30  ? 9.623   0.254   -10.237 1.00 27.31  ? 50  GLY A CA  1 
ATOM   216  C C   . GLY A 1 30  ? 8.353   1.051   -10.013 1.00 28.81  ? 50  GLY A C   1 
ATOM   217  O O   . GLY A 1 30  ? 7.739   1.550   -10.956 1.00 27.62  ? 50  GLY A O   1 
ATOM   218  N N   . TRP A 1 31  ? 7.915   1.230   -8.780  1.00 28.11  ? 51  TRP A N   1 
ATOM   219  C CA  . TRP A 1 31  ? 6.671   1.943   -8.617  1.00 28.65  ? 51  TRP A CA  1 
ATOM   220  C C   . TRP A 1 31  ? 6.775   3.387   -9.135  1.00 31.12  ? 51  TRP A C   1 
ATOM   221  O O   . TRP A 1 31  ? 7.849   4.003   -9.031  1.00 32.17  ? 51  TRP A O   1 
ATOM   222  C CB  . TRP A 1 31  ? 6.305   2.056   -7.138  1.00 26.66  ? 51  TRP A CB  1 
ATOM   223  C CG  . TRP A 1 31  ? 6.035   0.716   -6.516  1.00 26.20  ? 51  TRP A CG  1 
ATOM   224  C CD1 . TRP A 1 31  ? 6.956   -0.090  -5.896  1.00 25.18  ? 51  TRP A CD1 1 
ATOM   225  C CD2 . TRP A 1 31  ? 4.765   0.059   -6.397  1.00 23.56  ? 51  TRP A CD2 1 
ATOM   226  N NE1 . TRP A 1 31  ? 6.312   -1.230  -5.377  1.00 25.69  ? 51  TRP A NE1 1 
ATOM   227  C CE2 . TRP A 1 31  ? 4.972   -1.137  -5.657  1.00 24.44  ? 51  TRP A CE2 1 
ATOM   228  C CE3 . TRP A 1 31  ? 3.464   0.387   -6.808  1.00 24.31  ? 51  TRP A CE3 1 
ATOM   229  C CZ2 . TRP A 1 31  ? 3.938   -2.054  -5.396  1.00 24.64  ? 51  TRP A CZ2 1 
ATOM   230  C CZ3 . TRP A 1 31  ? 2.436   -0.501  -6.507  1.00 25.67  ? 51  TRP A CZ3 1 
ATOM   231  C CH2 . TRP A 1 31  ? 2.676   -1.696  -5.807  1.00 22.20  ? 51  TRP A CH2 1 
ATOM   232  N N   . GLU A 1 32  ? 5.665   3.958   -9.590  1.00 31.33  ? 52  GLU A N   1 
ATOM   233  C CA  . GLU A 1 32  ? 5.696   5.377   -9.964  1.00 33.49  ? 52  GLU A CA  1 
ATOM   234  C C   . GLU A 1 32  ? 4.357   6.060   -9.581  1.00 32.75  ? 52  GLU A C   1 
ATOM   235  O O   . GLU A 1 32  ? 3.304   5.438   -9.674  1.00 30.83  ? 52  GLU A O   1 
ATOM   236  C CB  . GLU A 1 32  ? 5.949   5.461   -11.450 1.00 34.17  ? 52  GLU A CB  1 
ATOM   237  C CG  . GLU A 1 32  ? 4.732   5.175   -12.221 1.00 41.82  ? 52  GLU A CG  1 
ATOM   238  C CD  . GLU A 1 32  ? 4.934   5.336   -13.740 1.00 54.14  ? 52  GLU A CD  1 
ATOM   239  O OE1 . GLU A 1 32  ? 4.010   4.917   -14.484 1.00 55.51  ? 52  GLU A OE1 1 
ATOM   240  O OE2 . GLU A 1 32  ? 5.997   5.884   -14.169 1.00 57.95  ? 52  GLU A OE2 1 
ATOM   241  N N   . GLU A 1 33  ? 4.412   7.315   -9.138  1.00 34.44  ? 53  GLU A N   1 
ATOM   242  C CA  . GLU A 1 33  ? 3.228   7.990   -8.655  1.00 37.27  ? 53  GLU A CA  1 
ATOM   243  C C   . GLU A 1 33  ? 2.400   8.335   -9.859  1.00 40.44  ? 53  GLU A C   1 
ATOM   244  O O   . GLU A 1 33  ? 2.920   8.815   -10.873 1.00 41.48  ? 53  GLU A O   1 
ATOM   245  C CB  . GLU A 1 33  ? 3.588   9.260   -7.908  1.00 37.40  ? 53  GLU A CB  1 
ATOM   246  C CG  . GLU A 1 33  ? 2.465   9.803   -6.966  1.00 36.08  ? 53  GLU A CG  1 
ATOM   247  C CD  . GLU A 1 33  ? 3.001   10.804  -5.960  1.00 41.15  ? 53  GLU A CD  1 
ATOM   248  O OE1 . GLU A 1 33  ? 2.218   11.420  -5.195  1.00 38.27  ? 53  GLU A OE1 1 
ATOM   249  O OE2 . GLU A 1 33  ? 4.247   10.973  -5.918  1.00 45.56  ? 53  GLU A OE2 1 
ATOM   250  N N   . VAL A 1 34  ? 1.116   8.101   -9.772  1.00 42.90  ? 54  VAL A N   1 
ATOM   251  C CA  . VAL A 1 34  ? 0.249   8.496   -10.853 1.00 46.65  ? 54  VAL A CA  1 
ATOM   252  C C   . VAL A 1 34  ? -0.926  9.173   -10.206 1.00 48.95  ? 54  VAL A C   1 
ATOM   253  O O   . VAL A 1 34  ? -1.486  8.656   -9.271  1.00 48.23  ? 54  VAL A O   1 
ATOM   254  C CB  . VAL A 1 34  ? -0.283  7.297   -11.609 1.00 46.53  ? 54  VAL A CB  1 
ATOM   255  C CG1 . VAL A 1 34  ? -1.495  7.722   -12.428 1.00 48.35  ? 54  VAL A CG1 1 
ATOM   256  C CG2 . VAL A 1 34  ? 0.788   6.723   -12.502 1.00 45.89  ? 54  VAL A CG2 1 
ATOM   257  N N   . SER A 1 35  ? -1.311  10.334  -10.717 1.00 53.36  ? 55  SER A N   1 
ATOM   258  C CA  . SER A 1 35  ? -2.404  11.086  -10.098 1.00 57.93  ? 55  SER A CA  1 
ATOM   259  C C   . SER A 1 35  ? -3.664  10.986  -10.921 1.00 60.27  ? 55  SER A C   1 
ATOM   260  O O   . SER A 1 35  ? -3.720  11.511  -12.029 1.00 61.37  ? 55  SER A O   1 
ATOM   261  C CB  . SER A 1 35  ? -2.018  12.548  -9.944  1.00 58.15  ? 55  SER A CB  1 
ATOM   262  O OG  . SER A 1 35  ? -1.018  12.684  -8.947  1.00 61.22  ? 55  SER A OG  1 
ATOM   263  N N   . GLY A 1 36  ? -4.662  10.295  -10.393 1.00 62.78  ? 56  GLY A N   1 
ATOM   264  C CA  . GLY A 1 36  ? -5.975  10.296  -11.031 1.00 66.67  ? 56  GLY A CA  1 
ATOM   265  C C   . GLY A 1 36  ? -7.096  10.980  -10.232 1.00 68.59  ? 56  GLY A C   1 
ATOM   266  O O   . GLY A 1 36  ? -7.514  10.449  -9.172  1.00 69.09  ? 56  GLY A O   1 
ATOM   267  N N   . TYR A 1 37  ? -7.599  12.121  -10.745 1.00 69.85  ? 57  TYR A N   1 
ATOM   268  C CA  . TYR A 1 37  ? -8.761  12.840  -10.144 1.00 70.95  ? 57  TYR A CA  1 
ATOM   269  C C   . TYR A 1 37  ? -10.047 11.965  -10.053 1.00 71.92  ? 57  TYR A C   1 
ATOM   270  O O   . TYR A 1 37  ? -10.408 11.263  -11.006 1.00 71.20  ? 57  TYR A O   1 
ATOM   271  C CB  . TYR A 1 37  ? -9.029  14.206  -10.837 1.00 70.35  ? 57  TYR A CB  1 
ATOM   272  C CG  . TYR A 1 37  ? -9.462  14.108  -12.291 1.00 71.47  ? 57  TYR A CG  1 
ATOM   273  C CD1 . TYR A 1 37  ? -10.791 13.903  -12.635 1.00 72.05  ? 57  TYR A CD1 1 
ATOM   274  C CD2 . TYR A 1 37  ? -8.533  14.202  -13.323 1.00 72.42  ? 57  TYR A CD2 1 
ATOM   275  C CE1 . TYR A 1 37  ? -11.174 13.798  -13.983 1.00 72.84  ? 57  TYR A CE1 1 
ATOM   276  C CE2 . TYR A 1 37  ? -8.898  14.103  -14.663 1.00 71.20  ? 57  TYR A CE2 1 
ATOM   277  C CZ  . TYR A 1 37  ? -10.213 13.898  -14.985 1.00 70.86  ? 57  TYR A CZ  1 
ATOM   278  O OH  . TYR A 1 37  ? -10.579 13.783  -16.293 1.00 69.35  ? 57  TYR A OH  1 
ATOM   279  N N   . ASP A 1 38  ? -10.710 11.980  -8.892  1.00 73.39  ? 58  ASP A N   1 
ATOM   280  C CA  . ASP A 1 38  ? -11.933 11.171  -8.709  1.00 75.52  ? 58  ASP A CA  1 
ATOM   281  C C   . ASP A 1 38  ? -13.241 11.848  -9.169  1.00 76.74  ? 58  ASP A C   1 
ATOM   282  O O   . ASP A 1 38  ? -13.240 12.801  -9.971  1.00 76.85  ? 58  ASP A O   1 
ATOM   283  C CB  . ASP A 1 38  ? -12.070 10.637  -7.261  1.00 75.32  ? 58  ASP A CB  1 
ATOM   284  C CG  . ASP A 1 38  ? -12.638 11.669  -6.280  1.00 75.25  ? 58  ASP A CG  1 
ATOM   285  O OD1 . ASP A 1 38  ? -12.986 12.804  -6.675  1.00 75.30  ? 58  ASP A OD1 1 
ATOM   286  O OD2 . ASP A 1 38  ? -12.734 11.354  -5.078  1.00 75.70  ? 58  ASP A OD2 1 
ATOM   287  N N   . GLU A 1 39  ? -14.348 11.336  -8.640  1.00 78.46  ? 59  GLU A N   1 
ATOM   288  C CA  . GLU A 1 39  ? -15.723 11.799  -8.935  1.00 80.05  ? 59  GLU A CA  1 
ATOM   289  C C   . GLU A 1 39  ? -15.988 13.328  -8.718  1.00 80.65  ? 59  GLU A C   1 
ATOM   290  O O   . GLU A 1 39  ? -16.555 14.008  -9.590  1.00 80.91  ? 59  GLU A O   1 
ATOM   291  C CB  . GLU A 1 39  ? -16.679 10.939  -8.092  1.00 80.23  ? 59  GLU A CB  1 
ATOM   292  C CG  . GLU A 1 39  ? -16.078 9.543   -7.806  1.00 81.42  ? 59  GLU A CG  1 
ATOM   293  C CD  . GLU A 1 39  ? -16.612 8.885   -6.538  1.00 85.28  ? 59  GLU A CD  1 
ATOM   294  O OE1 . GLU A 1 39  ? -17.068 9.607   -5.620  1.00 85.40  ? 59  GLU A OE1 1 
ATOM   295  O OE2 . GLU A 1 39  ? -16.559 7.629   -6.457  1.00 87.84  ? 59  GLU A OE2 1 
ATOM   296  N N   . ASN A 1 40  ? -15.566 13.859  -7.564  1.00 81.21  ? 60  ASN A N   1 
ATOM   297  C CA  . ASN A 1 40  ? -15.761 15.282  -7.218  1.00 81.25  ? 60  ASN A CA  1 
ATOM   298  C C   . ASN A 1 40  ? -14.583 16.191  -7.611  1.00 80.99  ? 60  ASN A C   1 
ATOM   299  O O   . ASN A 1 40  ? -14.384 17.249  -6.996  1.00 80.82  ? 60  ASN A O   1 
ATOM   300  C CB  . ASN A 1 40  ? -16.034 15.451  -5.707  1.00 81.43  ? 60  ASN A CB  1 
ATOM   301  C CG  . ASN A 1 40  ? -16.704 14.222  -5.073  1.00 81.95  ? 60  ASN A CG  1 
ATOM   302  O OD1 . ASN A 1 40  ? -17.525 13.538  -5.710  1.00 81.30  ? 60  ASN A OD1 1 
ATOM   303  N ND2 . ASN A 1 40  ? -16.354 13.941  -3.807  1.00 80.90  ? 60  ASN A ND2 1 
ATOM   304  N N   . MET A 1 41  ? -13.817 15.786  -8.632  1.00 80.55  ? 61  MET A N   1 
ATOM   305  C CA  . MET A 1 41  ? -12.571 16.493  -9.035  1.00 80.35  ? 61  MET A CA  1 
ATOM   306  C C   . MET A 1 41  ? -11.491 16.537  -7.909  1.00 79.51  ? 61  MET A C   1 
ATOM   307  O O   . MET A 1 41  ? -10.549 17.345  -7.925  1.00 79.37  ? 61  MET A O   1 
ATOM   308  C CB  . MET A 1 41  ? -12.864 17.885  -9.654  1.00 80.87  ? 61  MET A CB  1 
ATOM   309  C CG  . MET A 1 41  ? -13.559 17.859  -11.057 1.00 82.69  ? 61  MET A CG  1 
ATOM   310  S SD  . MET A 1 41  ? -13.294 16.410  -12.152 1.00 87.46  ? 61  MET A SD  1 
ATOM   311  C CE  . MET A 1 41  ? -14.821 15.458  -11.896 1.00 86.50  ? 61  MET A CE  1 
ATOM   312  N N   . ASN A 1 42  ? -11.668 15.653  -6.930  1.00 78.30  ? 62  ASN A N   1 
ATOM   313  C CA  . ASN A 1 42  ? -10.671 15.362  -5.916  1.00 77.39  ? 62  ASN A CA  1 
ATOM   314  C C   . ASN A 1 42  ? -9.567  14.555  -6.619  1.00 75.63  ? 62  ASN A C   1 
ATOM   315  O O   . ASN A 1 42  ? -9.841  13.547  -7.290  1.00 74.90  ? 62  ASN A O   1 
ATOM   316  C CB  . ASN A 1 42  ? -11.316 14.481  -4.830  1.00 78.29  ? 62  ASN A CB  1 
ATOM   317  C CG  . ASN A 1 42  ? -10.793 14.767  -3.442  1.00 80.11  ? 62  ASN A CG  1 
ATOM   318  O OD1 . ASN A 1 42  ? -11.205 15.741  -2.815  1.00 84.22  ? 62  ASN A OD1 1 
ATOM   319  N ND2 . ASN A 1 42  ? -9.912  13.895  -2.933  1.00 80.89  ? 62  ASN A ND2 1 
ATOM   320  N N   . THR A 1 43  ? -8.315  14.966  -6.518  1.00 73.26  ? 63  THR A N   1 
ATOM   321  C CA  . THR A 1 43  ? -7.382  14.055  -7.166  1.00 71.27  ? 63  THR A CA  1 
ATOM   322  C C   . THR A 1 43  ? -6.765  13.075  -6.199  1.00 67.97  ? 63  THR A C   1 
ATOM   323  O O   . THR A 1 43  ? -6.404  13.412  -5.060  1.00 68.29  ? 63  THR A O   1 
ATOM   324  C CB  . THR A 1 43  ? -6.350  14.690  -8.144  1.00 72.06  ? 63  THR A CB  1 
ATOM   325  O OG1 . THR A 1 43  ? -7.009  15.626  -9.018  1.00 74.33  ? 63  THR A OG1 1 
ATOM   326  C CG2 . THR A 1 43  ? -5.668  13.570  -9.014  1.00 72.74  ? 63  THR A CG2 1 
ATOM   327  N N   . ILE A 1 44  ? -6.698  11.839  -6.659  1.00 63.22  ? 64  ILE A N   1 
ATOM   328  C CA  . ILE A 1 44  ? -6.145  10.794  -5.850  1.00 58.76  ? 64  ILE A CA  1 
ATOM   329  C C   . ILE A 1 44  ? -4.724  10.506  -6.369  1.00 54.78  ? 64  ILE A C   1 
ATOM   330  O O   . ILE A 1 44  ? -4.512  10.309  -7.569  1.00 52.88  ? 64  ILE A O   1 
ATOM   331  C CB  . ILE A 1 44  ? -7.065  9.582   -5.911  1.00 59.27  ? 64  ILE A CB  1 
ATOM   332  C CG1 . ILE A 1 44  ? -8.479  10.014  -5.497  1.00 61.66  ? 64  ILE A CG1 1 
ATOM   333  C CG2 . ILE A 1 44  ? -6.607  8.529   -4.975  1.00 58.86  ? 64  ILE A CG2 1 
ATOM   334  C CD1 . ILE A 1 44  ? -9.531  8.941   -5.708  1.00 66.69  ? 64  ILE A CD1 1 
ATOM   335  N N   . ARG A 1 45  ? -3.741  10.547  -5.465  1.00 50.14  ? 65  ARG A N   1 
ATOM   336  C CA  . ARG A 1 45  ? -2.410  10.112  -5.828  1.00 44.68  ? 65  ARG A CA  1 
ATOM   337  C C   . ARG A 1 45  ? -2.299  8.621   -5.573  1.00 41.23  ? 65  ARG A C   1 
ATOM   338  O O   . ARG A 1 45  ? -2.627  8.125   -4.484  1.00 38.42  ? 65  ARG A O   1 
ATOM   339  C CB  . ARG A 1 45  ? -1.382  10.910  -5.082  1.00 45.15  ? 65  ARG A CB  1 
ATOM   340  C CG  . ARG A 1 45  ? -1.069  12.239  -5.789  1.00 47.57  ? 65  ARG A CG  1 
ATOM   341  C CD  . ARG A 1 45  ? -1.258  13.278  -4.773  1.00 50.95  ? 65  ARG A CD  1 
ATOM   342  N NE  . ARG A 1 45  ? -0.836  14.631  -5.143  1.00 59.13  ? 65  ARG A NE  1 
ATOM   343  C CZ  . ARG A 1 45  ? -1.479  15.708  -4.684  1.00 61.78  ? 65  ARG A CZ  1 
ATOM   344  N NH1 . ARG A 1 45  ? -2.573  15.534  -3.932  1.00 61.04  ? 65  ARG A NH1 1 
ATOM   345  N NH2 . ARG A 1 45  ? -1.053  16.942  -4.972  1.00 65.17  ? 65  ARG A NH2 1 
ATOM   346  N N   . THR A 1 46  ? -1.888  7.897   -6.611  1.00 37.87  ? 66  THR A N   1 
ATOM   347  C CA  . THR A 1 46  ? -1.776  6.441   -6.530  1.00 34.89  ? 66  THR A CA  1 
ATOM   348  C C   . THR A 1 46  ? -0.329  6.052   -6.904  1.00 32.40  ? 66  THR A C   1 
ATOM   349  O O   . THR A 1 46  ? 0.466   6.911   -7.330  1.00 31.81  ? 66  THR A O   1 
ATOM   350  C CB  . THR A 1 46  ? -2.780  5.738   -7.533  1.00 35.30  ? 66  THR A CB  1 
ATOM   351  O OG1 . THR A 1 46  ? -2.283  5.862   -8.862  1.00 34.88  ? 66  THR A OG1 1 
ATOM   352  C CG2 . THR A 1 46  ? -4.168  6.351   -7.473  1.00 35.43  ? 66  THR A CG2 1 
ATOM   353  N N   . TYR A 1 47  ? 0.004   4.774   -6.777  1.00 29.31  ? 67  TYR A N   1 
ATOM   354  C CA  . TYR A 1 47  ? 1.300   4.272   -7.282  1.00 29.80  ? 67  TYR A CA  1 
ATOM   355  C C   . TYR A 1 47  ? 1.042   3.056   -8.083  1.00 28.29  ? 67  TYR A C   1 
ATOM   356  O O   . TYR A 1 47  ? 0.205   2.243   -7.698  1.00 29.64  ? 67  TYR A O   1 
ATOM   357  C CB  . TYR A 1 47  ? 2.241   3.894   -6.136  1.00 27.35  ? 67  TYR A CB  1 
ATOM   358  C CG  . TYR A 1 47  ? 2.929   5.107   -5.565  1.00 28.31  ? 67  TYR A CG  1 
ATOM   359  C CD1 . TYR A 1 47  ? 4.076   5.639   -6.166  1.00 28.61  ? 67  TYR A CD1 1 
ATOM   360  C CD2 . TYR A 1 47  ? 2.426   5.750   -4.445  1.00 28.70  ? 67  TYR A CD2 1 
ATOM   361  C CE1 . TYR A 1 47  ? 4.709   6.739   -5.629  1.00 28.42  ? 67  TYR A CE1 1 
ATOM   362  C CE2 . TYR A 1 47  ? 3.045   6.878   -3.913  1.00 30.66  ? 67  TYR A CE2 1 
ATOM   363  C CZ  . TYR A 1 47  ? 4.184   7.355   -4.509  1.00 32.03  ? 67  TYR A CZ  1 
ATOM   364  O OH  . TYR A 1 47  ? 4.785   8.454   -3.960  1.00 32.74  ? 67  TYR A OH  1 
ATOM   365  N N   . GLN A 1 48  ? 1.754   2.903   -9.185  1.00 27.57  ? 68  GLN A N   1 
ATOM   366  C CA  . GLN A 1 48  ? 1.554   1.710   -9.956  1.00 27.55  ? 68  GLN A CA  1 
ATOM   367  C C   . GLN A 1 48  ? 2.884   1.175   -10.437 1.00 25.53  ? 68  GLN A C   1 
ATOM   368  O O   . GLN A 1 48  ? 3.882   1.898   -10.486 1.00 24.79  ? 68  GLN A O   1 
ATOM   369  C CB  . GLN A 1 48  ? 0.603   1.937   -11.121 1.00 28.97  ? 68  GLN A CB  1 
ATOM   370  C CG  . GLN A 1 48  ? 0.902   3.204   -11.886 1.00 35.15  ? 68  GLN A CG  1 
ATOM   371  C CD  . GLN A 1 48  ? -0.120  3.452   -13.077 1.00 40.34  ? 68  GLN A CD  1 
ATOM   372  O OE1 . GLN A 1 48  ? 0.290   3.515   -14.236 1.00 47.96  ? 68  GLN A OE1 1 
ATOM   373  N NE2 . GLN A 1 48  ? -1.415  3.532   -12.772 1.00 40.19  ? 68  GLN A NE2 1 
ATOM   374  N N   . VAL A 1 49  ? 2.894   -0.106  -10.780 1.00 24.52  ? 69  VAL A N   1 
ATOM   375  C CA  . VAL A 1 49  ? 4.114   -0.723  -11.229 1.00 24.22  ? 69  VAL A CA  1 
ATOM   376  C C   . VAL A 1 49  ? 3.663   -1.820  -12.166 1.00 23.90  ? 69  VAL A C   1 
ATOM   377  O O   . VAL A 1 49  ? 2.703   -2.561  -11.909 1.00 22.41  ? 69  VAL A O   1 
ATOM   378  C CB  . VAL A 1 49  ? 4.938   -1.298  -10.039 1.00 24.85  ? 69  VAL A CB  1 
ATOM   379  C CG1 . VAL A 1 49  ? 4.103   -2.370  -9.301  1.00 21.94  ? 69  VAL A CG1 1 
ATOM   380  C CG2 . VAL A 1 49  ? 6.216   -1.943  -10.570 1.00 22.99  ? 69  VAL A CG2 1 
ATOM   381  N N   . CYS A 1 50  ? 4.337   -1.946  -13.279 1.00 24.15  ? 70  CYS A N   1 
ATOM   382  C CA  . CYS A 1 50  ? 3.952   -2.968  -14.235 1.00 25.05  ? 70  CYS A CA  1 
ATOM   383  C C   . CYS A 1 50  ? 5.164   -3.423  -15.083 1.00 27.43  ? 70  CYS A C   1 
ATOM   384  O O   . CYS A 1 50  ? 5.120   -3.370  -16.321 1.00 28.38  ? 70  CYS A O   1 
ATOM   385  C CB  . CYS A 1 50  ? 2.824   -2.416  -15.164 1.00 27.60  ? 70  CYS A CB  1 
ATOM   386  S SG  . CYS A 1 50  ? 2.134   -3.700  -16.253 1.00 31.71  ? 70  CYS A SG  1 
ATOM   387  N N   . ASN A 1 51  ? 6.241   -3.900  -14.449 1.00 25.34  ? 71  ASN A N   1 
ATOM   388  C CA  . ASN A 1 51  ? 7.406   -4.342  -15.199 1.00 25.56  ? 71  ASN A CA  1 
ATOM   389  C C   . ASN A 1 51  ? 7.305   -5.822  -15.438 1.00 23.91  ? 71  ASN A C   1 
ATOM   390  O O   . ASN A 1 51  ? 8.229   -6.546  -15.161 1.00 23.16  ? 71  ASN A O   1 
ATOM   391  C CB  . ASN A 1 51  ? 8.689   -4.047  -14.409 1.00 25.81  ? 71  ASN A CB  1 
ATOM   392  C CG  . ASN A 1 51  ? 8.887   -2.586  -14.234 1.00 26.26  ? 71  ASN A CG  1 
ATOM   393  O OD1 . ASN A 1 51  ? 8.245   -1.795  -14.932 1.00 26.18  ? 71  ASN A OD1 1 
ATOM   394  N ND2 . ASN A 1 51  ? 9.698   -2.187  -13.264 1.00 26.11  ? 71  ASN A ND2 1 
ATOM   395  N N   . VAL A 1 52  ? 6.195   -6.257  -15.998 1.00 24.02  ? 72  VAL A N   1 
ATOM   396  C CA  . VAL A 1 52  ? 5.980   -7.657  -16.125 1.00 24.52  ? 72  VAL A CA  1 
ATOM   397  C C   . VAL A 1 52  ? 6.980   -8.190  -17.080 1.00 24.62  ? 72  VAL A C   1 
ATOM   398  O O   . VAL A 1 52  ? 7.356   -9.356  -17.025 1.00 26.30  ? 72  VAL A O   1 
ATOM   399  C CB  . VAL A 1 52  ? 4.583   -7.954  -16.717 1.00 25.95  ? 72  VAL A CB  1 
ATOM   400  C CG1 . VAL A 1 52  ? 4.558   -9.444  -17.227 1.00 22.62  ? 72  VAL A CG1 1 
ATOM   401  C CG2 . VAL A 1 52  ? 3.466   -7.746  -15.632 1.00 27.31  ? 72  VAL A CG2 1 
ATOM   402  N N   . PHE A 1 53  ? 7.428   -7.367  -18.029 1.00 24.74  ? 73  PHE A N   1 
ATOM   403  C CA  . PHE A 1 53  ? 8.372   -7.962  -19.026 1.00 23.88  ? 73  PHE A CA  1 
ATOM   404  C C   . PHE A 1 53  ? 9.824   -7.574  -18.708 1.00 24.84  ? 73  PHE A C   1 
ATOM   405  O O   . PHE A 1 53  ? 10.606  -7.301  -19.603 1.00 22.14  ? 73  PHE A O   1 
ATOM   406  C CB  . PHE A 1 53  ? 7.932   -7.531  -20.465 1.00 23.93  ? 73  PHE A CB  1 
ATOM   407  C CG  . PHE A 1 53  ? 6.743   -8.327  -20.955 1.00 24.74  ? 73  PHE A CG  1 
ATOM   408  C CD1 . PHE A 1 53  ? 6.941   -9.563  -21.510 1.00 21.62  ? 73  PHE A CD1 1 
ATOM   409  C CD2 . PHE A 1 53  ? 5.421   -7.844  -20.792 1.00 27.37  ? 73  PHE A CD2 1 
ATOM   410  C CE1 . PHE A 1 53  ? 5.874   -10.372 -21.921 1.00 24.32  ? 73  PHE A CE1 1 
ATOM   411  C CE2 . PHE A 1 53  ? 4.290   -8.685  -21.190 1.00 26.07  ? 73  PHE A CE2 1 
ATOM   412  C CZ  . PHE A 1 53  ? 4.557   -9.924  -21.763 1.00 26.13  ? 73  PHE A CZ  1 
ATOM   413  N N   . GLU A 1 54  ? 10.166  -7.486  -17.415 1.00 23.92  ? 74  GLU A N   1 
ATOM   414  C CA  . GLU A 1 54  ? 11.592  -7.310  -16.998 1.00 25.53  ? 74  GLU A CA  1 
ATOM   415  C C   . GLU A 1 54  ? 11.865  -8.337  -15.909 1.00 26.85  ? 74  GLU A C   1 
ATOM   416  O O   . GLU A 1 54  ? 10.985  -8.665  -15.152 1.00 26.76  ? 74  GLU A O   1 
ATOM   417  C CB  . GLU A 1 54  ? 11.834  -5.881  -16.488 1.00 24.12  ? 74  GLU A CB  1 
ATOM   418  C CG  . GLU A 1 54  ? 11.261  -4.913  -17.506 1.00 29.34  ? 74  GLU A CG  1 
ATOM   419  C CD  . GLU A 1 54  ? 11.629  -3.466  -17.323 1.00 42.29  ? 74  GLU A CD  1 
ATOM   420  O OE1 . GLU A 1 54  ? 11.961  -3.037  -16.214 1.00 40.50  ? 74  GLU A OE1 1 
ATOM   421  O OE2 . GLU A 1 54  ? 11.558  -2.713  -18.352 1.00 51.50  ? 74  GLU A OE2 1 
ATOM   422  N N   . SER A 1 55  ? 13.049  -8.890  -15.835 1.00 26.55  ? 75  SER A N   1 
ATOM   423  C CA  . SER A 1 55  ? 13.220  -10.024 -14.950 1.00 28.00  ? 75  SER A CA  1 
ATOM   424  C C   . SER A 1 55  ? 13.742  -9.550  -13.555 1.00 27.74  ? 75  SER A C   1 
ATOM   425  O O   . SER A 1 55  ? 14.051  -8.360  -13.333 1.00 26.59  ? 75  SER A O   1 
ATOM   426  C CB  . SER A 1 55  ? 14.151  -11.043 -15.624 1.00 29.28  ? 75  SER A CB  1 
ATOM   427  O OG  . SER A 1 55  ? 15.420  -10.444 -15.756 1.00 33.56  ? 75  SER A OG  1 
ATOM   428  N N   . SER A 1 56  ? 13.720  -10.454 -12.571 1.00 29.20  ? 76  SER A N   1 
ATOM   429  C CA  . SER A 1 56  ? 14.281  -10.121 -11.233 1.00 27.88  ? 76  SER A CA  1 
ATOM   430  C C   . SER A 1 56  ? 13.689  -8.858  -10.644 1.00 25.75  ? 76  SER A C   1 
ATOM   431  O O   . SER A 1 56  ? 14.415  -8.017  -10.213 1.00 25.10  ? 76  SER A O   1 
ATOM   432  C CB  . SER A 1 56  ? 15.799  -9.978  -11.332 1.00 30.38  ? 76  SER A CB  1 
ATOM   433  O OG  . SER A 1 56  ? 16.294  -11.248 -11.780 1.00 32.91  ? 76  SER A OG  1 
ATOM   434  N N   . GLN A 1 57  ? 12.369  -8.694  -10.647 1.00 23.53  ? 77  GLN A N   1 
ATOM   435  C CA  . GLN A 1 57  ? 11.802  -7.449  -10.140 1.00 23.09  ? 77  GLN A CA  1 
ATOM   436  C C   . GLN A 1 57  ? 11.735  -7.509  -8.607  1.00 23.36  ? 77  GLN A C   1 
ATOM   437  O O   . GLN A 1 57  ? 11.346  -8.518  -8.061  1.00 21.98  ? 77  GLN A O   1 
ATOM   438  C CB  . GLN A 1 57  ? 10.375  -7.273  -10.701 1.00 23.45  ? 77  GLN A CB  1 
ATOM   439  C CG  . GLN A 1 57  ? 10.395  -6.861  -12.244 1.00 22.20  ? 77  GLN A CG  1 
ATOM   440  C CD  . GLN A 1 57  ? 11.191  -5.596  -12.442 1.00 20.30  ? 77  GLN A CD  1 
ATOM   441  O OE1 . GLN A 1 57  ? 10.780  -4.494  -12.028 1.00 22.27  ? 77  GLN A OE1 1 
ATOM   442  N NE2 . GLN A 1 57  ? 12.365  -5.734  -13.041 1.00 23.81  ? 77  GLN A NE2 1 
ATOM   443  N N   . ASN A 1 58  ? 12.039  -6.406  -7.944  1.00 22.42  ? 78  ASN A N   1 
ATOM   444  C CA  . ASN A 1 58  ? 11.991  -6.359  -6.521  1.00 22.30  ? 78  ASN A CA  1 
ATOM   445  C C   . ASN A 1 58  ? 11.792  -4.889  -6.234  1.00 21.68  ? 78  ASN A C   1 
ATOM   446  O O   . ASN A 1 58  ? 12.729  -4.172  -5.950  1.00 21.86  ? 78  ASN A O   1 
ATOM   447  C CB  . ASN A 1 58  ? 13.300  -6.909  -5.908  1.00 22.96  ? 78  ASN A CB  1 
ATOM   448  C CG  . ASN A 1 58  ? 13.219  -6.976  -4.388  1.00 24.19  ? 78  ASN A CG  1 
ATOM   449  O OD1 . ASN A 1 58  ? 12.130  -6.742  -3.818  1.00 21.92  ? 78  ASN A OD1 1 
ATOM   450  N ND2 . ASN A 1 58  ? 14.381  -7.242  -3.707  1.00 23.19  ? 78  ASN A ND2 1 
ATOM   451  N N   . ASN A 1 59  ? 10.556  -4.429  -6.345  1.00 20.36  ? 79  ASN A N   1 
ATOM   452  C CA  . ASN A 1 59  ? 10.225  -3.009  -6.346  1.00 19.48  ? 79  ASN A CA  1 
ATOM   453  C C   . ASN A 1 59  ? 9.517   -2.622  -5.057  1.00 20.84  ? 79  ASN A C   1 
ATOM   454  O O   . ASN A 1 59  ? 8.415   -3.123  -4.773  1.00 21.41  ? 79  ASN A O   1 
ATOM   455  C CB  . ASN A 1 59  ? 9.315   -2.703  -7.573  1.00 17.55  ? 79  ASN A CB  1 
ATOM   456  C CG  . ASN A 1 59  ? 9.984   -3.101  -8.910  1.00 20.29  ? 79  ASN A CG  1 
ATOM   457  O OD1 . ASN A 1 59  ? 11.130  -2.664  -9.204  1.00 22.73  ? 79  ASN A OD1 1 
ATOM   458  N ND2 . ASN A 1 59  ? 9.315   -3.962  -9.712  1.00 18.58  ? 79  ASN A ND2 1 
ATOM   459  N N   . TRP A 1 60  ? 10.144  -1.729  -4.284  1.00 19.32  ? 80  TRP A N   1 
ATOM   460  C CA  . TRP A 1 60  ? 9.672   -1.327  -2.996  1.00 21.73  ? 80  TRP A CA  1 
ATOM   461  C C   . TRP A 1 60  ? 9.125   0.069   -3.068  1.00 21.90  ? 80  TRP A C   1 
ATOM   462  O O   . TRP A 1 60  ? 9.671   0.893   -3.759  1.00 23.52  ? 80  TRP A O   1 
ATOM   463  C CB  . TRP A 1 60  ? 10.840  -1.350  -1.955  1.00 17.63  ? 80  TRP A CB  1 
ATOM   464  C CG  . TRP A 1 60  ? 11.195  -2.738  -1.615  1.00 19.64  ? 80  TRP A CG  1 
ATOM   465  C CD1 . TRP A 1 60  ? 11.714  -3.691  -2.442  1.00 19.87  ? 80  TRP A CD1 1 
ATOM   466  C CD2 . TRP A 1 60  ? 11.063  -3.347  -0.330  1.00 19.27  ? 80  TRP A CD2 1 
ATOM   467  N NE1 . TRP A 1 60  ? 11.856  -4.897  -1.737  1.00 18.59  ? 80  TRP A NE1 1 
ATOM   468  C CE2 . TRP A 1 60  ? 11.510  -4.670  -0.435  1.00 19.36  ? 80  TRP A CE2 1 
ATOM   469  C CE3 . TRP A 1 60  ? 10.598  -2.892  0.913   1.00 21.79  ? 80  TRP A CE3 1 
ATOM   470  C CZ2 . TRP A 1 60  ? 11.443  -5.571  0.647   1.00 23.30  ? 80  TRP A CZ2 1 
ATOM   471  C CZ3 . TRP A 1 60  ? 10.573  -3.769  1.962   1.00 20.30  ? 80  TRP A CZ3 1 
ATOM   472  C CH2 . TRP A 1 60  ? 10.998  -5.072  1.829   1.00 18.66  ? 80  TRP A CH2 1 
ATOM   473  N N   . LEU A 1 61  ? 8.087   0.322   -2.290  1.00 22.48  ? 81  LEU A N   1 
ATOM   474  C CA  . LEU A 1 61  ? 7.466   1.618   -2.168  1.00 22.60  ? 81  LEU A CA  1 
ATOM   475  C C   . LEU A 1 61  ? 7.341   1.827   -0.698  1.00 23.23  ? 81  LEU A C   1 
ATOM   476  O O   . LEU A 1 61  ? 6.704   1.000   -0.036  1.00 25.18  ? 81  LEU A O   1 
ATOM   477  C CB  . LEU A 1 61  ? 6.023   1.533   -2.748  1.00 22.12  ? 81  LEU A CB  1 
ATOM   478  C CG  . LEU A 1 61  ? 5.126   2.763   -2.573  1.00 22.93  ? 81  LEU A CG  1 
ATOM   479  C CD1 . LEU A 1 61  ? 5.842   3.905   -3.286  1.00 23.34  ? 81  LEU A CD1 1 
ATOM   480  C CD2 . LEU A 1 61  ? 3.776   2.507   -3.269  1.00 22.27  ? 81  LEU A CD2 1 
ATOM   481  N N   . ARG A 1 62  ? 7.856   2.918   -0.152  1.00 22.57  ? 82  ARG A N   1 
ATOM   482  C CA  . ARG A 1 62  ? 7.822   3.078   1.329   1.00 23.69  ? 82  ARG A CA  1 
ATOM   483  C C   . ARG A 1 62  ? 7.124   4.399   1.691   1.00 24.16  ? 82  ARG A C   1 
ATOM   484  O O   . ARG A 1 62  ? 7.410   5.459   1.108   1.00 25.08  ? 82  ARG A O   1 
ATOM   485  C CB  . ARG A 1 62  ? 9.288   3.113   1.883   1.00 22.73  ? 82  ARG A CB  1 
ATOM   486  C CG  . ARG A 1 62  ? 9.389   3.457   3.362   1.00 23.71  ? 82  ARG A CG  1 
ATOM   487  C CD  . ARG A 1 62  ? 10.924  3.486   3.813   1.00 22.52  ? 82  ARG A CD  1 
ATOM   488  N NE  . ARG A 1 62  ? 11.464  4.806   3.515   1.00 32.05  ? 82  ARG A NE  1 
ATOM   489  C CZ  . ARG A 1 62  ? 12.765  5.082   3.314   1.00 29.10  ? 82  ARG A CZ  1 
ATOM   490  N NH1 . ARG A 1 62  ? 13.685  4.113   3.405   1.00 28.04  ? 82  ARG A NH1 1 
ATOM   491  N NH2 . ARG A 1 62  ? 13.120  6.336   3.048   1.00 26.82  ? 82  ARG A NH2 1 
ATOM   492  N N   . THR A 1 63  ? 6.259   4.339   2.695   1.00 25.10  ? 83  THR A N   1 
ATOM   493  C CA  . THR A 1 63  ? 5.484   5.488   3.060   1.00 26.89  ? 83  THR A CA  1 
ATOM   494  C C   . THR A 1 63  ? 6.358   6.415   3.877   1.00 29.26  ? 83  THR A C   1 
ATOM   495  O O   . THR A 1 63  ? 7.557   6.116   4.157   1.00 28.19  ? 83  THR A O   1 
ATOM   496  C CB  . THR A 1 63  ? 4.260   5.114   3.926   1.00 26.18  ? 83  THR A CB  1 
ATOM   497  O OG1 . THR A 1 63  ? 4.706   4.634   5.192   1.00 27.96  ? 83  THR A OG1 1 
ATOM   498  C CG2 . THR A 1 63  ? 3.367   4.035   3.207   1.00 26.42  ? 83  THR A CG2 1 
ATOM   499  N N   . LYS A 1 64  ? 5.775   7.571   4.211   1.00 29.45  ? 84  LYS A N   1 
ATOM   500  C CA  . LYS A 1 64  ? 6.382   8.447   5.204   1.00 31.88  ? 84  LYS A CA  1 
ATOM   501  C C   . LYS A 1 64  ? 6.240   7.854   6.596   1.00 31.85  ? 84  LYS A C   1 
ATOM   502  O O   . LYS A 1 64  ? 5.552   6.826   6.790   1.00 30.57  ? 84  LYS A O   1 
ATOM   503  C CB  . LYS A 1 64  ? 5.792   9.862   5.073   1.00 31.95  ? 84  LYS A CB  1 
ATOM   504  C CG  . LYS A 1 64  ? 6.375   10.449  3.755   1.00 35.64  ? 84  LYS A CG  1 
ATOM   505  C CD  . LYS A 1 64  ? 5.833   11.823  3.397   1.00 44.51  ? 84  LYS A CD  1 
ATOM   506  C CE  . LYS A 1 64  ? 6.676   12.346  2.235   1.00 48.87  ? 84  LYS A CE  1 
ATOM   507  N NZ  . LYS A 1 64  ? 6.589   13.823  2.317   1.00 53.59  ? 84  LYS A NZ  1 
ATOM   508  N N   . PHE A 1 65  ? 6.982   8.435   7.540   1.00 31.60  ? 85  PHE A N   1 
ATOM   509  C CA  . PHE A 1 65  ? 6.968   7.979   8.914   1.00 32.48  ? 85  PHE A CA  1 
ATOM   510  C C   . PHE A 1 65  ? 5.545   8.141   9.404   1.00 34.15  ? 85  PHE A C   1 
ATOM   511  O O   . PHE A 1 65  ? 4.953   9.169   9.166   1.00 35.41  ? 85  PHE A O   1 
ATOM   512  C CB  . PHE A 1 65  ? 7.942   8.873   9.745   1.00 32.14  ? 85  PHE A CB  1 
ATOM   513  C CG  . PHE A 1 65  ? 8.000   8.529   11.228  1.00 34.83  ? 85  PHE A CG  1 
ATOM   514  C CD1 . PHE A 1 65  ? 8.591   7.374   11.669  1.00 30.96  ? 85  PHE A CD1 1 
ATOM   515  C CD2 . PHE A 1 65  ? 7.497   9.422   12.186  1.00 34.92  ? 85  PHE A CD2 1 
ATOM   516  C CE1 . PHE A 1 65  ? 8.634   7.069   13.045  1.00 33.67  ? 85  PHE A CE1 1 
ATOM   517  C CE2 . PHE A 1 65  ? 7.567   9.124   13.544  1.00 33.79  ? 85  PHE A CE2 1 
ATOM   518  C CZ  . PHE A 1 65  ? 8.140   7.933   13.970  1.00 34.98  ? 85  PHE A CZ  1 
ATOM   519  N N   . ILE A 1 66  ? 4.992   7.172   10.119  1.00 35.05  ? 86  ILE A N   1 
ATOM   520  C CA  . ILE A 1 66  ? 3.657   7.324   10.584  1.00 35.69  ? 86  ILE A CA  1 
ATOM   521  C C   . ILE A 1 66  ? 3.647   7.231   12.098  1.00 37.51  ? 86  ILE A C   1 
ATOM   522  O O   . ILE A 1 66  ? 4.018   6.194   12.641  1.00 37.77  ? 86  ILE A O   1 
ATOM   523  C CB  . ILE A 1 66  ? 2.747   6.176   10.037  1.00 34.84  ? 86  ILE A CB  1 
ATOM   524  C CG1 . ILE A 1 66  ? 2.690   6.187   8.511   1.00 32.21  ? 86  ILE A CG1 1 
ATOM   525  C CG2 . ILE A 1 66  ? 1.319   6.299   10.589  1.00 34.95  ? 86  ILE A CG2 1 
ATOM   526  C CD1 . ILE A 1 66  ? 1.974   4.885   7.971   1.00 36.16  ? 86  ILE A CD1 1 
ATOM   527  N N   . ARG A 1 67  ? 3.165   8.263   12.793  1.00 39.98  ? 87  ARG A N   1 
ATOM   528  C CA  . ARG A 1 67  ? 3.158   8.178   14.273  1.00 43.35  ? 87  ARG A CA  1 
ATOM   529  C C   . ARG A 1 67  ? 2.115   7.221   14.787  1.00 44.09  ? 87  ARG A C   1 
ATOM   530  O O   . ARG A 1 67  ? 0.997   7.177   14.268  1.00 46.16  ? 87  ARG A O   1 
ATOM   531  C CB  . ARG A 1 67  ? 2.987   9.546   14.935  1.00 43.33  ? 87  ARG A CB  1 
ATOM   532  C CG  . ARG A 1 67  ? 4.082   10.550  14.656  1.00 48.62  ? 87  ARG A CG  1 
ATOM   533  C CD  . ARG A 1 67  ? 3.655   11.846  15.309  1.00 60.82  ? 87  ARG A CD  1 
ATOM   534  N NE  . ARG A 1 67  ? 3.968   13.068  14.547  1.00 70.24  ? 87  ARG A NE  1 
ATOM   535  C CZ  . ARG A 1 67  ? 3.401   14.262  14.793  1.00 74.62  ? 87  ARG A CZ  1 
ATOM   536  N NH1 . ARG A 1 67  ? 2.485   14.377  15.756  1.00 75.63  ? 87  ARG A NH1 1 
ATOM   537  N NH2 . ARG A 1 67  ? 3.728   15.342  14.080  1.00 76.59  ? 87  ARG A NH2 1 
ATOM   538  N N   . ARG A 1 68  ? 2.471   6.442   15.794  1.00 44.50  ? 88  ARG A N   1 
ATOM   539  C CA  . ARG A 1 68  ? 1.607   5.399   16.310  1.00 46.56  ? 88  ARG A CA  1 
ATOM   540  C C   . ARG A 1 68  ? 0.459   5.992   17.226  1.00 48.76  ? 88  ARG A C   1 
ATOM   541  O O   . ARG A 1 68  ? -0.597  5.387   17.426  1.00 48.82  ? 88  ARG A O   1 
ATOM   542  C CB  . ARG A 1 68  ? 2.503   4.421   17.054  1.00 45.49  ? 88  ARG A CB  1 
ATOM   543  C CG  . ARG A 1 68  ? 1.825   3.448   17.960  1.00 47.35  ? 88  ARG A CG  1 
ATOM   544  C CD  . ARG A 1 68  ? 2.871   2.731   18.811  1.00 48.69  ? 88  ARG A CD  1 
ATOM   545  N NE  . ARG A 1 68  ? 3.338   3.667   19.816  1.00 53.97  ? 88  ARG A NE  1 
ATOM   546  C CZ  . ARG A 1 68  ? 2.806   3.785   21.030  1.00 56.31  ? 88  ARG A CZ  1 
ATOM   547  N NH1 . ARG A 1 68  ? 1.805   2.978   21.413  1.00 53.05  ? 88  ARG A NH1 1 
ATOM   548  N NH2 . ARG A 1 68  ? 3.274   4.717   21.863  1.00 57.44  ? 88  ARG A NH2 1 
ATOM   549  N N   . ARG A 1 69  ? 0.688   7.191   17.756  1.00 51.26  ? 89  ARG A N   1 
ATOM   550  C CA  . ARG A 1 69  ? -0.290  7.899   18.620  1.00 53.90  ? 89  ARG A CA  1 
ATOM   551  C C   . ARG A 1 69  ? -1.024  6.956   19.596  1.00 54.19  ? 89  ARG A C   1 
ATOM   552  O O   . ARG A 1 69  ? -2.256  6.934   19.665  1.00 55.49  ? 89  ARG A O   1 
ATOM   553  C CB  . ARG A 1 69  ? -1.282  8.737   17.753  1.00 53.88  ? 89  ARG A CB  1 
ATOM   554  C CG  . ARG A 1 69  ? -0.597  9.951   17.098  1.00 57.29  ? 89  ARG A CG  1 
ATOM   555  C CD  . ARG A 1 69  ? -1.420  10.679  16.020  1.00 64.84  ? 89  ARG A CD  1 
ATOM   556  N NE  . ARG A 1 69  ? -0.778  11.970  15.665  1.00 69.54  ? 89  ARG A NE  1 
ATOM   557  C CZ  . ARG A 1 69  ? -0.241  12.278  14.473  1.00 72.19  ? 89  ARG A CZ  1 
ATOM   558  N NH1 . ARG A 1 69  ? -0.252  11.415  13.463  1.00 72.19  ? 89  ARG A NH1 1 
ATOM   559  N NH2 . ARG A 1 69  ? 0.306   13.472  14.271  1.00 73.26  ? 89  ARG A NH2 1 
ATOM   560  N N   . GLY A 1 70  ? -0.298  6.166   20.359  1.00 54.75  ? 90  GLY A N   1 
ATOM   561  C CA  . GLY A 1 70  ? -1.022  5.323   21.334  1.00 56.17  ? 90  GLY A CA  1 
ATOM   562  C C   . GLY A 1 70  ? -1.383  3.861   21.034  1.00 56.93  ? 90  GLY A C   1 
ATOM   563  O O   . GLY A 1 70  ? -1.303  3.011   21.944  1.00 57.47  ? 90  GLY A O   1 
ATOM   564  N N   . ALA A 1 71  ? -1.749  3.547   19.782  1.00 56.41  ? 91  ALA A N   1 
ATOM   565  C CA  . ALA A 1 71  ? -2.192  2.198   19.407  1.00 54.91  ? 91  ALA A CA  1 
ATOM   566  C C   . ALA A 1 71  ? -1.127  1.199   19.684  1.00 55.44  ? 91  ALA A C   1 
ATOM   567  O O   . ALA A 1 71  ? 0.056   1.539   19.689  1.00 55.87  ? 91  ALA A O   1 
ATOM   568  C CB  . ALA A 1 71  ? -2.542  2.153   17.959  1.00 54.89  ? 91  ALA A CB  1 
ATOM   569  N N   . HIS A 1 72  ? -1.529  -0.050  19.900  1.00 55.53  ? 92  HIS A N   1 
ATOM   570  C CA  . HIS A 1 72  ? -0.575  -1.142  19.971  1.00 56.43  ? 92  HIS A CA  1 
ATOM   571  C C   . HIS A 1 72  ? -0.750  -2.106  18.820  1.00 54.57  ? 92  HIS A C   1 
ATOM   572  O O   . HIS A 1 72  ? 0.142   -2.921  18.527  1.00 55.34  ? 92  HIS A O   1 
ATOM   573  C CB  . HIS A 1 72  ? -0.718  -1.863  21.307  1.00 58.53  ? 92  HIS A CB  1 
ATOM   574  C CG  . HIS A 1 72  ? -0.360  -0.994  22.470  1.00 64.80  ? 92  HIS A CG  1 
ATOM   575  N ND1 . HIS A 1 72  ? -1.044  0.175   22.766  1.00 69.19  ? 92  HIS A ND1 1 
ATOM   576  C CD2 . HIS A 1 72  ? 0.633   -1.093  23.385  1.00 69.47  ? 92  HIS A CD2 1 
ATOM   577  C CE1 . HIS A 1 72  ? -0.492  0.754   23.817  1.00 72.25  ? 92  HIS A CE1 1 
ATOM   578  N NE2 . HIS A 1 72  ? 0.521   -0.001  24.219  1.00 73.97  ? 92  HIS A NE2 1 
ATOM   579  N N   . ARG A 1 73  ? -1.905  -2.003  18.173  1.00 52.10  ? 93  ARG A N   1 
ATOM   580  C CA  . ARG A 1 73  ? -2.215  -2.802  17.002  1.00 49.50  ? 93  ARG A CA  1 
ATOM   581  C C   . ARG A 1 73  ? -2.612  -1.882  15.847  1.00 47.56  ? 93  ARG A C   1 
ATOM   582  O O   . ARG A 1 73  ? -3.381  -0.909  16.019  1.00 47.73  ? 93  ARG A O   1 
ATOM   583  C CB  . ARG A 1 73  ? -3.305  -3.805  17.319  1.00 51.10  ? 93  ARG A CB  1 
ATOM   584  C CG  . ARG A 1 73  ? -3.729  -4.614  16.119  1.00 52.94  ? 93  ARG A CG  1 
ATOM   585  C CD  . ARG A 1 73  ? -4.386  -5.866  16.555  1.00 58.25  ? 93  ARG A CD  1 
ATOM   586  N NE  . ARG A 1 73  ? -4.082  -6.923  15.618  1.00 63.05  ? 93  ARG A NE  1 
ATOM   587  C CZ  . ARG A 1 73  ? -3.112  -7.798  15.809  1.00 66.10  ? 93  ARG A CZ  1 
ATOM   588  N NH1 . ARG A 1 73  ? -2.382  -7.732  16.926  1.00 67.50  ? 93  ARG A NH1 1 
ATOM   589  N NH2 . ARG A 1 73  ? -2.880  -8.733  14.892  1.00 67.16  ? 93  ARG A NH2 1 
ATOM   590  N N   . ILE A 1 74  ? -2.037  -2.147  14.667  1.00 43.31  ? 94  ILE A N   1 
ATOM   591  C CA  . ILE A 1 74  ? -2.240  -1.278  13.535  1.00 38.59  ? 94  ILE A CA  1 
ATOM   592  C C   . ILE A 1 74  ? -3.063  -2.017  12.486  1.00 37.01  ? 94  ILE A C   1 
ATOM   593  O O   . ILE A 1 74  ? -2.863  -3.206  12.248  1.00 35.23  ? 94  ILE A O   1 
ATOM   594  C CB  . ILE A 1 74  ? -0.862  -0.808  12.949  1.00 38.54  ? 94  ILE A CB  1 
ATOM   595  C CG1 . ILE A 1 74  ? 0.043   -0.227  14.088  1.00 36.44  ? 94  ILE A CG1 1 
ATOM   596  C CG2 . ILE A 1 74  ? -1.082  0.181   11.842  1.00 35.01  ? 94  ILE A CG2 1 
ATOM   597  C CD1 . ILE A 1 74  ? -0.360  1.129   14.579  1.00 37.25  ? 94  ILE A CD1 1 
ATOM   598  N N   . HIS A 1 75  ? -4.007  -1.302  11.868  1.00 36.45  ? 95  HIS A N   1 
ATOM   599  C CA  . HIS A 1 75  ? -4.787  -1.890  10.772  1.00 35.00  ? 95  HIS A CA  1 
ATOM   600  C C   . HIS A 1 75  ? -4.421  -1.174  9.525   1.00 32.60  ? 95  HIS A C   1 
ATOM   601  O O   . HIS A 1 75  ? -4.233  0.024   9.538   1.00 30.52  ? 95  HIS A O   1 
ATOM   602  C CB  . HIS A 1 75  ? -6.312  -1.829  11.048  1.00 35.85  ? 95  HIS A CB  1 
ATOM   603  C CG  . HIS A 1 75  ? -6.747  -2.777  12.121  1.00 41.42  ? 95  HIS A CG  1 
ATOM   604  N ND1 . HIS A 1 75  ? -6.635  -2.482  13.465  1.00 46.75  ? 95  HIS A ND1 1 
ATOM   605  C CD2 . HIS A 1 75  ? -7.216  -4.052  12.052  1.00 43.83  ? 95  HIS A CD2 1 
ATOM   606  C CE1 . HIS A 1 75  ? -7.037  -3.525  14.178  1.00 44.51  ? 95  HIS A CE1 1 
ATOM   607  N NE2 . HIS A 1 75  ? -7.375  -4.496  13.344  1.00 45.00  ? 95  HIS A NE2 1 
ATOM   608  N N   . VAL A 1 76  ? -4.294  -1.906  8.429   1.00 31.16  ? 96  VAL A N   1 
ATOM   609  C CA  . VAL A 1 76  ? -3.924  -1.206  7.192   1.00 30.51  ? 96  VAL A CA  1 
ATOM   610  C C   . VAL A 1 76  ? -4.938  -1.606  6.104   1.00 30.43  ? 96  VAL A C   1 
ATOM   611  O O   . VAL A 1 76  ? -5.118  -2.795  5.837   1.00 29.11  ? 96  VAL A O   1 
ATOM   612  C CB  . VAL A 1 76  ? -2.529  -1.621  6.721   1.00 31.50  ? 96  VAL A CB  1 
ATOM   613  C CG1 . VAL A 1 76  ? -2.151  -0.852  5.379   1.00 28.47  ? 96  VAL A CG1 1 
ATOM   614  C CG2 . VAL A 1 76  ? -1.484  -1.353  7.855   1.00 29.19  ? 96  VAL A CG2 1 
ATOM   615  N N   . GLU A 1 77  ? -5.586  -0.618  5.509   1.00 30.17  ? 97  GLU A N   1 
ATOM   616  C CA  . GLU A 1 77  ? -6.579  -0.936  4.507   1.00 29.67  ? 97  GLU A CA  1 
ATOM   617  C C   . GLU A 1 77  ? -6.065  -0.489  3.187   1.00 28.53  ? 97  GLU A C   1 
ATOM   618  O O   . GLU A 1 77  ? -5.637  0.654   3.049   1.00 30.97  ? 97  GLU A O   1 
ATOM   619  C CB  . GLU A 1 77  ? -7.916  -0.227  4.840   1.00 30.19  ? 97  GLU A CB  1 
ATOM   620  C CG  . GLU A 1 77  ? -9.038  -0.407  3.764   1.00 32.81  ? 97  GLU A CG  1 
ATOM   621  C CD  . GLU A 1 77  ? -10.020 0.801   3.904   1.00 45.32  ? 97  GLU A CD  1 
ATOM   622  O OE1 . GLU A 1 77  ? -11.045 0.610   4.566   1.00 47.87  ? 97  GLU A OE1 1 
ATOM   623  O OE2 . GLU A 1 77  ? -9.722  1.950   3.472   1.00 43.55  ? 97  GLU A OE2 1 
ATOM   624  N N   . MET A 1 78  ? -6.086  -1.380  2.212   1.00 28.40  ? 98  MET A N   1 
ATOM   625  C CA  . MET A 1 78  ? -5.463  -1.142  0.926   1.00 27.82  ? 98  MET A CA  1 
ATOM   626  C C   . MET A 1 78  ? -6.513  -1.361  -0.197  1.00 27.87  ? 98  MET A C   1 
ATOM   627  O O   . MET A 1 78  ? -7.216  -2.346  -0.191  1.00 28.74  ? 98  MET A O   1 
ATOM   628  C CB  . MET A 1 78  ? -4.299  -2.182  0.741   1.00 27.67  ? 98  MET A CB  1 
ATOM   629  C CG  . MET A 1 78  ? -3.004  -1.965  1.708   1.00 24.32  ? 98  MET A CG  1 
ATOM   630  S SD  . MET A 1 78  ? -2.189  -3.539  1.796   1.00 24.84  ? 98  MET A SD  1 
ATOM   631  C CE  . MET A 1 78  ? -3.219  -4.446  2.970   1.00 23.95  ? 98  MET A CE  1 
ATOM   632  N N   . LYS A 1 79  ? -6.576  -0.446  -1.156  1.00 27.30  ? 99  LYS A N   1 
ATOM   633  C CA  . LYS A 1 79  ? -7.427  -0.587  -2.283  1.00 27.45  ? 99  LYS A CA  1 
ATOM   634  C C   . LYS A 1 79  ? -6.489  -0.569  -3.445  1.00 27.13  ? 99  LYS A C   1 
ATOM   635  O O   . LYS A 1 79  ? -5.605  0.303   -3.565  1.00 28.97  ? 99  LYS A O   1 
ATOM   636  C CB  . LYS A 1 79  ? -8.382  0.616   -2.390  1.00 26.98  ? 99  LYS A CB  1 
ATOM   637  C CG  . LYS A 1 79  ? -9.274  0.724   -1.134  1.00 31.11  ? 99  LYS A CG  1 
ATOM   638  C CD  . LYS A 1 79  ? -10.325 1.859   -1.315  1.00 31.64  ? 99  LYS A CD  1 
ATOM   639  C CE  . LYS A 1 79  ? -11.394 1.721   -0.211  1.00 38.54  ? 99  LYS A CE  1 
ATOM   640  N NZ  . LYS A 1 79  ? -12.054 3.094   -0.058  1.00 45.03  ? 99  LYS A NZ  1 
ATOM   641  N N   . PHE A 1 80  ? -6.653  -1.539  -4.297  1.00 27.22  ? 100 PHE A N   1 
ATOM   642  C CA  . PHE A 1 80  ? -5.657  -1.749  -5.325  1.00 27.73  ? 100 PHE A CA  1 
ATOM   643  C C   . PHE A 1 80  ? -6.360  -2.479  -6.451  1.00 30.17  ? 100 PHE A C   1 
ATOM   644  O O   . PHE A 1 80  ? -7.419  -3.115  -6.243  1.00 27.43  ? 100 PHE A O   1 
ATOM   645  C CB  . PHE A 1 80  ? -4.521  -2.624  -4.781  1.00 23.68  ? 100 PHE A CB  1 
ATOM   646  C CG  . PHE A 1 80  ? -4.962  -3.961  -4.276  1.00 26.03  ? 100 PHE A CG  1 
ATOM   647  C CD1 . PHE A 1 80  ? -5.405  -4.112  -2.981  1.00 23.29  ? 100 PHE A CD1 1 
ATOM   648  C CD2 . PHE A 1 80  ? -4.820  -5.095  -5.056  1.00 22.23  ? 100 PHE A CD2 1 
ATOM   649  C CE1 . PHE A 1 80  ? -5.790  -5.329  -2.504  1.00 24.83  ? 100 PHE A CE1 1 
ATOM   650  C CE2 . PHE A 1 80  ? -5.196  -6.337  -4.591  1.00 22.99  ? 100 PHE A CE2 1 
ATOM   651  C CZ  . PHE A 1 80  ? -5.727  -6.467  -3.303  1.00 24.42  ? 100 PHE A CZ  1 
ATOM   652  N N   . SER A 1 81  ? -5.745  -2.386  -7.624  1.00 31.17  ? 101 SER A N   1 
ATOM   653  C CA  . SER A 1 81  ? -6.151  -3.212  -8.733  1.00 34.95  ? 101 SER A CA  1 
ATOM   654  C C   . SER A 1 81  ? -4.945  -4.036  -9.240  1.00 35.79  ? 101 SER A C   1 
ATOM   655  O O   . SER A 1 81  ? -3.846  -3.542  -9.265  1.00 35.44  ? 101 SER A O   1 
ATOM   656  C CB  . SER A 1 81  ? -6.697  -2.258  -9.785  1.00 34.17  ? 101 SER A CB  1 
ATOM   657  O OG  . SER A 1 81  ? -6.698  -2.919  -11.020 1.00 44.77  ? 101 SER A OG  1 
ATOM   658  N N   . VAL A 1 82  ? -5.150  -5.302  -9.579  1.00 36.82  ? 102 VAL A N   1 
ATOM   659  C CA  . VAL A 1 82  ? -4.098  -6.166  -10.094 1.00 38.05  ? 102 VAL A CA  1 
ATOM   660  C C   . VAL A 1 82  ? -4.532  -6.764  -11.438 1.00 38.73  ? 102 VAL A C   1 
ATOM   661  O O   . VAL A 1 82  ? -5.676  -7.161  -11.591 1.00 37.42  ? 102 VAL A O   1 
ATOM   662  C CB  . VAL A 1 82  ? -3.813  -7.355  -9.185  1.00 37.41  ? 102 VAL A CB  1 
ATOM   663  C CG1 . VAL A 1 82  ? -2.749  -8.205  -9.818  1.00 40.51  ? 102 VAL A CG1 1 
ATOM   664  C CG2 . VAL A 1 82  ? -3.366  -6.901  -7.814  1.00 40.26  ? 102 VAL A CG2 1 
ATOM   665  N N   . ARG A 1 83  ? -3.638  -6.796  -12.425 1.00 37.98  ? 103 ARG A N   1 
ATOM   666  C CA  . ARG A 1 83  ? -3.984  -7.404  -13.690 1.00 38.58  ? 103 ARG A CA  1 
ATOM   667  C C   . ARG A 1 83  ? -3.677  -8.889  -13.613 1.00 37.98  ? 103 ARG A C   1 
ATOM   668  O O   . ARG A 1 83  ? -2.601  -9.257  -13.168 1.00 38.43  ? 103 ARG A O   1 
ATOM   669  C CB  . ARG A 1 83  ? -3.188  -6.751  -14.812 1.00 39.29  ? 103 ARG A CB  1 
ATOM   670  C CG  . ARG A 1 83  ? -3.283  -7.535  -16.073 1.00 40.90  ? 103 ARG A CG  1 
ATOM   671  C CD  . ARG A 1 83  ? -4.220  -6.811  -17.027 1.00 40.47  ? 103 ARG A CD  1 
ATOM   672  N NE  . ARG A 1 83  ? -4.194  -7.431  -18.351 1.00 42.10  ? 103 ARG A NE  1 
ATOM   673  C CZ  . ARG A 1 83  ? -3.815  -6.794  -19.447 1.00 41.57  ? 103 ARG A CZ  1 
ATOM   674  N NH1 . ARG A 1 83  ? -3.403  -5.536  -19.366 1.00 42.76  ? 103 ARG A NH1 1 
ATOM   675  N NH2 . ARG A 1 83  ? -3.814  -7.425  -20.611 1.00 41.00  ? 103 ARG A NH2 1 
ATOM   676  N N   . ASP A 1 84  ? -4.603  -9.768  -14.022 1.00 37.62  ? 104 ASP A N   1 
ATOM   677  C CA  . ASP A 1 84  ? -4.348  -11.220 -13.917 1.00 37.83  ? 104 ASP A CA  1 
ATOM   678  C C   . ASP A 1 84  ? -3.271  -11.526 -14.909 1.00 35.09  ? 104 ASP A C   1 
ATOM   679  O O   . ASP A 1 84  ? -3.377  -11.083 -16.034 1.00 34.37  ? 104 ASP A O   1 
ATOM   680  C CB  . ASP A 1 84  ? -5.551  -12.073 -14.399 1.00 38.49  ? 104 ASP A CB  1 
ATOM   681  C CG  . ASP A 1 84  ? -6.647  -12.216 -13.345 1.00 46.27  ? 104 ASP A CG  1 
ATOM   682  O OD1 . ASP A 1 84  ? -6.367  -12.025 -12.152 1.00 52.54  ? 104 ASP A OD1 1 
ATOM   683  O OD2 . ASP A 1 84  ? -7.798  -12.505 -13.715 1.00 51.98  ? 104 ASP A OD2 1 
ATOM   684  N N   . CYS A 1 85  ? -2.306  -12.330 -14.495 1.00 35.44  ? 105 CYS A N   1 
ATOM   685  C CA  . CYS A 1 85  ? -1.239  -12.828 -15.366 1.00 36.26  ? 105 CYS A CA  1 
ATOM   686  C C   . CYS A 1 85  ? -1.805  -13.487 -16.614 1.00 37.33  ? 105 CYS A C   1 
ATOM   687  O O   . CYS A 1 85  ? -1.278  -13.304 -17.719 1.00 35.99  ? 105 CYS A O   1 
ATOM   688  C CB  . CYS A 1 85  ? -0.344  -13.791 -14.603 1.00 35.79  ? 105 CYS A CB  1 
ATOM   689  S SG  . CYS A 1 85  ? 0.705   -12.878 -13.370 1.00 37.45  ? 105 CYS A SG  1 
ATOM   690  N N   . SER A 1 86  ? -2.882  -14.267 -16.431 1.00 37.37  ? 106 SER A N   1 
ATOM   691  C CA  . SER A 1 86  ? -3.473  -15.025 -17.532 1.00 37.65  ? 106 SER A CA  1 
ATOM   692  C C   . SER A 1 86  ? -4.127  -14.113 -18.554 1.00 37.28  ? 106 SER A C   1 
ATOM   693  O O   . SER A 1 86  ? -4.386  -14.548 -19.648 1.00 39.66  ? 106 SER A O   1 
ATOM   694  C CB  . SER A 1 86  ? -4.458  -16.112 -17.007 1.00 38.98  ? 106 SER A CB  1 
ATOM   695  O OG  . SER A 1 86  ? -5.590  -15.482 -16.414 1.00 40.43  ? 106 SER A OG  1 
ATOM   696  N N   . SER A 1 87  ? -4.347  -12.838 -18.244 1.00 35.18  ? 107 SER A N   1 
ATOM   697  C CA  . SER A 1 87  ? -4.910  -11.927 -19.215 1.00 34.45  ? 107 SER A CA  1 
ATOM   698  C C   . SER A 1 87  ? -3.880  -11.149 -20.021 1.00 34.02  ? 107 SER A C   1 
ATOM   699  O O   . SER A 1 87  ? -4.235  -10.285 -20.808 1.00 34.60  ? 107 SER A O   1 
ATOM   700  C CB  . SER A 1 87  ? -5.800  -10.912 -18.529 1.00 35.97  ? 107 SER A CB  1 
ATOM   701  O OG  . SER A 1 87  ? -5.010  -10.013 -17.710 1.00 40.11  ? 107 SER A OG  1 
ATOM   702  N N   . ILE A 1 88  ? -2.603  -11.424 -19.811 1.00 32.74  ? 108 ILE A N   1 
ATOM   703  C CA  . ILE A 1 88  ? -1.503  -10.668 -20.445 1.00 31.42  ? 108 ILE A CA  1 
ATOM   704  C C   . ILE A 1 88  ? -0.980  -11.536 -21.591 1.00 29.74  ? 108 ILE A C   1 
ATOM   705  O O   . ILE A 1 88  ? -0.530  -12.671 -21.373 1.00 29.56  ? 108 ILE A O   1 
ATOM   706  C CB  . ILE A 1 88  ? -0.317  -10.392 -19.394 1.00 30.02  ? 108 ILE A CB  1 
ATOM   707  C CG1 . ILE A 1 88  ? -0.833  -9.487  -18.284 1.00 31.31  ? 108 ILE A CG1 1 
ATOM   708  C CG2 . ILE A 1 88  ? 0.906   -9.760  -20.114 1.00 28.80  ? 108 ILE A CG2 1 
ATOM   709  C CD1 . ILE A 1 88  ? 0.139   -9.083  -17.204 1.00 32.44  ? 108 ILE A CD1 1 
ATOM   710  N N   . PRO A 1 89  ? -1.016  -11.011 -22.808 1.00 30.45  ? 109 PRO A N   1 
ATOM   711  C CA  . PRO A 1 89  ? -0.507  -11.781 -23.957 1.00 31.42  ? 109 PRO A CA  1 
ATOM   712  C C   . PRO A 1 89  ? 0.984   -12.100 -23.791 1.00 31.76  ? 109 PRO A C   1 
ATOM   713  O O   . PRO A 1 89  ? 1.738   -11.235 -23.312 1.00 33.10  ? 109 PRO A O   1 
ATOM   714  C CB  . PRO A 1 89  ? -0.694  -10.824 -25.131 1.00 32.38  ? 109 PRO A CB  1 
ATOM   715  C CG  . PRO A 1 89  ? -1.734  -9.786  -24.638 1.00 33.51  ? 109 PRO A CG  1 
ATOM   716  C CD  . PRO A 1 89  ? -1.515  -9.670  -23.169 1.00 30.48  ? 109 PRO A CD  1 
ATOM   717  N N   . SER A 1 90  ? 1.413   -13.301 -24.181 1.00 31.15  ? 110 SER A N   1 
ATOM   718  C CA  . SER A 1 90  ? 2.805   -13.737 -23.997 1.00 32.11  ? 110 SER A CA  1 
ATOM   719  C C   . SER A 1 90  ? 3.368   -13.639 -22.579 1.00 32.45  ? 110 SER A C   1 
ATOM   720  O O   . SER A 1 90  ? 4.562   -13.603 -22.385 1.00 31.64  ? 110 SER A O   1 
ATOM   721  C CB  . SER A 1 90  ? 3.687   -12.951 -24.960 1.00 33.94  ? 110 SER A CB  1 
ATOM   722  O OG  . SER A 1 90  ? 3.363   -13.402 -26.256 1.00 36.17  ? 110 SER A OG  1 
ATOM   723  N N   . VAL A 1 91  ? 2.502   -13.666 -21.577 1.00 31.15  ? 111 VAL A N   1 
ATOM   724  C CA  . VAL A 1 91  ? 2.942   -13.507 -20.214 1.00 29.44  ? 111 VAL A CA  1 
ATOM   725  C C   . VAL A 1 91  ? 4.066   -14.499 -19.866 1.00 29.78  ? 111 VAL A C   1 
ATOM   726  O O   . VAL A 1 91  ? 3.962   -15.704 -20.131 1.00 30.03  ? 111 VAL A O   1 
ATOM   727  C CB  . VAL A 1 91  ? 1.726   -13.693 -19.242 1.00 28.70  ? 111 VAL A CB  1 
ATOM   728  C CG1 . VAL A 1 91  ? 1.263   -15.205 -19.258 1.00 29.20  ? 111 VAL A CG1 1 
ATOM   729  C CG2 . VAL A 1 91  ? 2.158   -13.276 -17.872 1.00 29.93  ? 111 VAL A CG2 1 
ATOM   730  N N   . PRO A 1 92  ? 5.172   -14.005 -19.272 1.00 29.05  ? 112 PRO A N   1 
ATOM   731  C CA  . PRO A 1 92  ? 6.244   -14.893 -18.895 1.00 29.71  ? 112 PRO A CA  1 
ATOM   732  C C   . PRO A 1 92  ? 5.925   -15.708 -17.641 1.00 30.86  ? 112 PRO A C   1 
ATOM   733  O O   . PRO A 1 92  ? 5.068   -15.304 -16.815 1.00 32.18  ? 112 PRO A O   1 
ATOM   734  C CB  . PRO A 1 92  ? 7.396   -13.926 -18.565 1.00 30.13  ? 112 PRO A CB  1 
ATOM   735  C CG  . PRO A 1 92  ? 6.774   -12.624 -18.296 1.00 27.86  ? 112 PRO A CG  1 
ATOM   736  C CD  . PRO A 1 92  ? 5.498   -12.584 -19.057 1.00 29.66  ? 112 PRO A CD  1 
ATOM   737  N N   . GLY A 1 93  ? 6.645   -16.810 -17.496 1.00 32.43  ? 113 GLY A N   1 
ATOM   738  C CA  . GLY A 1 93  ? 6.637   -17.647 -16.291 1.00 33.53  ? 113 GLY A CA  1 
ATOM   739  C C   . GLY A 1 93  ? 6.798   -16.861 -14.967 1.00 34.86  ? 113 GLY A C   1 
ATOM   740  O O   . GLY A 1 93  ? 6.359   -17.329 -13.930 1.00 35.55  ? 113 GLY A O   1 
ATOM   741  N N   . SER A 1 94  ? 7.388   -15.652 -14.995 1.00 33.32  ? 114 SER A N   1 
ATOM   742  C CA  . SER A 1 94  ? 7.785   -14.954 -13.759 1.00 32.28  ? 114 SER A CA  1 
ATOM   743  C C   . SER A 1 94  ? 6.673   -14.072 -13.281 1.00 31.29  ? 114 SER A C   1 
ATOM   744  O O   . SER A 1 94  ? 6.776   -13.448 -12.225 1.00 31.59  ? 114 SER A O   1 
ATOM   745  C CB  . SER A 1 94  ? 9.042   -14.089 -14.076 1.00 32.00  ? 114 SER A CB  1 
ATOM   746  O OG  . SER A 1 94  ? 8.679   -13.033 -15.037 1.00 32.21  ? 114 SER A OG  1 
ATOM   747  N N   . CYS A 1 95  ? 5.589   -13.975 -14.038 1.00 30.23  ? 115 CYS A N   1 
ATOM   748  C CA  . CYS A 1 95  ? 4.564   -12.988 -13.693 1.00 30.55  ? 115 CYS A CA  1 
ATOM   749  C C   . CYS A 1 95  ? 3.893   -13.295 -12.339 1.00 31.32  ? 115 CYS A C   1 
ATOM   750  O O   . CYS A 1 95  ? 3.626   -14.433 -12.055 1.00 29.95  ? 115 CYS A O   1 
ATOM   751  C CB  . CYS A 1 95  ? 3.490   -12.949 -14.783 1.00 31.13  ? 115 CYS A CB  1 
ATOM   752  S SG  . CYS A 1 95  ? 2.171   -11.762 -14.565 1.00 32.03  ? 115 CYS A SG  1 
ATOM   753  N N   . LYS A 1 96  ? 3.619   -12.278 -11.524 1.00 30.45  ? 116 LYS A N   1 
ATOM   754  C CA  . LYS A 1 96  ? 2.991   -12.482 -10.249 1.00 33.33  ? 116 LYS A CA  1 
ATOM   755  C C   . LYS A 1 96  ? 1.760   -11.599 -10.158 1.00 33.04  ? 116 LYS A C   1 
ATOM   756  O O   . LYS A 1 96  ? 1.614   -10.603 -10.907 1.00 32.99  ? 116 LYS A O   1 
ATOM   757  C CB  . LYS A 1 96  ? 3.974   -12.169 -9.122  1.00 34.46  ? 116 LYS A CB  1 
ATOM   758  C CG  . LYS A 1 96  ? 4.486   -13.441 -8.383  1.00 41.49  ? 116 LYS A CG  1 
ATOM   759  C CD  . LYS A 1 96  ? 5.666   -14.085 -9.009  1.00 47.69  ? 116 LYS A CD  1 
ATOM   760  C CE  . LYS A 1 96  ? 5.842   -15.473 -8.456  1.00 53.16  ? 116 LYS A CE  1 
ATOM   761  N NZ  . LYS A 1 96  ? 7.003   -16.134 -9.192  1.00 59.99  ? 116 LYS A NZ  1 
ATOM   762  N N   . GLU A 1 97  ? 0.839   -11.938 -9.269  1.00 31.25  ? 117 GLU A N   1 
ATOM   763  C CA  . GLU A 1 97  ? -0.287  -11.067 -9.151  1.00 32.13  ? 117 GLU A CA  1 
ATOM   764  C C   . GLU A 1 97  ? -0.610  -10.815 -7.669  1.00 31.73  ? 117 GLU A C   1 
ATOM   765  O O   . GLU A 1 97  ? -1.755  -10.500 -7.294  1.00 29.56  ? 117 GLU A O   1 
ATOM   766  C CB  . GLU A 1 97  ? -1.469  -11.591 -9.969  1.00 34.05  ? 117 GLU A CB  1 
ATOM   767  C CG  . GLU A 1 97  ? -1.636  -13.060 -9.818  1.00 38.12  ? 117 GLU A CG  1 
ATOM   768  C CD  . GLU A 1 97  ? -2.669  -13.651 -10.824 1.00 47.02  ? 117 GLU A CD  1 
ATOM   769  O OE1 . GLU A 1 97  ? -2.570  -13.474 -12.070 1.00 45.08  ? 117 GLU A OE1 1 
ATOM   770  O OE2 . GLU A 1 97  ? -3.581  -14.314 -10.312 1.00 48.61  ? 117 GLU A OE2 1 
ATOM   771  N N   . THR A 1 98  ? 0.461   -10.782 -6.867  1.00 29.37  ? 118 THR A N   1 
ATOM   772  C CA  . THR A 1 98  ? 0.353   -10.351 -5.504  1.00 28.19  ? 118 THR A CA  1 
ATOM   773  C C   . THR A 1 98  ? 1.452   -9.346  -5.206  1.00 28.61  ? 118 THR A C   1 
ATOM   774  O O   . THR A 1 98  ? 2.365   -9.126  -6.029  1.00 26.68  ? 118 THR A O   1 
ATOM   775  C CB  . THR A 1 98  ? 0.518   -11.540 -4.602  1.00 28.00  ? 118 THR A CB  1 
ATOM   776  O OG1 . THR A 1 98  ? 1.794   -12.089 -4.852  1.00 26.23  ? 118 THR A OG1 1 
ATOM   777  C CG2 . THR A 1 98  ? -0.530  -12.678 -4.920  1.00 27.89  ? 118 THR A CG2 1 
ATOM   778  N N   . PHE A 1 99  ? 1.352   -8.697  -4.047  1.00 26.93  ? 119 PHE A N   1 
ATOM   779  C CA  . PHE A 1 99  ? 2.426   -7.816  -3.544  1.00 25.09  ? 119 PHE A CA  1 
ATOM   780  C C   . PHE A 1 99  ? 2.527   -8.107  -2.018  1.00 26.10  ? 119 PHE A C   1 
ATOM   781  O O   . PHE A 1 99  ? 1.576   -8.761  -1.422  1.00 24.17  ? 119 PHE A O   1 
ATOM   782  C CB  . PHE A 1 99  ? 2.111   -6.343  -3.861  1.00 24.82  ? 119 PHE A CB  1 
ATOM   783  C CG  . PHE A 1 99  ? 0.875   -5.742  -3.110  1.00 27.28  ? 119 PHE A CG  1 
ATOM   784  C CD1 . PHE A 1 99  ? 1.014   -5.116  -1.873  1.00 23.22  ? 119 PHE A CD1 1 
ATOM   785  C CD2 . PHE A 1 99  ? -0.419  -5.797  -3.684  1.00 25.84  ? 119 PHE A CD2 1 
ATOM   786  C CE1 . PHE A 1 99  ? -0.099  -4.561  -1.173  1.00 26.35  ? 119 PHE A CE1 1 
ATOM   787  C CE2 . PHE A 1 99  ? -1.522  -5.234  -3.011  1.00 28.17  ? 119 PHE A CE2 1 
ATOM   788  C CZ  . PHE A 1 99  ? -1.377  -4.634  -1.751  1.00 26.04  ? 119 PHE A CZ  1 
ATOM   789  N N   . ASN A 1 100 ? 3.609   -7.643  -1.372  1.00 23.47  ? 120 ASN A N   1 
ATOM   790  C CA  . ASN A 1 100 ? 3.804   -7.951  0.059   1.00 23.14  ? 120 ASN A CA  1 
ATOM   791  C C   . ASN A 1 100 ? 3.758   -6.664  0.744   1.00 22.19  ? 120 ASN A C   1 
ATOM   792  O O   . ASN A 1 100 ? 4.165   -5.674  0.149   1.00 21.86  ? 120 ASN A O   1 
ATOM   793  C CB  . ASN A 1 100 ? 5.165   -8.600  0.310   1.00 23.18  ? 120 ASN A CB  1 
ATOM   794  C CG  . ASN A 1 100 ? 5.223   -10.009 -0.131  1.00 25.97  ? 120 ASN A CG  1 
ATOM   795  O OD1 . ASN A 1 100 ? 4.203   -10.662 -0.371  1.00 31.87  ? 120 ASN A OD1 1 
ATOM   796  N ND2 . ASN A 1 100 ? 6.436   -10.512 -0.296  1.00 31.64  ? 120 ASN A ND2 1 
ATOM   797  N N   . LEU A 1 101 ? 3.189   -6.639  1.951   1.00 20.50  ? 121 LEU A N   1 
ATOM   798  C CA  . LEU A 1 101 ? 3.094   -5.473  2.749   1.00 20.58  ? 121 LEU A CA  1 
ATOM   799  C C   . LEU A 1 101 ? 4.069   -5.722  3.932   1.00 21.37  ? 121 LEU A C   1 
ATOM   800  O O   . LEU A 1 101 ? 4.092   -6.851  4.470   1.00 20.21  ? 121 LEU A O   1 
ATOM   801  C CB  . LEU A 1 101 ? 1.638   -5.338  3.305   1.00 22.02  ? 121 LEU A CB  1 
ATOM   802  C CG  . LEU A 1 101 ? 1.492   -4.371  4.450   1.00 20.76  ? 121 LEU A CG  1 
ATOM   803  C CD1 . LEU A 1 101 ? 1.712   -2.879  4.062   1.00 22.64  ? 121 LEU A CD1 1 
ATOM   804  C CD2 . LEU A 1 101 ? 0.065   -4.592  5.158   1.00 23.99  ? 121 LEU A CD2 1 
ATOM   805  N N   . TYR A 1 102 ? 4.839   -4.693  4.332   1.00 21.50  ? 122 TYR A N   1 
ATOM   806  C CA  . TYR A 1 102 ? 5.836   -4.840  5.426   1.00 21.35  ? 122 TYR A CA  1 
ATOM   807  C C   . TYR A 1 102 ? 5.619   -3.672  6.320   1.00 21.85  ? 122 TYR A C   1 
ATOM   808  O O   . TYR A 1 102 ? 5.062   -2.697  5.873   1.00 22.93  ? 122 TYR A O   1 
ATOM   809  C CB  . TYR A 1 102 ? 7.287   -4.732  4.884   1.00 20.41  ? 122 TYR A CB  1 
ATOM   810  C CG  . TYR A 1 102 ? 7.683   -5.877  3.982   1.00 20.25  ? 122 TYR A CG  1 
ATOM   811  C CD1 . TYR A 1 102 ? 8.313   -7.000  4.497   1.00 19.30  ? 122 TYR A CD1 1 
ATOM   812  C CD2 . TYR A 1 102 ? 7.481   -5.797  2.603   1.00 18.12  ? 122 TYR A CD2 1 
ATOM   813  C CE1 . TYR A 1 102 ? 8.673   -8.003  3.719   1.00 20.41  ? 122 TYR A CE1 1 
ATOM   814  C CE2 . TYR A 1 102 ? 7.861   -6.818  1.784   1.00 20.57  ? 122 TYR A CE2 1 
ATOM   815  C CZ  . TYR A 1 102 ? 8.433   -7.901  2.349   1.00 24.46  ? 122 TYR A CZ  1 
ATOM   816  O OH  . TYR A 1 102 ? 8.795   -8.914  1.534   1.00 21.08  ? 122 TYR A OH  1 
ATOM   817  N N   . TYR A 1 103 ? 6.103   -3.746  7.581   1.00 23.97  ? 123 TYR A N   1 
ATOM   818  C CA  . TYR A 1 103 ? 6.260   -2.549  8.392   1.00 23.99  ? 123 TYR A CA  1 
ATOM   819  C C   . TYR A 1 103 ? 7.655   -2.511  9.049   1.00 23.81  ? 123 TYR A C   1 
ATOM   820  O O   . TYR A 1 103 ? 8.342   -3.542  9.140   1.00 21.37  ? 123 TYR A O   1 
ATOM   821  C CB  . TYR A 1 103 ? 5.195   -2.441  9.510   1.00 25.29  ? 123 TYR A CB  1 
ATOM   822  C CG  . TYR A 1 103 ? 5.334   -3.427  10.640  1.00 25.17  ? 123 TYR A CG  1 
ATOM   823  C CD1 . TYR A 1 103 ? 5.943   -3.049  11.869  1.00 29.27  ? 123 TYR A CD1 1 
ATOM   824  C CD2 . TYR A 1 103 ? 4.795   -4.691  10.543  1.00 26.31  ? 123 TYR A CD2 1 
ATOM   825  C CE1 . TYR A 1 103 ? 6.054   -3.960  12.930  1.00 24.23  ? 123 TYR A CE1 1 
ATOM   826  C CE2 . TYR A 1 103 ? 4.842   -5.568  11.622  1.00 27.63  ? 123 TYR A CE2 1 
ATOM   827  C CZ  . TYR A 1 103 ? 5.456   -5.184  12.795  1.00 26.03  ? 123 TYR A CZ  1 
ATOM   828  O OH  . TYR A 1 103 ? 5.556   -6.078  13.798  1.00 29.65  ? 123 TYR A OH  1 
ATOM   829  N N   . TYR A 1 104 ? 8.021   -1.319  9.514   1.00 23.66  ? 124 TYR A N   1 
ATOM   830  C CA  . TYR A 1 104 ? 9.283   -1.148  10.185  1.00 26.96  ? 124 TYR A CA  1 
ATOM   831  C C   . TYR A 1 104 ? 9.088   -0.034  11.255  1.00 27.51  ? 124 TYR A C   1 
ATOM   832  O O   . TYR A 1 104 ? 8.762   1.088   10.920  1.00 28.98  ? 124 TYR A O   1 
ATOM   833  C CB  . TYR A 1 104 ? 10.428  -0.849  9.145   1.00 27.33  ? 124 TYR A CB  1 
ATOM   834  C CG  . TYR A 1 104 ? 11.776  -0.466  9.827   1.00 29.50  ? 124 TYR A CG  1 
ATOM   835  C CD1 . TYR A 1 104 ? 12.689  -1.461  10.161  1.00 32.54  ? 124 TYR A CD1 1 
ATOM   836  C CD2 . TYR A 1 104 ? 12.101  0.853   10.127  1.00 28.87  ? 124 TYR A CD2 1 
ATOM   837  C CE1 . TYR A 1 104 ? 13.937  -1.178  10.752  1.00 34.79  ? 124 TYR A CE1 1 
ATOM   838  C CE2 . TYR A 1 104 ? 13.328  1.145   10.767  1.00 32.83  ? 124 TYR A CE2 1 
ATOM   839  C CZ  . TYR A 1 104 ? 14.226  0.097   11.070  1.00 35.31  ? 124 TYR A CZ  1 
ATOM   840  O OH  . TYR A 1 104 ? 15.419  0.269   11.695  1.00 40.60  ? 124 TYR A OH  1 
ATOM   841  N N   . GLU A 1 105 ? 9.271   -0.371  12.535  1.00 29.70  ? 125 GLU A N   1 
ATOM   842  C CA  . GLU A 1 105 ? 9.077   0.542   13.683  1.00 31.44  ? 125 GLU A CA  1 
ATOM   843  C C   . GLU A 1 105 ? 10.309  1.420   13.884  1.00 32.02  ? 125 GLU A C   1 
ATOM   844  O O   . GLU A 1 105 ? 11.444  0.968   13.686  1.00 31.60  ? 125 GLU A O   1 
ATOM   845  C CB  . GLU A 1 105 ? 8.904   -0.281  14.974  1.00 32.41  ? 125 GLU A CB  1 
ATOM   846  C CG  . GLU A 1 105 ? 7.656   -1.133  15.096  1.00 36.50  ? 125 GLU A CG  1 
ATOM   847  C CD  . GLU A 1 105 ? 7.822   -2.274  16.155  1.00 40.05  ? 125 GLU A CD  1 
ATOM   848  O OE1 . GLU A 1 105 ? 7.374   -2.002  17.289  1.00 42.91  ? 125 GLU A OE1 1 
ATOM   849  O OE2 . GLU A 1 105 ? 8.400   -3.393  15.873  1.00 36.94  ? 125 GLU A OE2 1 
ATOM   850  N N   . ALA A 1 106 ? 10.097  2.677   14.220  1.00 32.46  ? 126 ALA A N   1 
ATOM   851  C CA  . ALA A 1 106 ? 11.230  3.539   14.508  1.00 34.10  ? 126 ALA A CA  1 
ATOM   852  C C   . ALA A 1 106 ? 10.786  4.587   15.539  1.00 36.31  ? 126 ALA A C   1 
ATOM   853  O O   . ALA A 1 106 ? 9.604   4.970   15.592  1.00 33.86  ? 126 ALA A O   1 
ATOM   854  C CB  . ALA A 1 106 ? 11.743  4.189   13.241  1.00 33.59  ? 126 ALA A CB  1 
ATOM   855  N N   . ASP A 1 107 ? 11.724  5.038   16.377  1.00 37.38  ? 127 ASP A N   1 
ATOM   856  C CA  . ASP A 1 107 ? 11.356  6.019   17.340  1.00 39.19  ? 127 ASP A CA  1 
ATOM   857  C C   . ASP A 1 107 ? 11.320  7.390   16.754  1.00 39.41  ? 127 ASP A C   1 
ATOM   858  O O   . ASP A 1 107 ? 10.742  8.293   17.323  1.00 39.42  ? 127 ASP A O   1 
ATOM   859  C CB  . ASP A 1 107 ? 12.228  5.918   18.596  1.00 39.66  ? 127 ASP A CB  1 
ATOM   860  C CG  . ASP A 1 107 ? 11.771  4.778   19.462  1.00 45.45  ? 127 ASP A CG  1 
ATOM   861  O OD1 . ASP A 1 107 ? 10.525  4.688   19.792  1.00 46.45  ? 127 ASP A OD1 1 
ATOM   862  O OD2 . ASP A 1 107 ? 12.634  3.922   19.735  1.00 51.26  ? 127 ASP A OD2 1 
ATOM   863  N N   . PHE A 1 108 ? 11.891  7.578   15.585  1.00 40.44  ? 128 PHE A N   1 
ATOM   864  C CA  . PHE A 1 108 ? 11.622  8.849   14.929  1.00 40.97  ? 128 PHE A CA  1 
ATOM   865  C C   . PHE A 1 108 ? 11.860  8.665   13.473  1.00 40.35  ? 128 PHE A C   1 
ATOM   866  O O   . PHE A 1 108 ? 12.225  7.582   13.047  1.00 41.34  ? 128 PHE A O   1 
ATOM   867  C CB  . PHE A 1 108 ? 12.513  9.958   15.493  1.00 42.78  ? 128 PHE A CB  1 
ATOM   868  C CG  . PHE A 1 108 ? 13.955  9.812   15.134  1.00 44.40  ? 128 PHE A CG  1 
ATOM   869  C CD1 . PHE A 1 108 ? 14.771  8.906   15.815  1.00 48.95  ? 128 PHE A CD1 1 
ATOM   870  C CD2 . PHE A 1 108 ? 14.517  10.594  14.135  1.00 48.19  ? 128 PHE A CD2 1 
ATOM   871  C CE1 . PHE A 1 108 ? 16.139  8.771   15.480  1.00 47.50  ? 128 PHE A CE1 1 
ATOM   872  C CE2 . PHE A 1 108 ? 15.870  10.454  13.796  1.00 48.33  ? 128 PHE A CE2 1 
ATOM   873  C CZ  . PHE A 1 108 ? 16.667  9.558   14.487  1.00 44.39  ? 128 PHE A CZ  1 
ATOM   874  N N   . ASP A 1 109 ? 11.666  9.726   12.705  1.00 40.33  ? 129 ASP A N   1 
ATOM   875  C CA  . ASP A 1 109 ? 11.735  9.633   11.270  1.00 40.64  ? 129 ASP A CA  1 
ATOM   876  C C   . ASP A 1 109 ? 13.176  9.531   10.779  1.00 39.53  ? 129 ASP A C   1 
ATOM   877  O O   . ASP A 1 109 ? 13.749  10.488  10.298  1.00 39.39  ? 129 ASP A O   1 
ATOM   878  C CB  . ASP A 1 109 ? 10.968  10.782  10.615  1.00 39.71  ? 129 ASP A CB  1 
ATOM   879  C CG  . ASP A 1 109 ? 10.936  10.655  9.103   1.00 43.37  ? 129 ASP A CG  1 
ATOM   880  O OD1 . ASP A 1 109 ? 11.333  9.582   8.554   1.00 42.69  ? 129 ASP A OD1 1 
ATOM   881  O OD2 . ASP A 1 109 ? 10.557  11.662  8.453   1.00 46.14  ? 129 ASP A OD2 1 
ATOM   882  N N   . LEU A 1 110 ? 13.759  8.345   10.886  1.00 38.05  ? 130 LEU A N   1 
ATOM   883  C CA  . LEU A 1 110 ? 15.165  8.206   10.642  1.00 37.23  ? 130 LEU A CA  1 
ATOM   884  C C   . LEU A 1 110 ? 15.510  7.646   9.275   1.00 36.89  ? 130 LEU A C   1 
ATOM   885  O O   . LEU A 1 110 ? 16.701  7.566   8.946   1.00 37.69  ? 130 LEU A O   1 
ATOM   886  C CB  . LEU A 1 110 ? 15.759  7.296   11.727  1.00 38.51  ? 130 LEU A CB  1 
ATOM   887  C CG  . LEU A 1 110 ? 14.932  6.006   12.016  1.00 41.22  ? 130 LEU A CG  1 
ATOM   888  C CD1 . LEU A 1 110 ? 15.327  4.995   11.016  1.00 39.63  ? 130 LEU A CD1 1 
ATOM   889  C CD2 . LEU A 1 110 ? 15.112  5.434   13.469  1.00 44.79  ? 130 LEU A CD2 1 
ATOM   890  N N   . ALA A 1 111 ? 14.517  7.253   8.465   1.00 34.01  ? 131 ALA A N   1 
ATOM   891  C CA  . ALA A 1 111 ? 14.833  6.495   7.237   1.00 31.46  ? 131 ALA A CA  1 
ATOM   892  C C   . ALA A 1 111 ? 15.462  7.371   6.205   1.00 31.36  ? 131 ALA A C   1 
ATOM   893  O O   . ALA A 1 111 ? 15.235  8.581   6.206   1.00 30.81  ? 131 ALA A O   1 
ATOM   894  C CB  . ALA A 1 111 ? 13.570  5.915   6.688   1.00 33.17  ? 131 ALA A CB  1 
ATOM   895  N N   . THR A 1 112 ? 16.222  6.789   5.279   1.00 30.00  ? 132 THR A N   1 
ATOM   896  C CA  . THR A 1 112 ? 16.932  7.558   4.237   1.00 29.15  ? 132 THR A CA  1 
ATOM   897  C C   . THR A 1 112 ? 16.758  6.777   2.945   1.00 30.03  ? 132 THR A C   1 
ATOM   898  O O   . THR A 1 112 ? 15.996  5.799   2.898   1.00 29.54  ? 132 THR A O   1 
ATOM   899  C CB  . THR A 1 112 ? 18.474  7.607   4.527   1.00 29.52  ? 132 THR A CB  1 
ATOM   900  O OG1 . THR A 1 112 ? 18.971  6.260   4.632   1.00 29.36  ? 132 THR A OG1 1 
ATOM   901  C CG2 . THR A 1 112 ? 18.741  8.317   5.861   1.00 30.32  ? 132 THR A CG2 1 
ATOM   902  N N   . LYS A 1 113 ? 17.502  7.125   1.913   1.00 29.43  ? 133 LYS A N   1 
ATOM   903  C CA  . LYS A 1 113 ? 17.480  6.330   0.673   1.00 31.14  ? 133 LYS A CA  1 
ATOM   904  C C   . LYS A 1 113 ? 17.965  4.904   0.832   1.00 30.36  ? 133 LYS A C   1 
ATOM   905  O O   . LYS A 1 113 ? 17.606  4.037   0.026   1.00 30.72  ? 133 LYS A O   1 
ATOM   906  C CB  . LYS A 1 113 ? 18.350  6.979   -0.403  1.00 31.80  ? 133 LYS A CB  1 
ATOM   907  C CG  . LYS A 1 113 ? 17.713  8.191   -1.088  1.00 39.11  ? 133 LYS A CG  1 
ATOM   908  C CD  . LYS A 1 113 ? 18.658  8.704   -2.225  1.00 43.19  ? 133 LYS A CD  1 
ATOM   909  C CE  . LYS A 1 113 ? 17.976  9.869   -2.959  1.00 49.38  ? 133 LYS A CE  1 
ATOM   910  N NZ  . LYS A 1 113 ? 18.455  10.055  -4.416  1.00 50.51  ? 133 LYS A NZ  1 
ATOM   911  N N   . THR A 1 114 ? 18.837  4.661   1.820   1.00 30.61  ? 134 THR A N   1 
ATOM   912  C CA  . THR A 1 114 ? 19.418  3.320   1.981   1.00 28.66  ? 134 THR A CA  1 
ATOM   913  C C   . THR A 1 114 ? 19.052  2.645   3.286   1.00 28.25  ? 134 THR A C   1 
ATOM   914  O O   . THR A 1 114 ? 19.314  1.477   3.439   1.00 28.21  ? 134 THR A O   1 
ATOM   915  C CB  . THR A 1 114 ? 20.973  3.390   1.956   1.00 28.96  ? 134 THR A CB  1 
ATOM   916  O OG1 . THR A 1 114 ? 21.398  4.277   3.007   1.00 29.29  ? 134 THR A OG1 1 
ATOM   917  C CG2 . THR A 1 114 ? 21.435  3.910   0.582   1.00 28.44  ? 134 THR A CG2 1 
ATOM   918  N N   . PHE A 1 115 ? 18.482  3.365   4.231   1.00 26.96  ? 135 PHE A N   1 
ATOM   919  C CA  . PHE A 1 115 ? 18.163  2.790   5.516   1.00 27.62  ? 135 PHE A CA  1 
ATOM   920  C C   . PHE A 1 115 ? 16.702  3.000   5.867   1.00 27.36  ? 135 PHE A C   1 
ATOM   921  O O   . PHE A 1 115 ? 16.135  4.094   5.709   1.00 26.54  ? 135 PHE A O   1 
ATOM   922  C CB  . PHE A 1 115 ? 19.044  3.447   6.607   1.00 26.24  ? 135 PHE A CB  1 
ATOM   923  C CG  . PHE A 1 115 ? 18.884  2.813   7.919   1.00 30.19  ? 135 PHE A CG  1 
ATOM   924  C CD1 . PHE A 1 115 ? 19.744  1.747   8.324   1.00 32.45  ? 135 PHE A CD1 1 
ATOM   925  C CD2 . PHE A 1 115 ? 17.906  3.254   8.777   1.00 29.41  ? 135 PHE A CD2 1 
ATOM   926  C CE1 . PHE A 1 115 ? 19.573  1.129   9.559   1.00 36.55  ? 135 PHE A CE1 1 
ATOM   927  C CE2 . PHE A 1 115 ? 17.731  2.664   10.004  1.00 33.91  ? 135 PHE A CE2 1 
ATOM   928  C CZ  . PHE A 1 115 ? 18.572  1.604   10.425  1.00 35.82  ? 135 PHE A CZ  1 
ATOM   929  N N   . PRO A 1 116 ? 16.054  1.950   6.362   1.00 27.62  ? 136 PRO A N   1 
ATOM   930  C CA  . PRO A 1 116 ? 16.551  0.563   6.596   1.00 27.37  ? 136 PRO A CA  1 
ATOM   931  C C   . PRO A 1 116 ? 16.779  -0.202  5.310   1.00 26.37  ? 136 PRO A C   1 
ATOM   932  O O   . PRO A 1 116 ? 16.294  0.212   4.256   1.00 24.53  ? 136 PRO A O   1 
ATOM   933  C CB  . PRO A 1 116 ? 15.409  -0.103  7.389   1.00 28.46  ? 136 PRO A CB  1 
ATOM   934  C CG  . PRO A 1 116 ? 14.186  0.762   7.072   1.00 28.22  ? 136 PRO A CG  1 
ATOM   935  C CD  . PRO A 1 116 ? 14.697  2.182   6.868   1.00 26.52  ? 136 PRO A CD  1 
ATOM   936  N N   . ASN A 1 117 ? 17.492  -1.326  5.376   1.00 24.59  ? 137 ASN A N   1 
ATOM   937  C CA  . ASN A 1 117 ? 17.774  -2.047  4.146   1.00 26.08  ? 137 ASN A CA  1 
ATOM   938  C C   . ASN A 1 117 ? 16.441  -2.505  3.546   1.00 24.85  ? 137 ASN A C   1 
ATOM   939  O O   . ASN A 1 117 ? 15.489  -2.768  4.287   1.00 24.51  ? 137 ASN A O   1 
ATOM   940  C CB  . ASN A 1 117 ? 18.631  -3.307  4.359   1.00 25.56  ? 137 ASN A CB  1 
ATOM   941  C CG  . ASN A 1 117 ? 20.118  -2.987  4.743   1.00 33.56  ? 137 ASN A CG  1 
ATOM   942  O OD1 . ASN A 1 117 ? 20.568  -1.850  4.690   1.00 38.86  ? 137 ASN A OD1 1 
ATOM   943  N ND2 . ASN A 1 117 ? 20.837  -4.014  5.158   1.00 36.10  ? 137 ASN A ND2 1 
ATOM   944  N N   . TRP A 1 118 ? 16.454  -2.731  2.235   1.00 24.69  ? 138 TRP A N   1 
ATOM   945  C CA  . TRP A 1 118 ? 15.232  -2.989  1.466   1.00 25.26  ? 138 TRP A CA  1 
ATOM   946  C C   . TRP A 1 118 ? 14.968  -4.483  1.403   1.00 24.35  ? 138 TRP A C   1 
ATOM   947  O O   . TRP A 1 118 ? 15.019  -5.094  0.361   1.00 23.58  ? 138 TRP A O   1 
ATOM   948  C CB  . TRP A 1 118 ? 15.367  -2.360  0.059   1.00 25.56  ? 138 TRP A CB  1 
ATOM   949  C CG  . TRP A 1 118 ? 15.467  -0.851  0.188   1.00 25.23  ? 138 TRP A CG  1 
ATOM   950  C CD1 . TRP A 1 118 ? 16.613  -0.108  0.233   1.00 26.52  ? 138 TRP A CD1 1 
ATOM   951  C CD2 . TRP A 1 118 ? 14.377  0.088   0.283   1.00 26.26  ? 138 TRP A CD2 1 
ATOM   952  N NE1 . TRP A 1 118 ? 16.289  1.251   0.356   1.00 25.25  ? 138 TRP A NE1 1 
ATOM   953  C CE2 . TRP A 1 118 ? 14.929  1.377   0.380   1.00 24.61  ? 138 TRP A CE2 1 
ATOM   954  C CE3 . TRP A 1 118 ? 12.980  -0.045  0.260   1.00 25.62  ? 138 TRP A CE3 1 
ATOM   955  C CZ2 . TRP A 1 118 ? 14.124  2.564   0.466   1.00 24.62  ? 138 TRP A CZ2 1 
ATOM   956  C CZ3 . TRP A 1 118 ? 12.191  1.115   0.398   1.00 28.91  ? 138 TRP A CZ3 1 
ATOM   957  C CH2 . TRP A 1 118 ? 12.760  2.394   0.474   1.00 24.79  ? 138 TRP A CH2 1 
ATOM   958  N N   . MET A 1 119 ? 14.694  -5.093  2.557   1.00 23.89  ? 139 MET A N   1 
ATOM   959  C CA  . MET A 1 119 ? 14.353  -6.474  2.525   1.00 24.11  ? 139 MET A CA  1 
ATOM   960  C C   . MET A 1 119 ? 13.714  -6.903  3.839   1.00 23.18  ? 139 MET A C   1 
ATOM   961  O O   . MET A 1 119 ? 13.885  -6.229  4.841   1.00 22.78  ? 139 MET A O   1 
ATOM   962  C CB  . MET A 1 119 ? 15.628  -7.305  2.310   1.00 24.73  ? 139 MET A CB  1 
ATOM   963  C CG  . MET A 1 119 ? 16.549  -7.201  3.495   1.00 33.03  ? 139 MET A CG  1 
ATOM   964  S SD  . MET A 1 119 ? 18.255  -7.585  2.936   1.00 45.29  ? 139 MET A SD  1 
ATOM   965  C CE  . MET A 1 119 ? 18.690  -5.955  2.398   1.00 45.62  ? 139 MET A CE  1 
ATOM   966  N N   . GLU A 1 120 ? 12.958  -8.001  3.787   1.00 22.48  ? 140 GLU A N   1 
ATOM   967  C CA  . GLU A 1 120 ? 12.432  -8.621  5.000   1.00 24.91  ? 140 GLU A CA  1 
ATOM   968  C C   . GLU A 1 120 ? 13.675  -8.902  5.901   1.00 25.24  ? 140 GLU A C   1 
ATOM   969  O O   . GLU A 1 120 ? 14.646  -9.470  5.421   1.00 27.16  ? 140 GLU A O   1 
ATOM   970  C CB  . GLU A 1 120 ? 11.716  -9.943  4.661   1.00 23.94  ? 140 GLU A CB  1 
ATOM   971  C CG  . GLU A 1 120 ? 11.240  -10.664 5.924   1.00 28.83  ? 140 GLU A CG  1 
ATOM   972  C CD  . GLU A 1 120 ? 10.372  -11.855 5.622   1.00 33.75  ? 140 GLU A CD  1 
ATOM   973  O OE1 . GLU A 1 120 ? 9.681   -11.842 4.605   1.00 33.54  ? 140 GLU A OE1 1 
ATOM   974  O OE2 . GLU A 1 120 ? 10.456  -12.851 6.341   1.00 35.84  ? 140 GLU A OE2 1 
ATOM   975  N N   . ASN A 1 121 ? 13.611  -8.585  7.186   1.00 24.24  ? 141 ASN A N   1 
ATOM   976  C CA  . ASN A 1 121 ? 14.773  -8.517  8.070   1.00 24.51  ? 141 ASN A CA  1 
ATOM   977  C C   . ASN A 1 121 ? 15.706  -7.467  7.498   1.00 23.66  ? 141 ASN A C   1 
ATOM   978  O O   . ASN A 1 121 ? 16.552  -7.774  6.666   1.00 25.34  ? 141 ASN A O   1 
ATOM   979  C CB  . ASN A 1 121 ? 15.532  -9.847  8.144   1.00 24.19  ? 141 ASN A CB  1 
ATOM   980  C CG  . ASN A 1 121 ? 16.774  -9.710  9.058   1.00 28.16  ? 141 ASN A CG  1 
ATOM   981  O OD1 . ASN A 1 121 ? 16.951  -8.674  9.675   1.00 25.80  ? 141 ASN A OD1 1 
ATOM   982  N ND2 . ASN A 1 121 ? 17.615  -10.727 9.117   1.00 33.39  ? 141 ASN A ND2 1 
ATOM   983  N N   . PRO A 1 122 ? 15.543  -6.204  7.878   1.00 23.43  ? 142 PRO A N   1 
ATOM   984  C CA  . PRO A 1 122 ? 14.886  -5.634  9.038   1.00 22.94  ? 142 PRO A CA  1 
ATOM   985  C C   . PRO A 1 122 ? 13.413  -5.308  8.900   1.00 23.39  ? 142 PRO A C   1 
ATOM   986  O O   . PRO A 1 122 ? 12.790  -5.028  9.924   1.00 24.13  ? 142 PRO A O   1 
ATOM   987  C CB  . PRO A 1 122 ? 15.649  -4.295  9.212   1.00 22.79  ? 142 PRO A CB  1 
ATOM   988  C CG  . PRO A 1 122 ? 15.860  -3.908  7.739   1.00 19.90  ? 142 PRO A CG  1 
ATOM   989  C CD  . PRO A 1 122 ? 16.256  -5.178  7.083   1.00 20.96  ? 142 PRO A CD  1 
ATOM   990  N N   . TRP A 1 123 ? 12.826  -5.353  7.699   1.00 22.42  ? 143 TRP A N   1 
ATOM   991  C CA  . TRP A 1 123 ? 11.371  -5.144  7.598   1.00 21.76  ? 143 TRP A CA  1 
ATOM   992  C C   . TRP A 1 123 ? 10.609  -6.351  8.126   1.00 22.15  ? 143 TRP A C   1 
ATOM   993  O O   . TRP A 1 123 ? 11.067  -7.477  7.930   1.00 23.34  ? 143 TRP A O   1 
ATOM   994  C CB  . TRP A 1 123 ? 10.982  -4.993  6.110   1.00 19.98  ? 143 TRP A CB  1 
ATOM   995  C CG  . TRP A 1 123 ? 11.405  -3.634  5.677   1.00 19.97  ? 143 TRP A CG  1 
ATOM   996  C CD1 . TRP A 1 123 ? 12.598  -3.317  5.166   1.00 21.91  ? 143 TRP A CD1 1 
ATOM   997  C CD2 . TRP A 1 123 ? 10.613  -2.390  5.697   1.00 21.87  ? 143 TRP A CD2 1 
ATOM   998  N NE1 . TRP A 1 123 ? 12.652  -1.927  4.876   1.00 23.31  ? 143 TRP A NE1 1 
ATOM   999  C CE2 . TRP A 1 123 ? 11.463  -1.349  5.222   1.00 21.84  ? 143 TRP A CE2 1 
ATOM   1000 C CE3 . TRP A 1 123 ? 9.344   -2.064  6.124   1.00 22.84  ? 143 TRP A CE3 1 
ATOM   1001 C CZ2 . TRP A 1 123 ? 11.051  -0.019  5.130   1.00 24.47  ? 143 TRP A CZ2 1 
ATOM   1002 C CZ3 . TRP A 1 123 ? 8.895   -0.719  6.001   1.00 21.90  ? 143 TRP A CZ3 1 
ATOM   1003 C CH2 . TRP A 1 123 ? 9.763   0.293   5.541   1.00 21.77  ? 143 TRP A CH2 1 
ATOM   1004 N N   . VAL A 1 124 ? 9.469   -6.141  8.768   1.00 22.77  ? 144 VAL A N   1 
ATOM   1005 C CA  . VAL A 1 124 ? 8.626   -7.324  9.033   1.00 21.77  ? 144 VAL A CA  1 
ATOM   1006 C C   . VAL A 1 124 ? 7.465   -7.474  8.035   1.00 22.22  ? 144 VAL A C   1 
ATOM   1007 O O   . VAL A 1 124 ? 6.723   -6.537  7.733   1.00 21.74  ? 144 VAL A O   1 
ATOM   1008 C CB  . VAL A 1 124 ? 8.230   -7.543  10.539  1.00 26.06  ? 144 VAL A CB  1 
ATOM   1009 C CG1 . VAL A 1 124 ? 8.921   -6.597  11.618  1.00 26.12  ? 144 VAL A CG1 1 
ATOM   1010 C CG2 . VAL A 1 124 ? 6.808   -8.143  10.858  1.00 21.03  ? 144 VAL A CG2 1 
ATOM   1011 N N   . LYS A 1 125 ? 7.346   -8.662  7.507   1.00 23.12  ? 145 LYS A N   1 
ATOM   1012 C CA  . LYS A 1 125 ? 6.343   -8.877  6.500   1.00 25.56  ? 145 LYS A CA  1 
ATOM   1013 C C   . LYS A 1 125 ? 5.012   -9.118  7.223   1.00 26.07  ? 145 LYS A C   1 
ATOM   1014 O O   . LYS A 1 125 ? 4.929   -10.004 8.079   1.00 25.28  ? 145 LYS A O   1 
ATOM   1015 C CB  . LYS A 1 125 ? 6.693   -10.156 5.778   1.00 23.81  ? 145 LYS A CB  1 
ATOM   1016 C CG  . LYS A 1 125 ? 5.721   -10.538 4.665   1.00 29.53  ? 145 LYS A CG  1 
ATOM   1017 C CD  . LYS A 1 125 ? 6.120   -11.941 4.160   1.00 31.46  ? 145 LYS A CD  1 
ATOM   1018 C CE  . LYS A 1 125 ? 5.057   -12.401 3.155   1.00 39.82  ? 145 LYS A CE  1 
ATOM   1019 N NZ  . LYS A 1 125 ? 5.205   -13.787 2.595   1.00 41.68  ? 145 LYS A NZ  1 
ATOM   1020 N N   . VAL A 1 126 ? 3.981   -8.377  6.830   1.00 26.26  ? 146 VAL A N   1 
ATOM   1021 C CA  . VAL A 1 126 ? 2.599   -8.532  7.364   1.00 25.10  ? 146 VAL A CA  1 
ATOM   1022 C C   . VAL A 1 126 ? 1.934   -9.659  6.590   1.00 27.02  ? 146 VAL A C   1 
ATOM   1023 O O   . VAL A 1 126 ? 1.436   -10.622 7.183   1.00 25.78  ? 146 VAL A O   1 
ATOM   1024 C CB  . VAL A 1 126 ? 1.852   -7.209  7.247   1.00 25.06  ? 146 VAL A CB  1 
ATOM   1025 C CG1 . VAL A 1 126 ? 0.339   -7.332  7.716   1.00 23.80  ? 146 VAL A CG1 1 
ATOM   1026 C CG2 . VAL A 1 126 ? 2.595   -6.163  8.088   1.00 24.83  ? 146 VAL A CG2 1 
ATOM   1027 N N   . ASP A 1 127 ? 1.954   -9.594  5.241   1.00 24.28  ? 147 ASP A N   1 
ATOM   1028 C CA  . ASP A 1 127 ? 1.348   -10.690 4.521   1.00 26.51  ? 147 ASP A CA  1 
ATOM   1029 C C   . ASP A 1 127 ? 1.592   -10.450 3.040   1.00 26.21  ? 147 ASP A C   1 
ATOM   1030 O O   . ASP A 1 127 ? 1.899   -9.321  2.621   1.00 25.31  ? 147 ASP A O   1 
ATOM   1031 C CB  . ASP A 1 127 ? -0.224  -10.637 4.697   1.00 26.11  ? 147 ASP A CB  1 
ATOM   1032 C CG  . ASP A 1 127 ? -0.878  -12.005 4.385   1.00 30.61  ? 147 ASP A CG  1 
ATOM   1033 O OD1 . ASP A 1 127 ? -0.156  -12.976 4.070   1.00 30.88  ? 147 ASP A OD1 1 
ATOM   1034 O OD2 . ASP A 1 127 ? -2.111  -12.086 4.445   1.00 37.63  ? 147 ASP A OD2 1 
ATOM   1035 N N   . THR A 1 128 ? 1.363   -11.482 2.266   1.00 26.38  ? 148 THR A N   1 
ATOM   1036 C CA  . THR A 1 128 ? 1.263   -11.347 0.795   1.00 29.17  ? 148 THR A CA  1 
ATOM   1037 C C   . THR A 1 128 ? -0.193  -11.049 0.463   1.00 31.39  ? 148 THR A C   1 
ATOM   1038 O O   . THR A 1 128 ? -1.093  -11.754 0.983   1.00 31.13  ? 148 THR A O   1 
ATOM   1039 C CB  . THR A 1 128 ? 1.681   -12.686 0.148   1.00 28.33  ? 148 THR A CB  1 
ATOM   1040 O OG1 . THR A 1 128 ? 3.063   -12.903 0.468   1.00 27.94  ? 148 THR A OG1 1 
ATOM   1041 C CG2 . THR A 1 128 ? 1.517   -12.685 -1.389  1.00 29.03  ? 148 THR A CG2 1 
ATOM   1042 N N   . ILE A 1 129 ? -0.428  -9.998  -0.320  1.00 31.30  ? 149 ILE A N   1 
ATOM   1043 C CA  . ILE A 1 129 ? -1.760  -9.493  -0.560  1.00 32.28  ? 149 ILE A CA  1 
ATOM   1044 C C   . ILE A 1 129 ? -2.175  -9.957  -1.980  1.00 34.38  ? 149 ILE A C   1 
ATOM   1045 O O   . ILE A 1 129 ? -1.418  -9.774  -2.956  1.00 31.68  ? 149 ILE A O   1 
ATOM   1046 C CB  . ILE A 1 129 ? -1.819  -7.961  -0.394  1.00 32.08  ? 149 ILE A CB  1 
ATOM   1047 C CG1 . ILE A 1 129 ? -1.241  -7.527  0.997   1.00 30.69  ? 149 ILE A CG1 1 
ATOM   1048 C CG2 . ILE A 1 129 ? -3.287  -7.393  -0.618  1.00 30.62  ? 149 ILE A CG2 1 
ATOM   1049 C CD1 . ILE A 1 129 ? -1.952  -8.152  2.225   1.00 29.27  ? 149 ILE A CD1 1 
ATOM   1050 N N   . ALA A 1 130 ? -3.357  -10.596 -2.066  1.00 35.08  ? 150 ALA A N   1 
ATOM   1051 C CA  . ALA A 1 130 ? -3.936  -11.013 -3.346  1.00 37.64  ? 150 ALA A CA  1 
ATOM   1052 C C   . ALA A 1 130 ? -5.315  -10.445 -3.651  1.00 38.34  ? 150 ALA A C   1 
ATOM   1053 O O   . ALA A 1 130 ? -6.054  -10.029 -2.773  1.00 38.59  ? 150 ALA A O   1 
ATOM   1054 C CB  . ALA A 1 130 ? -3.908  -12.559 -3.498  1.00 37.34  ? 150 ALA A CB  1 
ATOM   1055 N N   . ALA A 1 131 ? -5.661  -10.387 -4.934  1.00 41.40  ? 151 ALA A N   1 
ATOM   1056 C CA  . ALA A 1 131 ? -6.989  -9.936  -5.291  1.00 44.65  ? 151 ALA A CA  1 
ATOM   1057 C C   . ALA A 1 131 ? -8.004  -11.009 -4.882  1.00 47.46  ? 151 ALA A C   1 
ATOM   1058 O O   . ALA A 1 131 ? -7.742  -12.213 -5.033  1.00 49.07  ? 151 ALA A O   1 
ATOM   1059 C CB  . ALA A 1 131 ? -7.086  -9.640  -6.770  1.00 43.70  ? 151 ALA A CB  1 
ATOM   1060 N N   . ASP A 1 132 ? -9.114  -10.550 -4.323  1.00 49.53  ? 152 ASP A N   1 
ATOM   1061 C CA  . ASP A 1 132 ? -10.349 -11.323 -4.129  1.00 53.35  ? 152 ASP A CA  1 
ATOM   1062 C C   . ASP A 1 132 ? -11.159 -11.576 -5.387  1.00 53.46  ? 152 ASP A C   1 
ATOM   1063 O O   . ASP A 1 132 ? -10.835 -11.151 -6.495  1.00 53.30  ? 152 ASP A O   1 
ATOM   1064 C CB  . ASP A 1 132 ? -11.332 -10.467 -3.297  1.00 53.83  ? 152 ASP A CB  1 
ATOM   1065 C CG  . ASP A 1 132 ? -11.325 -10.840 -1.880  1.00 57.80  ? 152 ASP A CG  1 
ATOM   1066 O OD1 . ASP A 1 132 ? -10.711 -11.893 -1.638  1.00 63.82  ? 152 ASP A OD1 1 
ATOM   1067 O OD2 . ASP A 1 132 ? -11.913 -10.123 -1.015  1.00 62.97  ? 152 ASP A OD2 1 
ATOM   1068 N N   . GLU A 1 133 ? -12.314 -12.168 -5.151  1.00 54.74  ? 153 GLU A N   1 
ATOM   1069 C CA  . GLU A 1 133 ? -13.397 -12.056 -6.122  1.00 56.54  ? 153 GLU A CA  1 
ATOM   1070 C C   . GLU A 1 133 ? -14.380 -10.965 -5.669  1.00 55.49  ? 153 GLU A C   1 
ATOM   1071 O O   . GLU A 1 133 ? -15.396 -10.752 -6.335  1.00 56.41  ? 153 GLU A O   1 
ATOM   1072 C CB  . GLU A 1 133 ? -14.096 -13.405 -6.322  1.00 57.15  ? 153 GLU A CB  1 
ATOM   1073 C CG  . GLU A 1 133 ? -13.150 -14.463 -6.952  1.00 64.00  ? 153 GLU A CG  1 
ATOM   1074 C CD  . GLU A 1 133 ? -13.887 -15.741 -7.384  1.00 72.42  ? 153 GLU A CD  1 
ATOM   1075 O OE1 . GLU A 1 133 ? -14.775 -16.220 -6.611  1.00 76.14  ? 153 GLU A OE1 1 
ATOM   1076 O OE2 . GLU A 1 133 ? -13.585 -16.258 -8.495  1.00 75.00  ? 153 GLU A OE2 1 
ATOM   1077 N N   . SER A 1 134 ? -14.081 -10.320 -4.532  1.00 53.32  ? 154 SER A N   1 
ATOM   1078 C CA  . SER A 1 134 ? -14.799 -9.151  -4.058  1.00 52.16  ? 154 SER A CA  1 
ATOM   1079 C C   . SER A 1 134 ? -14.206 -7.824  -4.537  1.00 51.09  ? 154 SER A C   1 
ATOM   1080 O O   . SER A 1 134 ? -13.196 -7.362  -4.000  1.00 51.78  ? 154 SER A O   1 
ATOM   1081 C CB  . SER A 1 134 ? -14.845 -9.139  -2.556  1.00 52.03  ? 154 SER A CB  1 
ATOM   1082 O OG  . SER A 1 134 ? -15.682 -10.182 -2.186  1.00 54.45  ? 154 SER A OG  1 
ATOM   1083 N N   . ILE A 1 135 ? -14.901 -7.203  -5.492  1.00 48.06  ? 155 ILE A N   1 
ATOM   1084 C CA  . ILE A 1 135 ? -14.439 -6.071  -6.273  1.00 46.13  ? 155 ILE A CA  1 
ATOM   1085 C C   . ILE A 1 135 ? -15.500 -4.956  -6.059  1.00 44.27  ? 155 ILE A C   1 
ATOM   1086 O O   . ILE A 1 135 ? -16.695 -5.248  -5.942  1.00 41.89  ? 155 ILE A O   1 
ATOM   1087 C CB  . ILE A 1 135 ? -14.424 -6.517  -7.795  1.00 47.05  ? 155 ILE A CB  1 
ATOM   1088 C CG1 . ILE A 1 135 ? -13.578 -7.805  -8.059  1.00 47.43  ? 155 ILE A CG1 1 
ATOM   1089 C CG2 . ILE A 1 135 ? -14.250 -5.355  -8.701  1.00 50.20  ? 155 ILE A CG2 1 
ATOM   1090 C CD1 . ILE A 1 135 ? -12.133 -7.688  -8.724  1.00 51.19  ? 155 ILE A CD1 1 
ATOM   1091 N N   . SER A 1 136 ? -15.074 -3.712  -5.920  1.00 42.46  ? 156 SER A N   1 
ATOM   1092 C CA  . SER A 1 136 ? -15.943 -2.583  -6.142  1.00 43.65  ? 156 SER A CA  1 
ATOM   1093 C C   . SER A 1 136 ? -15.403 -1.849  -7.358  1.00 45.66  ? 156 SER A C   1 
ATOM   1094 O O   . SER A 1 136 ? -14.563 -2.387  -8.123  1.00 44.08  ? 156 SER A O   1 
ATOM   1095 C CB  . SER A 1 136 ? -16.030 -1.629  -4.927  1.00 44.45  ? 156 SER A CB  1 
ATOM   1096 O OG  . SER A 1 136 ? -14.774 -1.068  -4.528  1.00 45.66  ? 156 SER A OG  1 
ATOM   1097 N N   . GLN A 1 137 ? -15.863 -0.619  -7.532  1.00 47.13  ? 157 GLN A N   1 
ATOM   1098 C CA  . GLN A 1 137 ? -15.310 0.224   -8.577  1.00 49.76  ? 157 GLN A CA  1 
ATOM   1099 C C   . GLN A 1 137 ? -15.042 1.658   -8.108  1.00 51.75  ? 157 GLN A C   1 
ATOM   1100 O O   . GLN A 1 137 ? -15.619 2.137   -7.136  1.00 52.60  ? 157 GLN A O   1 
ATOM   1101 C CB  . GLN A 1 137 ? -16.181 0.185   -9.825  1.00 48.81  ? 157 GLN A CB  1 
ATOM   1102 C CG  . GLN A 1 137 ? -16.388 -1.201  -10.353 1.00 46.86  ? 157 GLN A CG  1 
ATOM   1103 C CD  . GLN A 1 137 ? -17.336 -1.162  -11.509 1.00 49.45  ? 157 GLN A CD  1 
ATOM   1104 O OE1 . GLN A 1 137 ? -17.020 -1.622  -12.597 1.00 51.97  ? 157 GLN A OE1 1 
ATOM   1105 N NE2 . GLN A 1 137 ? -18.527 -0.589  -11.289 1.00 48.47  ? 157 GLN A NE2 1 
ATOM   1106 N N   . VAL A 1 138 ? -14.110 2.340   -8.752  1.00 55.31  ? 158 VAL A N   1 
ATOM   1107 C CA  . VAL A 1 138 ? -13.992 3.758   -8.478  1.00 58.18  ? 158 VAL A CA  1 
ATOM   1108 C C   . VAL A 1 138 ? -13.791 4.448   -9.809  1.00 60.36  ? 158 VAL A C   1 
ATOM   1109 O O   . VAL A 1 138 ? -13.571 3.780   -10.842 1.00 60.86  ? 158 VAL A O   1 
ATOM   1110 C CB  . VAL A 1 138 ? -12.875 4.134   -7.420  1.00 59.31  ? 158 VAL A CB  1 
ATOM   1111 C CG1 . VAL A 1 138 ? -13.361 3.846   -5.950  1.00 59.28  ? 158 VAL A CG1 1 
ATOM   1112 C CG2 . VAL A 1 138 ? -11.513 3.462   -7.752  1.00 58.01  ? 158 VAL A CG2 1 
ATOM   1113 N N   . ASP A 1 139 ? -13.916 5.775   -9.754  1.00 62.48  ? 159 ASP A N   1 
ATOM   1114 C CA  . ASP A 1 139 ? -13.723 6.669   -10.876 1.00 64.67  ? 159 ASP A CA  1 
ATOM   1115 C C   . ASP A 1 139 ? -12.453 7.528   -10.614 1.00 65.52  ? 159 ASP A C   1 
ATOM   1116 O O   . ASP A 1 139 ? -12.386 8.296   -9.636  1.00 65.32  ? 159 ASP A O   1 
ATOM   1117 C CB  . ASP A 1 139 ? -14.998 7.514   -11.050 1.00 64.76  ? 159 ASP A CB  1 
ATOM   1118 C CG  . ASP A 1 139 ? -14.757 8.811   -11.815 1.00 67.06  ? 159 ASP A CG  1 
ATOM   1119 O OD1 . ASP A 1 139 ? -15.097 9.904   -11.266 1.00 69.77  ? 159 ASP A OD1 1 
ATOM   1120 O OD2 . ASP A 1 139 ? -14.215 8.736   -12.946 1.00 66.80  ? 159 ASP A OD2 1 
ATOM   1121 N N   . LEU A 1 140 ? -11.432 7.333   -11.459 1.00 66.98  ? 160 LEU A N   1 
ATOM   1122 C CA  . LEU A 1 140 ? -10.179 8.110   -11.412 1.00 68.22  ? 160 LEU A CA  1 
ATOM   1123 C C   . LEU A 1 140 ? -9.830  8.609   -12.814 1.00 69.50  ? 160 LEU A C   1 
ATOM   1124 O O   . LEU A 1 140 ? -9.620  7.811   -13.744 1.00 69.27  ? 160 LEU A O   1 
ATOM   1125 C CB  . LEU A 1 140 ? -9.006  7.264   -10.909 1.00 67.96  ? 160 LEU A CB  1 
ATOM   1126 C CG  . LEU A 1 140 ? -9.104  6.451   -9.627  1.00 67.55  ? 160 LEU A CG  1 
ATOM   1127 C CD1 . LEU A 1 140 ? -7.819  5.658   -9.569  1.00 67.20  ? 160 LEU A CD1 1 
ATOM   1128 C CD2 . LEU A 1 140 ? -9.347  7.339   -8.361  1.00 64.31  ? 160 LEU A CD2 1 
ATOM   1129 N N   . GLY A 1 141 ? -9.741  9.928   -12.962 1.00 71.31  ? 161 GLY A N   1 
ATOM   1130 C CA  . GLY A 1 141 ? -9.545  10.541  -14.286 1.00 72.96  ? 161 GLY A CA  1 
ATOM   1131 C C   . GLY A 1 141 ? -10.849 10.419  -15.059 1.00 74.15  ? 161 GLY A C   1 
ATOM   1132 O O   . GLY A 1 141 ? -11.933 10.778  -14.546 1.00 74.65  ? 161 GLY A O   1 
ATOM   1133 N N   . GLY A 1 142 ? -10.775 9.869   -16.269 1.00 74.78  ? 162 GLY A N   1 
ATOM   1134 C CA  . GLY A 1 142 ? -11.999 9.576   -17.010 1.00 75.08  ? 162 GLY A CA  1 
ATOM   1135 C C   . GLY A 1 142 ? -12.751 8.344   -16.507 1.00 75.06  ? 162 GLY A C   1 
ATOM   1136 O O   . GLY A 1 142 ? -13.992 8.375   -16.401 1.00 75.14  ? 162 GLY A O   1 
ATOM   1137 N N   . ARG A 1 143 ? -11.988 7.302   -16.139 1.00 74.61  ? 163 ARG A N   1 
ATOM   1138 C CA  . ARG A 1 143 ? -12.436 5.889   -16.114 1.00 73.88  ? 163 ARG A CA  1 
ATOM   1139 C C   . ARG A 1 143 ? -12.833 5.247   -14.749 1.00 72.38  ? 163 ARG A C   1 
ATOM   1140 O O   . ARG A 1 143 ? -12.526 5.756   -13.660 1.00 71.78  ? 163 ARG A O   1 
ATOM   1141 C CB  . ARG A 1 143 ? -11.359 5.009   -16.756 1.00 74.66  ? 163 ARG A CB  1 
ATOM   1142 C CG  . ARG A 1 143 ? -10.819 5.470   -18.124 1.00 78.78  ? 163 ARG A CG  1 
ATOM   1143 C CD  . ARG A 1 143 ? -9.462  4.798   -18.399 1.00 84.63  ? 163 ARG A CD  1 
ATOM   1144 N NE  . ARG A 1 143 ? -9.455  3.985   -19.627 1.00 89.52  ? 163 ARG A NE  1 
ATOM   1145 C CZ  . ARG A 1 143 ? -9.493  2.642   -19.659 1.00 92.57  ? 163 ARG A CZ  1 
ATOM   1146 N NH1 . ARG A 1 143 ? -9.533  1.932   -18.522 1.00 92.34  ? 163 ARG A NH1 1 
ATOM   1147 N NH2 . ARG A 1 143 ? -9.474  2.002   -20.834 1.00 92.60  ? 163 ARG A NH2 1 
ATOM   1148 N N   . VAL A 1 144 ? -13.505 4.103   -14.841 1.00 70.24  ? 164 VAL A N   1 
ATOM   1149 C CA  . VAL A 1 144 ? -13.888 3.304   -13.675 1.00 68.26  ? 164 VAL A CA  1 
ATOM   1150 C C   . VAL A 1 144 ? -13.188 1.931   -13.736 1.00 66.95  ? 164 VAL A C   1 
ATOM   1151 O O   . VAL A 1 144 ? -13.380 1.169   -14.698 1.00 66.89  ? 164 VAL A O   1 
ATOM   1152 C CB  . VAL A 1 144 ? -15.422 3.130   -13.619 1.00 68.28  ? 164 VAL A CB  1 
ATOM   1153 C CG1 . VAL A 1 144 ? -16.021 3.306   -15.001 1.00 68.25  ? 164 VAL A CG1 1 
ATOM   1154 C CG2 . VAL A 1 144 ? -15.794 1.785   -13.036 1.00 67.87  ? 164 VAL A CG2 1 
ATOM   1155 N N   . MET A 1 145 ? -12.353 1.622   -12.739 1.00 64.48  ? 165 MET A N   1 
ATOM   1156 C CA  . MET A 1 145 ? -11.649 0.328   -12.737 1.00 61.69  ? 165 MET A CA  1 
ATOM   1157 C C   . MET A 1 145 ? -12.157 -0.595  -11.622 1.00 58.05  ? 165 MET A C   1 
ATOM   1158 O O   . MET A 1 145 ? -12.735 -0.126  -10.653 1.00 57.05  ? 165 MET A O   1 
ATOM   1159 C CB  . MET A 1 145 ? -10.115 0.515   -12.678 1.00 62.87  ? 165 MET A CB  1 
ATOM   1160 C CG  . MET A 1 145 ? -9.546  1.227   -11.420 1.00 66.93  ? 165 MET A CG  1 
ATOM   1161 S SD  . MET A 1 145 ? -7.701  1.185   -11.291 1.00 74.85  ? 165 MET A SD  1 
ATOM   1162 C CE  . MET A 1 145 ? -7.289  2.456   -12.497 1.00 72.26  ? 165 MET A CE  1 
ATOM   1163 N N   . LYS A 1 146 ? -11.965 -1.902  -11.773 1.00 54.04  ? 166 LYS A N   1 
ATOM   1164 C CA  . LYS A 1 146 ? -12.221 -2.822  -10.671 1.00 50.98  ? 166 LYS A CA  1 
ATOM   1165 C C   . LYS A 1 146 ? -11.134 -2.696  -9.611  1.00 47.86  ? 166 LYS A C   1 
ATOM   1166 O O   . LYS A 1 146 ? -9.954  -2.730  -9.938  1.00 47.41  ? 166 LYS A O   1 
ATOM   1167 C CB  . LYS A 1 146 ? -12.286 -4.264  -11.144 1.00 51.53  ? 166 LYS A CB  1 
ATOM   1168 C CG  . LYS A 1 146 ? -13.488 -4.547  -12.025 1.00 55.81  ? 166 LYS A CG  1 
ATOM   1169 C CD  . LYS A 1 146 ? -13.884 -6.041  -12.013 1.00 61.40  ? 166 LYS A CD  1 
ATOM   1170 C CE  . LYS A 1 146 ? -15.441 -6.190  -12.022 1.00 64.41  ? 166 LYS A CE  1 
ATOM   1171 N NZ  . LYS A 1 146 ? -16.119 -6.062  -13.357 1.00 65.86  ? 166 LYS A NZ  1 
ATOM   1172 N N   . ILE A 1 147 ? -11.544 -2.527  -8.356  1.00 43.53  ? 167 ILE A N   1 
ATOM   1173 C CA  . ILE A 1 147 ? -10.626 -2.528  -7.196  1.00 40.13  ? 167 ILE A CA  1 
ATOM   1174 C C   . ILE A 1 147 ? -11.027 -3.444  -6.048  1.00 39.55  ? 167 ILE A C   1 
ATOM   1175 O O   . ILE A 1 147 ? -12.231 -3.636  -5.712  1.00 38.31  ? 167 ILE A O   1 
ATOM   1176 C CB  . ILE A 1 147 ? -10.362 -1.156  -6.584  1.00 39.00  ? 167 ILE A CB  1 
ATOM   1177 C CG1 . ILE A 1 147 ? -11.563 -0.669  -5.847  1.00 36.38  ? 167 ILE A CG1 1 
ATOM   1178 C CG2 . ILE A 1 147 ? -9.896  -0.144  -7.664  1.00 40.96  ? 167 ILE A CG2 1 
ATOM   1179 C CD1 . ILE A 1 147 ? -11.167 0.473   -4.911  1.00 36.98  ? 167 ILE A CD1 1 
ATOM   1180 N N   . ASN A 1 148 ? -9.991  -4.022  -5.459  1.00 36.01  ? 168 ASN A N   1 
ATOM   1181 C CA  . ASN A 1 148 ? -10.141 -4.903  -4.358  1.00 34.86  ? 168 ASN A CA  1 
ATOM   1182 C C   . ASN A 1 148 ? -9.818  -4.097  -3.136  1.00 34.12  ? 168 ASN A C   1 
ATOM   1183 O O   . ASN A 1 148 ? -9.100  -3.085  -3.223  1.00 33.88  ? 168 ASN A O   1 
ATOM   1184 C CB  . ASN A 1 148 ? -9.142  -6.041  -4.487  1.00 35.10  ? 168 ASN A CB  1 
ATOM   1185 C CG  . ASN A 1 148 ? -9.465  -6.950  -5.616  1.00 36.24  ? 168 ASN A CG  1 
ATOM   1186 O OD1 . ASN A 1 148 ? -9.018  -6.752  -6.745  1.00 41.27  ? 168 ASN A OD1 1 
ATOM   1187 N ND2 . ASN A 1 148 ? -10.228 -7.976  -5.319  1.00 35.64  ? 168 ASN A ND2 1 
ATOM   1188 N N   . THR A 1 149 ? -10.298 -4.546  -1.988  1.00 33.97  ? 169 THR A N   1 
ATOM   1189 C CA  . THR A 1 149 ? -10.047 -3.811  -0.745  1.00 34.48  ? 169 THR A CA  1 
ATOM   1190 C C   . THR A 1 149 ? -9.659  -4.919  0.190   1.00 35.36  ? 169 THR A C   1 
ATOM   1191 O O   . THR A 1 149 ? -10.383 -5.918  0.277   1.00 34.46  ? 169 THR A O   1 
ATOM   1192 C CB  . THR A 1 149 ? -11.291 -3.024  -0.210  1.00 34.45  ? 169 THR A CB  1 
ATOM   1193 O OG1 . THR A 1 149 ? -11.627 -1.989  -1.128  1.00 32.62  ? 169 THR A OG1 1 
ATOM   1194 C CG2 . THR A 1 149 ? -11.002 -2.270  1.186   1.00 33.49  ? 169 THR A CG2 1 
ATOM   1195 N N   . GLU A 1 150 ? -8.481  -4.783  0.827   1.00 33.72  ? 170 GLU A N   1 
ATOM   1196 C CA  . GLU A 1 150 ? -7.977  -5.801  1.746   1.00 33.42  ? 170 GLU A CA  1 
ATOM   1197 C C   . GLU A 1 150 ? -7.439  -5.073  2.953   1.00 32.40  ? 170 GLU A C   1 
ATOM   1198 O O   . GLU A 1 150 ? -6.862  -4.021  2.802   1.00 33.59  ? 170 GLU A O   1 
ATOM   1199 C CB  . GLU A 1 150 ? -6.831  -6.615  1.129   1.00 34.62  ? 170 GLU A CB  1 
ATOM   1200 C CG  . GLU A 1 150 ? -7.244  -7.579  0.015   1.00 39.33  ? 170 GLU A CG  1 
ATOM   1201 C CD  . GLU A 1 150 ? -8.016  -8.774  0.561   1.00 44.47  ? 170 GLU A CD  1 
ATOM   1202 O OE1 . GLU A 1 150 ? -7.802  -9.134  1.721   1.00 45.36  ? 170 GLU A OE1 1 
ATOM   1203 O OE2 . GLU A 1 150 ? -8.845  -9.353  -0.168  1.00 47.97  ? 170 GLU A OE2 1 
ATOM   1204 N N   . VAL A 1 151 ? -7.620  -5.649  4.137   1.00 31.47  ? 171 VAL A N   1 
ATOM   1205 C CA  . VAL A 1 151 ? -7.210  -5.031  5.375   1.00 32.36  ? 171 VAL A CA  1 
ATOM   1206 C C   . VAL A 1 151 ? -6.359  -6.064  6.079   1.00 32.74  ? 171 VAL A C   1 
ATOM   1207 O O   . VAL A 1 151 ? -6.701  -7.254  6.069   1.00 33.78  ? 171 VAL A O   1 
ATOM   1208 C CB  . VAL A 1 151 ? -8.424  -4.678  6.282   1.00 33.49  ? 171 VAL A CB  1 
ATOM   1209 C CG1 . VAL A 1 151 ? -7.972  -3.795  7.473   1.00 31.18  ? 171 VAL A CG1 1 
ATOM   1210 C CG2 . VAL A 1 151 ? -9.520  -3.981  5.451   1.00 34.43  ? 171 VAL A CG2 1 
ATOM   1211 N N   . ARG A 1 152 ? -5.241  -5.635  6.662   1.00 31.42  ? 172 ARG A N   1 
ATOM   1212 C CA  . ARG A 1 152 ? -4.459  -6.534  7.455   1.00 31.02  ? 172 ARG A CA  1 
ATOM   1213 C C   . ARG A 1 152 ? -4.155  -5.768  8.687   1.00 31.68  ? 172 ARG A C   1 
ATOM   1214 O O   . ARG A 1 152 ? -4.250  -4.537  8.693   1.00 33.03  ? 172 ARG A O   1 
ATOM   1215 C CB  . ARG A 1 152 ? -3.124  -6.925  6.788   1.00 31.23  ? 172 ARG A CB  1 
ATOM   1216 C CG  . ARG A 1 152 ? -3.265  -7.790  5.513   1.00 32.00  ? 172 ARG A CG  1 
ATOM   1217 C CD  . ARG A 1 152 ? -3.858  -9.207  5.812   1.00 32.87  ? 172 ARG A CD  1 
ATOM   1218 N NE  . ARG A 1 152 ? -3.911  -10.008 4.585   1.00 35.84  ? 172 ARG A NE  1 
ATOM   1219 C CZ  . ARG A 1 152 ? -4.875  -9.926  3.649   1.00 36.17  ? 172 ARG A CZ  1 
ATOM   1220 N NH1 . ARG A 1 152 ? -5.901  -9.097  3.798   1.00 33.30  ? 172 ARG A NH1 1 
ATOM   1221 N NH2 . ARG A 1 152 ? -4.800  -10.688 2.558   1.00 36.06  ? 172 ARG A NH2 1 
ATOM   1222 N N   . SER A 1 153 ? -3.764  -6.474  9.743   1.00 32.47  ? 173 SER A N   1 
ATOM   1223 C CA  . SER A 1 153 ? -3.339  -5.737  10.940  1.00 34.02  ? 173 SER A CA  1 
ATOM   1224 C C   . SER A 1 153 ? -2.048  -6.392  11.479  1.00 33.90  ? 173 SER A C   1 
ATOM   1225 O O   . SER A 1 153 ? -1.698  -7.528  11.085  1.00 35.18  ? 173 SER A O   1 
ATOM   1226 C CB  . SER A 1 153 ? -4.469  -5.728  12.015  1.00 33.89  ? 173 SER A CB  1 
ATOM   1227 O OG  . SER A 1 153 ? -4.578  -7.031  12.545  1.00 36.65  ? 173 SER A OG  1 
ATOM   1228 N N   . PHE A 1 154 ? -1.307  -5.675  12.322  1.00 34.06  ? 174 PHE A N   1 
ATOM   1229 C CA  . PHE A 1 154 ? -0.098  -6.284  12.933  1.00 34.92  ? 174 PHE A CA  1 
ATOM   1230 C C   . PHE A 1 154 ? 0.136   -5.641  14.294  1.00 35.67  ? 174 PHE A C   1 
ATOM   1231 O O   . PHE A 1 154 ? -0.372  -4.554  14.586  1.00 36.09  ? 174 PHE A O   1 
ATOM   1232 C CB  . PHE A 1 154 ? 1.161   -6.035  12.069  1.00 32.52  ? 174 PHE A CB  1 
ATOM   1233 C CG  . PHE A 1 154 ? 1.377   -4.583  11.720  1.00 32.14  ? 174 PHE A CG  1 
ATOM   1234 C CD1 . PHE A 1 154 ? 0.787   -4.031  10.567  1.00 32.71  ? 174 PHE A CD1 1 
ATOM   1235 C CD2 . PHE A 1 154 ? 2.238   -3.782  12.469  1.00 27.11  ? 174 PHE A CD2 1 
ATOM   1236 C CE1 . PHE A 1 154 ? 0.978   -2.684  10.253  1.00 31.85  ? 174 PHE A CE1 1 
ATOM   1237 C CE2 . PHE A 1 154 ? 2.458   -2.443  12.151  1.00 26.11  ? 174 PHE A CE2 1 
ATOM   1238 C CZ  . PHE A 1 154 ? 1.833   -1.886  11.025  1.00 32.51  ? 174 PHE A CZ  1 
ATOM   1239 N N   . GLY A 1 155 ? 0.942   -6.303  15.100  1.00 39.38  ? 175 GLY A N   1 
ATOM   1240 C CA  . GLY A 1 155 ? 1.340   -5.789  16.442  1.00 40.99  ? 175 GLY A CA  1 
ATOM   1241 C C   . GLY A 1 155 ? 1.826   -6.934  17.315  1.00 43.01  ? 175 GLY A C   1 
ATOM   1242 O O   . GLY A 1 155 ? 1.821   -8.103  16.891  1.00 43.25  ? 175 GLY A O   1 
ATOM   1243 N N   . PRO A 1 156 ? 2.244   -6.633  18.559  1.00 44.22  ? 176 PRO A N   1 
ATOM   1244 C CA  . PRO A 1 156 ? 2.248   -5.292  19.125  1.00 45.77  ? 176 PRO A CA  1 
ATOM   1245 C C   . PRO A 1 156 ? 3.331   -4.456  18.500  1.00 45.83  ? 176 PRO A C   1 
ATOM   1246 O O   . PRO A 1 156 ? 4.368   -4.997  18.077  1.00 47.78  ? 176 PRO A O   1 
ATOM   1247 C CB  . PRO A 1 156 ? 2.571   -5.529  20.630  1.00 46.26  ? 176 PRO A CB  1 
ATOM   1248 C CG  . PRO A 1 156 ? 3.230   -6.884  20.701  1.00 45.79  ? 176 PRO A CG  1 
ATOM   1249 C CD  . PRO A 1 156 ? 2.776   -7.671  19.480  1.00 44.83  ? 176 PRO A CD  1 
ATOM   1250 N N   . VAL A 1 157 ? 3.074   -3.168  18.427  1.00 46.14  ? 177 VAL A N   1 
ATOM   1251 C CA  . VAL A 1 157 ? 4.047   -2.194  17.998  1.00 47.91  ? 177 VAL A CA  1 
ATOM   1252 C C   . VAL A 1 157 ? 4.373   -1.314  19.236  1.00 48.99  ? 177 VAL A C   1 
ATOM   1253 O O   . VAL A 1 157 ? 3.467   -0.920  19.960  1.00 49.20  ? 177 VAL A O   1 
ATOM   1254 C CB  . VAL A 1 157 ? 3.453   -1.316  16.842  1.00 48.00  ? 177 VAL A CB  1 
ATOM   1255 C CG1 . VAL A 1 157 ? 4.047   0.019   16.832  1.00 48.74  ? 177 VAL A CG1 1 
ATOM   1256 C CG2 . VAL A 1 157 ? 3.627   -1.973  15.475  1.00 45.06  ? 177 VAL A CG2 1 
ATOM   1257 N N   . SER A 1 158 ? 5.643   -0.995  19.475  1.00 49.51  ? 178 SER A N   1 
ATOM   1258 C CA  . SER A 1 158 ? 5.985   -0.252  20.733  1.00 50.67  ? 178 SER A CA  1 
ATOM   1259 C C   . SER A 1 158 ? 6.669   1.115   20.553  1.00 49.57  ? 178 SER A C   1 
ATOM   1260 O O   . SER A 1 158 ? 6.400   2.073   21.315  1.00 49.26  ? 178 SER A O   1 
ATOM   1261 C CB  . SER A 1 158 ? 6.784   -1.157  21.703  1.00 51.29  ? 178 SER A CB  1 
ATOM   1262 O OG  . SER A 1 158 ? 7.569   -2.137  21.012  1.00 53.73  ? 178 SER A OG  1 
ATOM   1263 N N   . ARG A 1 159 ? 7.508   1.221   19.511  1.00 47.25  ? 179 ARG A N   1 
ATOM   1264 C CA  . ARG A 1 159 ? 8.188   2.473   19.223  1.00 45.34  ? 179 ARG A CA  1 
ATOM   1265 C C   . ARG A 1 159 ? 7.238   3.569   18.893  1.00 43.70  ? 179 ARG A C   1 
ATOM   1266 O O   . ARG A 1 159 ? 6.053   3.319   18.767  1.00 44.10  ? 179 ARG A O   1 
ATOM   1267 C CB  . ARG A 1 159 ? 9.193   2.265   18.123  1.00 44.78  ? 179 ARG A CB  1 
ATOM   1268 C CG  . ARG A 1 159 ? 10.229  1.292   18.576  1.00 44.35  ? 179 ARG A CG  1 
ATOM   1269 C CD  . ARG A 1 159 ? 11.342  1.190   17.553  1.00 47.76  ? 179 ARG A CD  1 
ATOM   1270 N NE  . ARG A 1 159 ? 12.214  0.073   17.878  1.00 51.00  ? 179 ARG A NE  1 
ATOM   1271 C CZ  . ARG A 1 159 ? 13.160  0.134   18.808  1.00 55.30  ? 179 ARG A CZ  1 
ATOM   1272 N NH1 . ARG A 1 159 ? 13.360  1.268   19.475  1.00 52.98  ? 179 ARG A NH1 1 
ATOM   1273 N NH2 . ARG A 1 159 ? 13.909  -0.932  19.065  1.00 54.93  ? 179 ARG A NH2 1 
ATOM   1274 N N   . ASN A 1 160 ? 7.733   4.797   18.798  1.00 41.92  ? 180 ASN A N   1 
ATOM   1275 C CA  . ASN A 1 160 ? 6.875   5.940   18.485  1.00 42.21  ? 180 ASN A CA  1 
ATOM   1276 C C   . ASN A 1 160 ? 6.162   5.956   17.133  1.00 41.97  ? 180 ASN A C   1 
ATOM   1277 O O   . ASN A 1 160 ? 5.138   6.626   16.983  1.00 41.97  ? 180 ASN A O   1 
ATOM   1278 C CB  . ASN A 1 160 ? 7.672   7.229   18.495  1.00 42.68  ? 180 ASN A CB  1 
ATOM   1279 C CG  . ASN A 1 160 ? 8.220   7.570   19.889  1.00 49.35  ? 180 ASN A CG  1 
ATOM   1280 O OD1 . ASN A 1 160 ? 9.428   7.858   20.031  1.00 55.27  ? 180 ASN A OD1 1 
ATOM   1281 N ND2 . ASN A 1 160 ? 7.343   7.531   20.915  1.00 48.29  ? 180 ASN A ND2 1 
ATOM   1282 N N   . GLY A 1 161 ? 6.764   5.343   16.118  1.00 38.50  ? 181 GLY A N   1 
ATOM   1283 C CA  . GLY A 1 161 ? 6.187   5.417   14.774  1.00 34.94  ? 181 GLY A CA  1 
ATOM   1284 C C   . GLY A 1 161 ? 6.603   4.186   13.976  1.00 32.84  ? 181 GLY A C   1 
ATOM   1285 O O   . GLY A 1 161 ? 7.220   3.267   14.506  1.00 32.16  ? 181 GLY A O   1 
ATOM   1286 N N   . PHE A 1 162 ? 6.286   4.184   12.675  1.00 31.61  ? 182 PHE A N   1 
ATOM   1287 C CA  . PHE A 1 162 ? 6.667   3.120   11.808  1.00 30.39  ? 182 PHE A CA  1 
ATOM   1288 C C   . PHE A 1 162 ? 6.401   3.596   10.383  1.00 29.35  ? 182 PHE A C   1 
ATOM   1289 O O   . PHE A 1 162 ? 5.756   4.628   10.161  1.00 29.91  ? 182 PHE A O   1 
ATOM   1290 C CB  . PHE A 1 162 ? 5.831   1.849   12.078  1.00 30.61  ? 182 PHE A CB  1 
ATOM   1291 C CG  . PHE A 1 162 ? 4.317   2.107   11.970  1.00 35.66  ? 182 PHE A CG  1 
ATOM   1292 C CD1 . PHE A 1 162 ? 3.646   1.996   10.740  1.00 34.17  ? 182 PHE A CD1 1 
ATOM   1293 C CD2 . PHE A 1 162 ? 3.594   2.501   13.086  1.00 36.76  ? 182 PHE A CD2 1 
ATOM   1294 C CE1 . PHE A 1 162 ? 2.271   2.258   10.619  1.00 35.75  ? 182 PHE A CE1 1 
ATOM   1295 C CE2 . PHE A 1 162 ? 2.191   2.776   13.002  1.00 39.51  ? 182 PHE A CE2 1 
ATOM   1296 C CZ  . PHE A 1 162 ? 1.538   2.651   11.743  1.00 39.05  ? 182 PHE A CZ  1 
ATOM   1297 N N   . TYR A 1 163 ? 6.941   2.821   9.443   1.00 27.32  ? 183 TYR A N   1 
ATOM   1298 C CA  . TYR A 1 163 ? 6.779   3.002   8.012   1.00 26.94  ? 183 TYR A CA  1 
ATOM   1299 C C   . TYR A 1 163 ? 6.119   1.723   7.540   1.00 24.94  ? 183 TYR A C   1 
ATOM   1300 O O   . TYR A 1 163 ? 6.304   0.671   8.123   1.00 25.55  ? 183 TYR A O   1 
ATOM   1301 C CB  . TYR A 1 163 ? 8.168   3.051   7.333   1.00 26.01  ? 183 TYR A CB  1 
ATOM   1302 C CG  . TYR A 1 163 ? 9.075   4.171   7.795   1.00 29.52  ? 183 TYR A CG  1 
ATOM   1303 C CD1 . TYR A 1 163 ? 9.034   5.440   7.202   1.00 30.03  ? 183 TYR A CD1 1 
ATOM   1304 C CD2 . TYR A 1 163 ? 9.950   3.978   8.858   1.00 31.31  ? 183 TYR A CD2 1 
ATOM   1305 C CE1 . TYR A 1 163 ? 9.878   6.461   7.621   1.00 29.04  ? 183 TYR A CE1 1 
ATOM   1306 C CE2 . TYR A 1 163 ? 10.772  4.981   9.304   1.00 32.15  ? 183 TYR A CE2 1 
ATOM   1307 C CZ  . TYR A 1 163 ? 10.741  6.219   8.679   1.00 32.96  ? 183 TYR A CZ  1 
ATOM   1308 O OH  . TYR A 1 163 ? 11.553  7.205   9.156   1.00 32.15  ? 183 TYR A OH  1 
ATOM   1309 N N   . LEU A 1 164 ? 5.439   1.805   6.413   1.00 24.94  ? 184 LEU A N   1 
ATOM   1310 C CA  . LEU A 1 164 ? 4.969   0.650   5.713   1.00 23.71  ? 184 LEU A CA  1 
ATOM   1311 C C   . LEU A 1 164 ? 5.746   0.620   4.410   1.00 21.58  ? 184 LEU A C   1 
ATOM   1312 O O   . LEU A 1 164 ? 6.183   1.651   3.943   1.00 23.20  ? 184 LEU A O   1 
ATOM   1313 C CB  . LEU A 1 164 ? 3.449   0.795   5.384   1.00 23.00  ? 184 LEU A CB  1 
ATOM   1314 C CG  . LEU A 1 164 ? 2.534   0.964   6.630   1.00 27.71  ? 184 LEU A CG  1 
ATOM   1315 C CD1 . LEU A 1 164 ? 1.044   1.093   6.237   1.00 26.26  ? 184 LEU A CD1 1 
ATOM   1316 C CD2 . LEU A 1 164 ? 2.700   -0.227  7.598   1.00 22.30  ? 184 LEU A CD2 1 
ATOM   1317 N N   . ALA A 1 165 ? 5.836   -0.562  3.808   1.00 20.44  ? 185 ALA A N   1 
ATOM   1318 C CA  . ALA A 1 165 ? 6.355   -0.696  2.481   1.00 20.79  ? 185 ALA A CA  1 
ATOM   1319 C C   . ALA A 1 165 ? 5.545   -1.734  1.741   1.00 20.50  ? 185 ALA A C   1 
ATOM   1320 O O   . ALA A 1 165 ? 5.054   -2.687  2.346   1.00 20.37  ? 185 ALA A O   1 
ATOM   1321 C CB  . ALA A 1 165 ? 7.876   -1.168  2.509   1.00 19.36  ? 185 ALA A CB  1 
ATOM   1322 N N   . PHE A 1 166 ? 5.549   -1.606  0.414   1.00 19.28  ? 186 PHE A N   1 
ATOM   1323 C CA  . PHE A 1 166 ? 4.809   -2.472  -0.456  1.00 20.92  ? 186 PHE A CA  1 
ATOM   1324 C C   . PHE A 1 166 ? 5.807   -2.941  -1.478  1.00 21.07  ? 186 PHE A C   1 
ATOM   1325 O O   . PHE A 1 166 ? 6.526   -2.121  -2.012  1.00 20.67  ? 186 PHE A O   1 
ATOM   1326 C CB  . PHE A 1 166 ? 3.694   -1.642  -1.160  1.00 19.23  ? 186 PHE A CB  1 
ATOM   1327 C CG  . PHE A 1 166 ? 2.770   -0.962  -0.198  1.00 22.20  ? 186 PHE A CG  1 
ATOM   1328 C CD1 . PHE A 1 166 ? 2.999   0.338   0.186   1.00 18.50  ? 186 PHE A CD1 1 
ATOM   1329 C CD2 . PHE A 1 166 ? 1.649   -1.641  0.315   1.00 22.89  ? 186 PHE A CD2 1 
ATOM   1330 C CE1 . PHE A 1 166 ? 2.200   0.951   1.126   1.00 24.51  ? 186 PHE A CE1 1 
ATOM   1331 C CE2 . PHE A 1 166 ? 0.799   -0.966  1.228   1.00 22.91  ? 186 PHE A CE2 1 
ATOM   1332 C CZ  . PHE A 1 166 ? 1.113   0.319   1.644   1.00 24.30  ? 186 PHE A CZ  1 
ATOM   1333 N N   . GLN A 1 167 ? 5.854   -4.237  -1.740  1.00 20.24  ? 187 GLN A N   1 
ATOM   1334 C CA  . GLN A 1 167 ? 6.835   -4.776  -2.649  1.00 20.77  ? 187 GLN A CA  1 
ATOM   1335 C C   . GLN A 1 167 ? 6.114   -5.528  -3.748  1.00 22.63  ? 187 GLN A C   1 
ATOM   1336 O O   . GLN A 1 167 ? 5.276   -6.428  -3.441  1.00 22.59  ? 187 GLN A O   1 
ATOM   1337 C CB  . GLN A 1 167 ? 7.710   -5.797  -1.884  1.00 21.73  ? 187 GLN A CB  1 
ATOM   1338 C CG  . GLN A 1 167 ? 8.690   -6.570  -2.694  1.00 19.68  ? 187 GLN A CG  1 
ATOM   1339 C CD  . GLN A 1 167 ? 9.196   -7.785  -1.936  1.00 25.74  ? 187 GLN A CD  1 
ATOM   1340 O OE1 . GLN A 1 167 ? 8.445   -8.392  -1.148  1.00 25.24  ? 187 GLN A OE1 1 
ATOM   1341 N NE2 . GLN A 1 167 ? 10.477  -8.146  -2.137  1.00 20.16  ? 187 GLN A NE2 1 
ATOM   1342 N N   . ASP A 1 168 ? 6.427   -5.164  -5.006  1.00 21.36  ? 188 ASP A N   1 
ATOM   1343 C CA  . ASP A 1 168 ? 6.078   -5.928  -6.199  1.00 21.10  ? 188 ASP A CA  1 
ATOM   1344 C C   . ASP A 1 168 ? 7.259   -6.747  -6.675  1.00 21.16  ? 188 ASP A C   1 
ATOM   1345 O O   . ASP A 1 168 ? 8.429   -6.344  -6.492  1.00 22.67  ? 188 ASP A O   1 
ATOM   1346 C CB  . ASP A 1 168 ? 5.723   -4.955  -7.294  1.00 22.15  ? 188 ASP A CB  1 
ATOM   1347 C CG  . ASP A 1 168 ? 5.852   -5.585  -8.675  1.00 25.13  ? 188 ASP A CG  1 
ATOM   1348 O OD1 . ASP A 1 168 ? 4.935   -6.333  -9.051  1.00 26.65  ? 188 ASP A OD1 1 
ATOM   1349 O OD2 . ASP A 1 168 ? 6.848   -5.395  -9.420  1.00 24.82  ? 188 ASP A OD2 1 
ATOM   1350 N N   . TYR A 1 169 ? 7.018   -7.930  -7.204  1.00 20.35  ? 189 TYR A N   1 
ATOM   1351 C CA  . TYR A 1 169 ? 8.065   -8.740  -7.743  1.00 22.88  ? 189 TYR A CA  1 
ATOM   1352 C C   . TYR A 1 169 ? 7.658   -9.233  -9.099  1.00 24.22  ? 189 TYR A C   1 
ATOM   1353 O O   . TYR A 1 169 ? 7.932   -10.366 -9.475  1.00 25.98  ? 189 TYR A O   1 
ATOM   1354 C CB  . TYR A 1 169 ? 8.465   -9.905  -6.782  1.00 24.57  ? 189 TYR A CB  1 
ATOM   1355 C CG  . TYR A 1 169 ? 7.290   -10.238 -5.901  1.00 27.62  ? 189 TYR A CG  1 
ATOM   1356 C CD1 . TYR A 1 169 ? 6.260   -11.091 -6.380  1.00 30.49  ? 189 TYR A CD1 1 
ATOM   1357 C CD2 . TYR A 1 169 ? 7.164   -9.682  -4.639  1.00 29.11  ? 189 TYR A CD2 1 
ATOM   1358 C CE1 . TYR A 1 169 ? 5.135   -11.391 -5.592  1.00 31.25  ? 189 TYR A CE1 1 
ATOM   1359 C CE2 . TYR A 1 169 ? 6.030   -9.929  -3.847  1.00 27.74  ? 189 TYR A CE2 1 
ATOM   1360 C CZ  . TYR A 1 169 ? 5.040   -10.798 -4.303  1.00 30.05  ? 189 TYR A CZ  1 
ATOM   1361 O OH  . TYR A 1 169 ? 3.927   -11.040 -3.504  1.00 27.08  ? 189 TYR A OH  1 
ATOM   1362 N N   . GLY A 1 170 ? 7.124   -8.362  -9.936  1.00 24.97  ? 190 GLY A N   1 
ATOM   1363 C CA  . GLY A 1 170 ? 6.983   -8.816  -11.344 1.00 24.78  ? 190 GLY A CA  1 
ATOM   1364 C C   . GLY A 1 170 ? 5.547   -8.879  -11.832 1.00 24.82  ? 190 GLY A C   1 
ATOM   1365 O O   . GLY A 1 170 ? 5.261   -9.618  -12.787 1.00 25.92  ? 190 GLY A O   1 
ATOM   1366 N N   . GLY A 1 171 ? 4.649   -8.115  -11.202 1.00 24.86  ? 191 GLY A N   1 
ATOM   1367 C CA  . GLY A 1 171 ? 3.254   -8.125  -11.632 1.00 24.93  ? 191 GLY A CA  1 
ATOM   1368 C C   . GLY A 1 171 ? 2.838   -6.801  -12.230 1.00 25.87  ? 191 GLY A C   1 
ATOM   1369 O O   . GLY A 1 171 ? 3.696   -5.965  -12.587 1.00 24.05  ? 191 GLY A O   1 
ATOM   1370 N N   . CYS A 1 172 ? 1.531   -6.556  -12.348 1.00 25.60  ? 192 CYS A N   1 
ATOM   1371 C CA  . CYS A 1 172 ? 1.075   -5.303  -12.975 1.00 27.09  ? 192 CYS A CA  1 
ATOM   1372 C C   . CYS A 1 172 ? -0.092  -4.752  -12.157 1.00 26.24  ? 192 CYS A C   1 
ATOM   1373 O O   . CYS A 1 172 ? -1.147  -5.380  -12.141 1.00 27.40  ? 192 CYS A O   1 
ATOM   1374 C CB  . CYS A 1 172 ? 0.666   -5.648  -14.441 1.00 25.85  ? 192 CYS A CB  1 
ATOM   1375 S SG  . CYS A 1 172 ? 0.274   -4.222  -15.401 1.00 35.16  ? 192 CYS A SG  1 
ATOM   1376 N N   . MET A 1 173 ? 0.044   -3.629  -11.438 1.00 26.68  ? 193 MET A N   1 
ATOM   1377 C CA  . MET A 1 173 ? -0.942  -3.355  -10.411 1.00 25.10  ? 193 MET A CA  1 
ATOM   1378 C C   . MET A 1 173 ? -0.844  -1.928  -10.031 1.00 26.75  ? 193 MET A C   1 
ATOM   1379 O O   . MET A 1 173 ? 0.173   -1.255  -10.268 1.00 25.64  ? 193 MET A O   1 
ATOM   1380 C CB  . MET A 1 173 ? -0.679  -4.170  -9.150  1.00 25.93  ? 193 MET A CB  1 
ATOM   1381 C CG  . MET A 1 173 ? 0.696   -3.907  -8.591  1.00 27.60  ? 193 MET A CG  1 
ATOM   1382 S SD  . MET A 1 173 ? 1.113   -5.120  -7.271  1.00 34.48  ? 193 MET A SD  1 
ATOM   1383 C CE  . MET A 1 173 ? 1.568   -6.575  -8.157  1.00 23.57  ? 193 MET A CE  1 
ATOM   1384 N N   . SER A 1 174 ? -1.894  -1.466  -9.382  1.00 25.79  ? 194 SER A N   1 
ATOM   1385 C CA  . SER A 1 174 ? -1.969  -0.104  -9.049  1.00 28.50  ? 194 SER A CA  1 
ATOM   1386 C C   . SER A 1 174 ? -2.435  -0.067  -7.588  1.00 28.32  ? 194 SER A C   1 
ATOM   1387 O O   . SER A 1 174 ? -3.390  -0.771  -7.237  1.00 29.17  ? 194 SER A O   1 
ATOM   1388 C CB  . SER A 1 174 ? -2.965  0.569   -10.047 1.00 28.88  ? 194 SER A CB  1 
ATOM   1389 O OG  . SER A 1 174 ? -3.249  1.843   -9.501  1.00 34.92  ? 194 SER A OG  1 
ATOM   1390 N N   . LEU A 1 175 ? -1.727  0.665   -6.705  1.00 28.03  ? 195 LEU A N   1 
ATOM   1391 C CA  . LEU A 1 175 ? -2.145  0.754   -5.313  1.00 27.70  ? 195 LEU A CA  1 
ATOM   1392 C C   . LEU A 1 175 ? -2.865  2.084   -5.240  1.00 28.09  ? 195 LEU A C   1 
ATOM   1393 O O   . LEU A 1 175 ? -2.276  3.122   -5.397  1.00 26.58  ? 195 LEU A O   1 
ATOM   1394 C CB  . LEU A 1 175 ? -0.944  0.753   -4.401  1.00 26.17  ? 195 LEU A CB  1 
ATOM   1395 C CG  . LEU A 1 175 ? -1.210  0.902   -2.910  1.00 28.42  ? 195 LEU A CG  1 
ATOM   1396 C CD1 . LEU A 1 175 ? -2.007  -0.292  -2.371  1.00 21.45  ? 195 LEU A CD1 1 
ATOM   1397 C CD2 . LEU A 1 175 ? 0.143   0.950   -2.239  1.00 27.42  ? 195 LEU A CD2 1 
ATOM   1398 N N   . ILE A 1 176 ? -4.171  2.050   -5.026  1.00 29.74  ? 196 ILE A N   1 
ATOM   1399 C CA  . ILE A 1 176 ? -4.973  3.244   -5.317  1.00 30.15  ? 196 ILE A CA  1 
ATOM   1400 C C   . ILE A 1 176 ? -5.164  4.050   -4.043  1.00 29.88  ? 196 ILE A C   1 
ATOM   1401 O O   . ILE A 1 176 ? -5.169  5.302   -4.060  1.00 30.71  ? 196 ILE A O   1 
ATOM   1402 C CB  . ILE A 1 176 ? -6.298  2.771   -5.914  1.00 31.97  ? 196 ILE A CB  1 
ATOM   1403 C CG1 . ILE A 1 176 ? -6.093  2.623   -7.407  1.00 32.00  ? 196 ILE A CG1 1 
ATOM   1404 C CG2 . ILE A 1 176 ? -7.377  3.773   -5.643  1.00 33.62  ? 196 ILE A CG2 1 
ATOM   1405 C CD1 . ILE A 1 176 ? -6.886  1.492   -7.927  1.00 37.27  ? 196 ILE A CD1 1 
ATOM   1406 N N   . ALA A 1 177 ? -5.237  3.344   -2.915  1.00 28.37  ? 197 ALA A N   1 
ATOM   1407 C CA  . ALA A 1 177 ? -5.362  4.026   -1.646  1.00 28.57  ? 197 ALA A CA  1 
ATOM   1408 C C   . ALA A 1 177 ? -4.878  3.158   -0.480  1.00 27.47  ? 197 ALA A C   1 
ATOM   1409 O O   . ALA A 1 177 ? -5.025  1.914   -0.522  1.00 26.52  ? 197 ALA A O   1 
ATOM   1410 C CB  . ALA A 1 177 ? -6.849  4.466   -1.398  1.00 29.81  ? 197 ALA A CB  1 
ATOM   1411 N N   . VAL A 1 178 ? -4.346  3.802   0.569   1.00 26.80  ? 198 VAL A N   1 
ATOM   1412 C CA  . VAL A 1 178 ? -3.935  3.109   1.793   1.00 28.24  ? 198 VAL A CA  1 
ATOM   1413 C C   . VAL A 1 178 ? -4.454  3.889   2.999   1.00 29.98  ? 198 VAL A C   1 
ATOM   1414 O O   . VAL A 1 178 ? -4.235  5.073   3.069   1.00 31.60  ? 198 VAL A O   1 
ATOM   1415 C CB  . VAL A 1 178 ? -2.345  3.157   1.881   1.00 29.27  ? 198 VAL A CB  1 
ATOM   1416 C CG1 . VAL A 1 178 ? -1.825  2.660   3.249   1.00 26.36  ? 198 VAL A CG1 1 
ATOM   1417 C CG2 . VAL A 1 178 ? -1.737  2.318   0.711   1.00 26.52  ? 198 VAL A CG2 1 
ATOM   1418 N N   . ARG A 1 179 ? -5.098  3.249   3.960   1.00 30.23  ? 199 ARG A N   1 
ATOM   1419 C CA  . ARG A 1 179 ? -5.486  3.978   5.116   1.00 32.16  ? 199 ARG A CA  1 
ATOM   1420 C C   . ARG A 1 179 ? -5.011  3.154   6.281   1.00 31.30  ? 199 ARG A C   1 
ATOM   1421 O O   . ARG A 1 179 ? -5.265  1.944   6.368   1.00 32.07  ? 199 ARG A O   1 
ATOM   1422 C CB  . ARG A 1 179 ? -7.033  4.246   5.192   1.00 33.25  ? 199 ARG A CB  1 
ATOM   1423 C CG  . ARG A 1 179 ? -7.460  4.906   6.562   1.00 35.93  ? 199 ARG A CG  1 
ATOM   1424 C CD  . ARG A 1 179 ? -8.934  5.406   6.483   1.00 40.77  ? 199 ARG A CD  1 
ATOM   1425 N NE  . ARG A 1 179 ? -9.792  4.239   6.446   1.00 40.88  ? 199 ARG A NE  1 
ATOM   1426 C CZ  . ARG A 1 179 ? -10.203 3.622   7.544   1.00 43.82  ? 199 ARG A CZ  1 
ATOM   1427 N NH1 . ARG A 1 179 ? -9.885  4.110   8.772   1.00 46.74  ? 199 ARG A NH1 1 
ATOM   1428 N NH2 . ARG A 1 179 ? -10.935 2.526   7.409   1.00 41.68  ? 199 ARG A NH2 1 
ATOM   1429 N N   . VAL A 1 180 ? -4.324  3.824   7.192   1.00 31.48  ? 200 VAL A N   1 
ATOM   1430 C CA  . VAL A 1 180 ? -3.793  3.137   8.373   1.00 32.24  ? 200 VAL A CA  1 
ATOM   1431 C C   . VAL A 1 180 ? -4.590  3.620   9.598   1.00 32.53  ? 200 VAL A C   1 
ATOM   1432 O O   . VAL A 1 180 ? -4.746  4.779   9.749   1.00 31.77  ? 200 VAL A O   1 
ATOM   1433 C CB  . VAL A 1 180 ? -2.261  3.472   8.536   1.00 31.12  ? 200 VAL A CB  1 
ATOM   1434 C CG1 . VAL A 1 180 ? -1.638  2.714   9.699   1.00 31.90  ? 200 VAL A CG1 1 
ATOM   1435 C CG2 . VAL A 1 180 ? -1.503  3.156   7.198   1.00 30.70  ? 200 VAL A CG2 1 
ATOM   1436 N N   . PHE A 1 181 ? -5.012  2.744   10.488  1.00 33.89  ? 201 PHE A N   1 
ATOM   1437 C CA  . PHE A 1 181 ? -5.895  3.220   11.525  1.00 37.99  ? 201 PHE A CA  1 
ATOM   1438 C C   . PHE A 1 181 ? -5.784  2.257   12.687  1.00 40.54  ? 201 PHE A C   1 
ATOM   1439 O O   . PHE A 1 181 ? -5.166  1.207   12.579  1.00 38.98  ? 201 PHE A O   1 
ATOM   1440 C CB  . PHE A 1 181 ? -7.368  3.307   10.973  1.00 36.02  ? 201 PHE A CB  1 
ATOM   1441 C CG  . PHE A 1 181 ? -7.954  1.980   10.588  1.00 37.28  ? 201 PHE A CG  1 
ATOM   1442 C CD1 . PHE A 1 181 ? -7.904  1.527   9.262   1.00 38.35  ? 201 PHE A CD1 1 
ATOM   1443 C CD2 . PHE A 1 181 ? -8.591  1.183   11.533  1.00 38.10  ? 201 PHE A CD2 1 
ATOM   1444 C CE1 . PHE A 1 181 ? -8.438  0.272   8.913   1.00 42.25  ? 201 PHE A CE1 1 
ATOM   1445 C CE2 . PHE A 1 181 ? -9.153  -0.084  11.191  1.00 38.47  ? 201 PHE A CE2 1 
ATOM   1446 C CZ  . PHE A 1 181 ? -9.084  -0.545  9.902   1.00 41.03  ? 201 PHE A CZ  1 
ATOM   1447 N N   . TYR A 1 182 ? -6.344  2.625   13.828  1.00 44.72  ? 202 TYR A N   1 
ATOM   1448 C CA  . TYR A 1 182 ? -6.493  1.643   14.882  1.00 49.41  ? 202 TYR A CA  1 
ATOM   1449 C C   . TYR A 1 182 ? -7.913  1.819   15.452  1.00 53.42  ? 202 TYR A C   1 
ATOM   1450 O O   . TYR A 1 182 ? -8.516  2.882   15.315  1.00 53.08  ? 202 TYR A O   1 
ATOM   1451 C CB  . TYR A 1 182 ? -5.409  1.775   15.959  1.00 49.66  ? 202 TYR A CB  1 
ATOM   1452 C CG  . TYR A 1 182 ? -5.489  3.063   16.770  1.00 50.46  ? 202 TYR A CG  1 
ATOM   1453 C CD1 . TYR A 1 182 ? -4.922  4.219   16.301  1.00 49.85  ? 202 TYR A CD1 1 
ATOM   1454 C CD2 . TYR A 1 182 ? -6.157  3.106   18.003  1.00 53.68  ? 202 TYR A CD2 1 
ATOM   1455 C CE1 . TYR A 1 182 ? -4.993  5.406   17.019  1.00 54.95  ? 202 TYR A CE1 1 
ATOM   1456 C CE2 . TYR A 1 182 ? -6.248  4.309   18.743  1.00 54.17  ? 202 TYR A CE2 1 
ATOM   1457 C CZ  . TYR A 1 182 ? -5.663  5.450   18.243  1.00 56.90  ? 202 TYR A CZ  1 
ATOM   1458 O OH  . TYR A 1 182 ? -5.730  6.664   18.926  1.00 58.92  ? 202 TYR A OH  1 
ATOM   1459 N N   . ARG A 1 183 ? -8.451  0.748   16.004  1.00 58.94  ? 203 ARG A N   1 
ATOM   1460 C CA  . ARG A 1 183 ? -9.746  0.777   16.666  1.00 65.76  ? 203 ARG A CA  1 
ATOM   1461 C C   . ARG A 1 183 ? -9.715  1.595   17.985  1.00 69.00  ? 203 ARG A C   1 
ATOM   1462 O O   . ARG A 1 183 ? -9.025  1.213   18.946  1.00 69.20  ? 203 ARG A O   1 
ATOM   1463 C CB  . ARG A 1 183 ? -10.217 -0.657  16.932  1.00 66.45  ? 203 ARG A CB  1 
ATOM   1464 C CG  . ARG A 1 183 ? -11.087 -1.224  15.823  1.00 70.40  ? 203 ARG A CG  1 
ATOM   1465 C CD  . ARG A 1 183 ? -11.085 -2.728  15.852  1.00 74.90  ? 203 ARG A CD  1 
ATOM   1466 N NE  . ARG A 1 183 ? -10.924 -3.190  14.476  1.00 81.40  ? 203 ARG A NE  1 
ATOM   1467 C CZ  . ARG A 1 183 ? -11.200 -4.421  14.044  1.00 84.35  ? 203 ARG A CZ  1 
ATOM   1468 N NH1 . ARG A 1 183 ? -11.672 -5.336  14.891  1.00 85.48  ? 203 ARG A NH1 1 
ATOM   1469 N NH2 . ARG A 1 183 ? -11.014 -4.732  12.755  1.00 85.05  ? 203 ARG A NH2 1 
ATOM   1470 N N   . LYS A 1 184 ? -10.458 2.714   17.999  1.00 73.36  ? 204 LYS A N   1 
ATOM   1471 C CA  . LYS A 1 184 ? -10.535 3.628   19.151  1.00 77.60  ? 204 LYS A CA  1 
ATOM   1472 C C   . LYS A 1 184 ? -11.273 2.904   20.282  1.00 80.61  ? 204 LYS A C   1 
ATOM   1473 O O   . LYS A 1 184 ? -12.437 2.498   20.107  1.00 81.01  ? 204 LYS A O   1 
ATOM   1474 C CB  . LYS A 1 184 ? -11.262 4.920   18.749  1.00 77.08  ? 204 LYS A CB  1 
ATOM   1475 C CG  . LYS A 1 184 ? -10.813 6.199   19.460  1.00 77.84  ? 204 LYS A CG  1 
ATOM   1476 C CD  . LYS A 1 184 ? -11.416 7.421   18.745  1.00 77.59  ? 204 LYS A CD  1 
ATOM   1477 C CE  . LYS A 1 184 ? -11.329 8.704   19.602  1.00 79.40  ? 204 LYS A CE  1 
ATOM   1478 N NZ  . LYS A 1 184 ? -12.272 9.811   19.152  1.00 76.57  ? 204 LYS A NZ  1 
ATOM   1479 N N   . CYS A 1 185 ? -10.598 2.741   21.427  1.00 84.40  ? 205 CYS A N   1 
ATOM   1480 C CA  . CYS A 1 185 ? -11.065 1.810   22.485  1.00 88.15  ? 205 CYS A CA  1 
ATOM   1481 C C   . CYS A 1 185 ? -11.072 2.280   23.940  1.00 89.83  ? 205 CYS A C   1 
ATOM   1482 O O   . CYS A 1 185 ? -10.026 2.289   24.611  1.00 90.14  ? 205 CYS A O   1 
ATOM   1483 C CB  . CYS A 1 185 ? -10.329 0.475   22.391  1.00 88.15  ? 205 CYS A CB  1 
ATOM   1484 S SG  . CYS A 1 185 ? -11.151 -0.580  21.212  1.00 91.98  ? 205 CYS A SG  1 
ATOM   1485 N N   . PRO A 1 186 ? -12.270 2.644   24.431  1.00 91.85  ? 206 PRO A N   1 
ATOM   1486 C CA  . PRO A 1 186 ? -12.526 3.029   25.830  1.00 93.21  ? 206 PRO A CA  1 
ATOM   1487 C C   . PRO A 1 186 ? -12.169 1.901   26.829  1.00 94.40  ? 206 PRO A C   1 
ATOM   1488 O O   . PRO A 1 186 ? -12.755 0.808   26.768  1.00 94.96  ? 206 PRO A O   1 
ATOM   1489 C CB  . PRO A 1 186 ? -14.038 3.315   25.821  1.00 93.39  ? 206 PRO A CB  1 
ATOM   1490 C CG  . PRO A 1 186 ? -14.317 3.794   24.399  1.00 92.47  ? 206 PRO A CG  1 
ATOM   1491 C CD  . PRO A 1 186 ? -13.453 2.870   23.570  1.00 91.85  ? 206 PRO A CD  1 
ATOM   1492 N N   . ARG A 1 187 ? -11.219 2.140   27.734  1.00 95.42  ? 207 ARG A N   1 
ATOM   1493 C CA  . ARG A 1 187 ? -10.766 1.044   28.610  1.00 96.64  ? 207 ARG A CA  1 
ATOM   1494 C C   . ARG A 1 187 ? -11.697 0.735   29.782  1.00 96.87  ? 207 ARG A C   1 
ATOM   1495 O O   . ARG A 1 187 ? -11.291 0.599   30.953  1.00 96.77  ? 207 ARG A O   1 
ATOM   1496 C CB  . ARG A 1 187 ? -9.334  1.257   29.099  1.00 97.13  ? 207 ARG A CB  1 
ATOM   1497 C CG  . ARG A 1 187 ? -8.280  0.406   28.362  1.00 98.60  ? 207 ARG A CG  1 
ATOM   1498 C CD  . ARG A 1 187 ? -6.903  0.498   29.032  1.00 100.94 ? 207 ARG A CD  1 
ATOM   1499 N NE  . ARG A 1 187 ? -6.192  1.723   28.657  1.00 103.16 ? 207 ARG A NE  1 
ATOM   1500 C CZ  . ARG A 1 187 ? -6.276  2.879   29.318  1.00 103.76 ? 207 ARG A CZ  1 
ATOM   1501 N NH1 . ARG A 1 187 ? -7.038  2.985   30.400  1.00 103.60 ? 207 ARG A NH1 1 
ATOM   1502 N NH2 . ARG A 1 187 ? -5.598  3.938   28.891  1.00 103.91 ? 207 ARG A NH2 1 
ATOM   1503 O OXT . ARG A 1 187 ? -12.900 0.598   29.545  1.00 97.22  ? 207 ARG A OXT 1 
HETATM 1504 O O   . HOH B 2 .   ? 10.146  0.587   -6.847  1.00 22.57  ? 208 HOH A O   1 
HETATM 1505 O O   . HOH B 2 .   ? 12.275  -1.858  -11.560 1.00 23.01  ? 209 HOH A O   1 
HETATM 1506 O O   . HOH B 2 .   ? 4.350   -8.608  -7.730  1.00 26.61  ? 210 HOH A O   1 
HETATM 1507 O O   . HOH B 2 .   ? 9.782   7.064   2.821   1.00 31.25  ? 211 HOH A O   1 
HETATM 1508 O O   . HOH B 2 .   ? 6.268   -5.283  -12.064 1.00 22.04  ? 212 HOH A O   1 
HETATM 1509 O O   . HOH B 2 .   ? 19.100  -2.462  1.015   1.00 30.30  ? 213 HOH A O   1 
HETATM 1510 O O   . HOH B 2 .   ? 12.576  -1.594  14.040  1.00 42.22  ? 214 HOH A O   1 
HETATM 1511 O O   . HOH B 2 .   ? 13.864  1.129   3.510   1.00 25.64  ? 215 HOH A O   1 
HETATM 1512 O O   . HOH B 2 .   ? 7.005   -10.817 -14.639 1.00 27.25  ? 216 HOH A O   1 
HETATM 1513 O O   . HOH B 2 .   ? 20.201  -0.006  1.390   1.00 36.44  ? 217 HOH A O   1 
HETATM 1514 O O   . HOH B 2 .   ? 14.086  -7.454  -1.021  1.00 28.96  ? 218 HOH A O   1 
HETATM 1515 O O   . HOH B 2 .   ? -4.477  7.481   -2.739  1.00 33.72  ? 219 HOH A O   1 
HETATM 1516 O O   . HOH B 2 .   ? 6.387   -5.314  16.161  1.00 33.15  ? 220 HOH A O   1 
HETATM 1517 O O   . HOH B 2 .   ? 12.571  -12.804 -13.005 1.00 42.56  ? 221 HOH A O   1 
HETATM 1518 O O   . HOH B 2 .   ? 15.074  -3.726  -4.697  1.00 33.35  ? 222 HOH A O   1 
HETATM 1519 O O   . HOH B 2 .   ? 13.320  -4.319  -9.277  1.00 27.56  ? 223 HOH A O   1 
HETATM 1520 O O   . HOH B 2 .   ? -0.073  -8.806  -12.044 1.00 26.96  ? 224 HOH A O   1 
HETATM 1521 O O   . HOH B 2 .   ? 9.604   -10.397 -13.796 1.00 30.09  ? 225 HOH A O   1 
HETATM 1522 O O   . HOH B 2 .   ? -4.190  -11.550 -6.933  1.00 38.46  ? 226 HOH A O   1 
HETATM 1523 O O   . HOH B 2 .   ? 9.573   5.855   -10.096 1.00 39.11  ? 227 HOH A O   1 
HETATM 1524 O O   . HOH B 2 .   ? 12.850  -9.247  1.119   1.00 35.87  ? 228 HOH A O   1 
HETATM 1525 O O   . HOH B 2 .   ? 2.828   -17.091 -22.127 1.00 38.10  ? 229 HOH A O   1 
HETATM 1526 O O   . HOH B 2 .   ? 9.830   -3.352  13.208  1.00 31.18  ? 230 HOH A O   1 
HETATM 1527 O O   . HOH B 2 .   ? 11.532  8.050   -4.329  1.00 35.68  ? 231 HOH A O   1 
HETATM 1528 O O   . HOH B 2 .   ? 18.940  -1.951  7.870   1.00 26.10  ? 232 HOH A O   1 
HETATM 1529 O O   . HOH B 2 .   ? 16.233  -4.884  -2.259  1.00 37.02  ? 233 HOH A O   1 
HETATM 1530 O O   . HOH B 2 .   ? -4.072  -9.473  9.460   1.00 36.88  ? 234 HOH A O   1 
HETATM 1531 O O   . HOH B 2 .   ? -0.199  9.028   12.966  1.00 42.60  ? 235 HOH A O   1 
HETATM 1532 O O   . HOH B 2 .   ? 2.902   8.086   4.817   1.00 31.69  ? 236 HOH A O   1 
HETATM 1533 O O   . HOH B 2 .   ? 5.598   -16.818 -11.452 1.00 52.49  ? 237 HOH A O   1 
HETATM 1534 O O   . HOH B 2 .   ? 10.806  -10.820 -11.579 1.00 34.08  ? 238 HOH A O   1 
HETATM 1535 O O   . HOH B 2 .   ? 7.212   -13.730 -22.978 1.00 32.74  ? 239 HOH A O   1 
HETATM 1536 O O   . HOH B 2 .   ? 18.360  -9.143  12.060  1.00 41.37  ? 240 HOH A O   1 
HETATM 1537 O O   . HOH B 2 .   ? 6.365   5.199   21.681  1.00 60.75  ? 241 HOH A O   1 
HETATM 1538 O O   . HOH B 2 .   ? -0.167  5.047   -16.849 1.00 58.15  ? 242 HOH A O   1 
HETATM 1539 O O   . HOH B 2 .   ? -17.645 -11.354 -7.754  1.00 42.33  ? 243 HOH A O   1 
HETATM 1540 O O   . HOH B 2 .   ? -1.411  -15.448 -21.497 1.00 50.90  ? 244 HOH A O   1 
HETATM 1541 O O   . HOH B 2 .   ? -0.309  -15.336 -25.037 1.00 48.68  ? 245 HOH A O   1 
HETATM 1542 O O   . HOH B 2 .   ? 8.585   10.549  6.590   1.00 45.02  ? 246 HOH A O   1 
HETATM 1543 O O   . HOH B 2 .   ? -9.534  -7.746  3.999   1.00 41.69  ? 247 HOH A O   1 
HETATM 1544 O O   . HOH B 2 .   ? -13.169 -3.115  -3.149  1.00 38.42  ? 248 HOH A O   1 
HETATM 1545 O O   . HOH B 2 .   ? 8.494   -12.797 -10.174 1.00 42.16  ? 249 HOH A O   1 
HETATM 1546 O O   . HOH B 2 .   ? 8.568   -2.326  -18.053 1.00 56.16  ? 250 HOH A O   1 
HETATM 1547 O O   . HOH B 2 .   ? 2.524   -14.528 -5.255  1.00 47.96  ? 251 HOH A O   1 
HETATM 1548 O O   . HOH B 2 .   ? 16.694  3.696   -2.408  1.00 38.99  ? 252 HOH A O   1 
HETATM 1549 O O   . HOH B 2 .   ? -2.376  10.999  5.946   1.00 49.59  ? 253 HOH A O   1 
HETATM 1550 O O   . HOH B 2 .   ? 12.744  9.788   6.281   1.00 41.06  ? 254 HOH A O   1 
HETATM 1551 O O   . HOH B 2 .   ? 22.212  2.841   5.035   1.00 35.63  ? 255 HOH A O   1 
HETATM 1552 O O   . HOH B 2 .   ? -5.174  -11.273 0.005   1.00 40.38  ? 256 HOH A O   1 
HETATM 1553 O O   . HOH B 2 .   ? 21.458  6.915   2.174   1.00 34.93  ? 257 HOH A O   1 
HETATM 1554 O O   . HOH B 2 .   ? -20.301 0.144   10.065  1.00 41.50  ? 258 HOH A O   1 
HETATM 1555 O O   . HOH B 2 .   ? -7.972  -6.530  -9.291  1.00 46.50  ? 259 HOH A O   1 
HETATM 1556 O O   . HOH B 2 .   ? 21.521  5.774   -2.583  1.00 40.10  ? 260 HOH A O   1 
HETATM 1557 O O   . HOH B 2 .   ? 6.998   9.196   -4.769  1.00 39.87  ? 261 HOH A O   1 
HETATM 1558 O O   . HOH B 2 .   ? 19.784  1.163   -1.244  1.00 44.26  ? 262 HOH A O   1 
HETATM 1559 O O   . HOH B 2 .   ? 2.689   -12.604 8.572   1.00 37.46  ? 263 HOH A O   1 
HETATM 1560 O O   . HOH B 2 .   ? 7.604   1.660   -13.655 1.00 42.48  ? 264 HOH A O   1 
HETATM 1561 O O   . HOH B 2 .   ? -7.801  2.662   1.704   1.00 41.21  ? 265 HOH A O   1 
HETATM 1562 O O   . HOH B 2 .   ? 11.970  -2.322  16.418  1.00 42.28  ? 266 HOH A O   1 
HETATM 1563 O O   . HOH B 2 .   ? -0.371  -9.570  10.743  1.00 42.79  ? 267 HOH A O   1 
HETATM 1564 O O   . HOH B 2 .   ? 13.473  -3.389  -13.806 1.00 32.68  ? 268 HOH A O   1 
HETATM 1565 O O   . HOH B 2 .   ? 6.795   8.608   -9.264  1.00 46.10  ? 269 HOH A O   1 
HETATM 1566 O O   . HOH B 2 .   ? 1.402   9.836   3.176   1.00 40.57  ? 270 HOH A O   1 
HETATM 1567 O O   . HOH B 2 .   ? 13.806  6.922   -5.638  1.00 45.53  ? 271 HOH A O   1 
HETATM 1568 O O   . HOH B 2 .   ? 16.682  -0.219  -12.105 1.00 50.23  ? 272 HOH A O   1 
HETATM 1569 O O   . HOH B 2 .   ? 1.142   -14.382 -8.251  1.00 41.73  ? 273 HOH A O   1 
HETATM 1570 O O   . HOH B 2 .   ? 5.056   -8.554  13.834  1.00 47.67  ? 274 HOH A O   1 
HETATM 1571 O O   . HOH B 2 .   ? 11.392  -0.076  -15.937 1.00 42.60  ? 275 HOH A O   1 
HETATM 1572 O O   . HOH B 2 .   ? -4.192  11.453  -2.817  1.00 44.01  ? 276 HOH A O   1 
HETATM 1573 O O   . HOH B 2 .   ? 10.374  12.213  14.014  1.00 51.74  ? 277 HOH A O   1 
HETATM 1574 O O   . HOH B 2 .   ? 2.833   9.405   7.486   1.00 43.63  ? 278 HOH A O   1 
HETATM 1575 O O   . HOH B 2 .   ? 16.081  2.627   -11.387 1.00 37.71  ? 279 HOH A O   1 
HETATM 1576 O O   . HOH B 2 .   ? 14.267  3.619   16.363  1.00 46.81  ? 280 HOH A O   1 
HETATM 1577 O O   . HOH B 2 .   ? -7.778  5.362   2.118   1.00 46.59  ? 281 HOH A O   1 
HETATM 1578 O O   . HOH B 2 .   ? -14.424 0.897   -2.784  1.00 53.40  ? 282 HOH A O   1 
HETATM 1579 O O   . HOH B 2 .   ? 6.301   -0.138  -14.202 1.00 42.42  ? 283 HOH A O   1 
HETATM 1580 O O   . HOH B 2 .   ? -3.505  -15.672 -13.432 1.00 43.11  ? 284 HOH A O   1 
HETATM 1581 O O   . HOH B 2 .   ? 6.729   -4.572  -18.759 1.00 42.81  ? 285 HOH A O   1 
HETATM 1582 O O   . HOH B 2 .   ? 16.626  3.104   -5.277  1.00 44.10  ? 286 HOH A O   1 
HETATM 1583 O O   . HOH B 2 .   ? 11.774  8.722   2.448   1.00 47.28  ? 287 HOH A O   1 
HETATM 1584 O O   . HOH B 2 .   ? -13.846 7.086   -6.816  1.00 53.58  ? 288 HOH A O   1 
HETATM 1585 O O   . HOH B 2 .   ? -9.902  10.150  12.179  1.00 49.96  ? 289 HOH A O   1 
HETATM 1586 O O   . HOH B 2 .   ? -14.817 -4.777  -1.836  1.00 43.79  ? 290 HOH A O   1 
HETATM 1587 O O   . HOH B 2 .   ? -0.905  11.195  3.449   1.00 50.47  ? 291 HOH A O   1 
HETATM 1588 O O   . HOH B 2 .   ? -7.163  -9.066  -14.490 1.00 47.07  ? 292 HOH A O   1 
HETATM 1589 O O   . HOH B 2 .   ? -1.377  -10.821 8.503   1.00 49.98  ? 293 HOH A O   1 
HETATM 1590 O O   . HOH B 2 .   ? 2.567   -16.568 -16.032 1.00 41.98  ? 294 HOH A O   1 
HETATM 1591 O O   . HOH B 2 .   ? 23.297  0.588   8.920   1.00 43.42  ? 295 HOH A O   1 
HETATM 1592 O O   . HOH B 2 .   ? -13.939 -0.605  -0.050  1.00 54.02  ? 296 HOH A O   1 
HETATM 1593 O O   . HOH B 2 .   ? 4.374   -17.008 -24.539 1.00 42.87  ? 297 HOH A O   1 
HETATM 1594 O O   . HOH B 2 .   ? 3.465   8.710   18.261  1.00 50.07  ? 298 HOH A O   1 
HETATM 1595 O O   . HOH B 2 .   ? -3.043  -3.087  -17.494 1.00 45.46  ? 299 HOH A O   1 
HETATM 1596 O O   . HOH B 2 .   ? -12.941 3.252   -2.816  1.00 66.29  ? 300 HOH A O   1 
HETATM 1597 O O   . HOH B 2 .   ? -11.738 -7.563  -1.919  1.00 54.60  ? 301 HOH A O   1 
HETATM 1598 O O   . HOH B 2 .   ? 0.616   9.906   8.748   1.00 38.79  ? 302 HOH A O   1 
HETATM 1599 O O   . HOH B 2 .   ? -5.274  -15.888 -11.554 1.00 46.13  ? 303 HOH A O   1 
HETATM 1600 O O   . HOH B 2 .   ? 4.171   -13.281 6.461   1.00 48.31  ? 304 HOH A O   1 
HETATM 1601 O O   . HOH B 2 .   ? 18.806  10.256  1.853   1.00 58.30  ? 305 HOH A O   1 
HETATM 1602 O O   . HOH B 2 .   ? 2.000   10.475  11.538  1.00 53.56  ? 306 HOH A O   1 
HETATM 1603 O O   . HOH B 2 .   ? 6.036   1.466   16.380  1.00 53.62  ? 307 HOH A O   1 
HETATM 1604 O O   . HOH B 2 .   ? 16.370  10.722  2.144   1.00 51.99  ? 308 HOH A O   1 
HETATM 1605 O O   . HOH B 2 .   ? 2.822   11.411  2.181   1.00 58.94  ? 309 HOH A O   1 
HETATM 1606 O O   . HOH B 2 .   ? -10.775 9.280   -19.770 1.00 57.14  ? 310 HOH A O   1 
HETATM 1607 O O   . HOH B 2 .   ? -6.938  -1.107  16.724  1.00 60.04  ? 311 HOH A O   1 
HETATM 1608 O O   . HOH B 2 .   ? -11.707 7.274   -5.575  1.00 65.82  ? 312 HOH A O   1 
HETATM 1609 O O   . HOH B 2 .   ? 11.207  10.207  -2.810  1.00 59.07  ? 313 HOH A O   1 
HETATM 1610 O O   . HOH B 2 .   ? -5.372  -10.558 -10.441 1.00 53.67  ? 314 HOH A O   1 
HETATM 1611 O O   . HOH B 2 .   ? -8.549  -12.639 -15.952 1.00 63.01  ? 315 HOH A O   1 
HETATM 1612 O O   . HOH B 2 .   ? -7.350  -4.577  17.314  1.00 64.15  ? 316 HOH A O   1 
HETATM 1613 O O   . HOH B 2 .   ? 3.441   -18.396 -18.546 1.00 59.95  ? 317 HOH A O   1 
HETATM 1614 O O   . HOH B 2 .   ? -13.234 -14.095 -3.520  1.00 64.51  ? 318 HOH A O   1 
HETATM 1615 O O   . HOH B 2 .   ? 15.214  -4.167  -11.052 1.00 47.78  ? 319 HOH A O   1 
HETATM 1616 O O   . HOH B 2 .   ? -0.190  -8.968  14.601  1.00 59.28  ? 320 HOH A O   1 
HETATM 1617 O O   . HOH B 2 .   ? 16.095  -6.758  -8.308  1.00 51.95  ? 321 HOH A O   1 
HETATM 1618 O O   . HOH B 2 .   ? 14.301  1.431   14.680  1.00 51.67  ? 322 HOH A O   1 
HETATM 1619 O O   . HOH B 2 .   ? 6.653   11.397  16.672  1.00 62.84  ? 323 HOH A O   1 
HETATM 1620 O O   . HOH B 2 .   ? 19.574  3.528   -2.546  1.00 56.27  ? 324 HOH A O   1 
HETATM 1621 O O   . HOH B 2 .   ? 1.531   -16.297 -10.259 1.00 52.75  ? 325 HOH A O   1 
HETATM 1622 O O   . HOH B 2 .   ? 16.179  -9.090  -7.246  1.00 61.88  ? 326 HOH A O   1 
HETATM 1623 O O   . HOH B 2 .   ? 17.848  -1.360  -10.071 1.00 54.96  ? 327 HOH A O   1 
HETATM 1624 O O   . HOH B 2 .   ? -7.632  -13.447 -8.166  1.00 53.99  ? 328 HOH A O   1 
HETATM 1625 O O   . HOH B 2 .   ? 19.316  -6.475  9.975   1.00 50.02  ? 329 HOH A O   1 
HETATM 1626 O O   . HOH B 2 .   ? 6.757   -13.603 0.448   1.00 49.28  ? 330 HOH A O   1 
HETATM 1627 O O   . HOH B 2 .   ? -22.973 1.040   16.899  1.00 62.86  ? 331 HOH A O   1 
HETATM 1628 O O   . HOH B 2 .   ? 15.846  -3.890  -7.499  1.00 56.52  ? 332 HOH A O   1 
HETATM 1629 O O   . HOH B 2 .   ? 1.242   3.573   24.484  1.00 62.63  ? 333 HOH A O   1 
HETATM 1630 O O   . HOH B 2 .   ? 15.641  -2.956  -15.126 1.00 65.17  ? 334 HOH A O   1 
HETATM 1631 O O   . HOH B 2 .   ? 6.067   -13.835 -2.205  1.00 66.34  ? 335 HOH A O   1 
HETATM 1632 O O   . HOH B 2 .   ? 9.575   1.210   -15.458 1.00 53.26  ? 336 HOH A O   1 
HETATM 1633 O O   . HOH B 2 .   ? 2.792   7.231   20.829  1.00 67.02  ? 337 HOH A O   1 
HETATM 1634 O O   . HOH B 2 .   ? 19.224  -6.558  6.482   1.00 68.58  ? 338 HOH A O   1 
HETATM 1635 O O   . HOH B 2 .   ? 15.897  5.004   -4.210  1.00 64.43  ? 339 HOH A O   1 
HETATM 1636 O O   . HOH B 2 .   ? -8.008  -7.338  14.241  1.00 80.50  ? 340 HOH A O   1 
HETATM 1637 O O   . HOH B 2 .   ? 7.653   14.852  0.163   1.00 66.85  ? 341 HOH A O   1 
HETATM 1638 O O   . HOH B 2 .   ? 21.717  -1.171  7.982   1.00 48.39  ? 342 HOH A O   1 
HETATM 1639 O O   . HOH B 2 .   ? -11.910 5.670   -3.618  1.00 66.24  ? 343 HOH A O   1 
HETATM 1640 O O   . HOH B 2 .   ? 7.671   -14.169 -4.591  1.00 60.76  ? 344 HOH A O   1 
HETATM 1641 O O   . HOH B 2 .   ? -10.430 5.596   0.135   1.00 55.66  ? 345 HOH A O   1 
HETATM 1642 O O   . HOH B 2 .   ? 9.679   -11.969 -3.039  1.00 61.44  ? 346 HOH A O   1 
HETATM 1643 O O   . HOH B 2 .   ? -19.387 -3.486  11.035  1.00 59.02  ? 347 HOH A O   1 
HETATM 1644 O O   . HOH B 2 .   ? -16.031 2.532   11.820  1.00 51.54  ? 348 HOH A O   1 
HETATM 1645 O O   . HOH B 2 .   ? 10.397  -2.218  19.179  1.00 69.68  ? 349 HOH A O   1 
HETATM 1646 O O   . HOH B 2 .   ? 1.311   12.624  -8.659  1.00 58.50  ? 350 HOH A O   1 
HETATM 1647 O O   . HOH B 2 .   ? 4.428   -15.473 -4.693  1.00 63.68  ? 351 HOH A O   1 
HETATM 1648 O O   . HOH B 2 .   ? -27.072 0.178   14.685  1.00 57.60  ? 352 HOH A O   1 
HETATM 1649 O O   . HOH B 2 .   ? 11.943  -10.991 -4.718  1.00 57.30  ? 353 HOH A O   1 
HETATM 1650 O O   . HOH B 2 .   ? 10.650  8.971   4.346   1.00 48.86  ? 354 HOH A O   1 
HETATM 1651 O O   . HOH B 2 .   ? -3.567  -14.226 -6.585  1.00 51.20  ? 355 HOH A O   1 
HETATM 1652 O O   . HOH B 2 .   ? 9.413   4.557   22.342  1.00 59.41  ? 356 HOH A O   1 
HETATM 1653 O O   . HOH B 2 .   ? -1.589  -13.318 8.520   1.00 57.80  ? 357 HOH A O   1 
HETATM 1654 O O   . HOH B 2 .   ? 18.282  -3.617  -2.639  1.00 55.14  ? 358 HOH A O   1 
HETATM 1655 O O   . HOH B 2 .   ? 4.196   7.104   23.516  1.00 65.62  ? 359 HOH A O   1 
HETATM 1656 O O   . HOH B 2 .   ? 5.562   12.209  8.855   1.00 56.95  ? 360 HOH A O   1 
HETATM 1657 O O   . HOH B 2 .   ? 9.226   11.275  17.050  1.00 61.44  ? 361 HOH A O   1 
HETATM 1658 O O   . HOH B 2 .   ? -3.704  -2.211  -12.961 1.00 56.65  ? 362 HOH A O   1 
HETATM 1659 O O   . HOH B 2 .   ? 18.126  1.840   -6.477  1.00 62.78  ? 363 HOH A O   1 
HETATM 1660 O O   . HOH B 2 .   ? 11.941  -11.359 -8.121  1.00 57.95  ? 364 HOH A O   1 
HETATM 1661 O O   . HOH B 2 .   ? 21.652  0.247   5.385   1.00 51.95  ? 365 HOH A O   1 
HETATM 1662 O O   . HOH B 2 .   ? -18.169 -9.814  -0.197  1.00 62.51  ? 366 HOH A O   1 
HETATM 1663 O O   . HOH B 2 .   ? -1.985  -0.990  -13.625 1.00 62.47  ? 367 HOH A O   1 
HETATM 1664 O O   . HOH B 2 .   ? -13.261 -13.005 -9.562  1.00 64.67  ? 368 HOH A O   1 
HETATM 1665 O O   . HOH B 2 .   ? 19.237  -3.633  -0.539  1.00 47.22  ? 369 HOH A O   1 
HETATM 1666 O O   . HOH B 2 .   ? 20.349  -1.763  -2.579  1.00 75.27  ? 370 HOH A O   1 
HETATM 1667 O O   . HOH B 2 .   ? -5.252  -17.309 -13.302 1.00 59.62  ? 371 HOH A O   1 
HETATM 1668 O O   . HOH B 2 .   ? -0.396  -16.643 -12.851 1.00 59.44  ? 372 HOH A O   1 
HETATM 1669 O O   . HOH B 2 .   ? 23.085  -3.436  7.401   1.00 59.00  ? 373 HOH A O   1 
HETATM 1670 O O   . HOH B 2 .   ? -8.079  -8.787  -10.282 1.00 49.34  ? 374 HOH A O   1 
HETATM 1671 O O   . HOH B 2 .   ? -22.999 -6.390  12.748  1.00 66.47  ? 375 HOH A O   1 
HETATM 1672 O O   . HOH B 2 .   ? 18.002  -0.368  18.303  1.00 69.03  ? 376 HOH A O   1 
HETATM 1673 O O   . HOH B 2 .   ? -10.841 11.921  18.519  1.00 63.16  ? 377 HOH A O   1 
HETATM 1674 O O   . HOH B 2 .   ? -4.301  9.679   21.204  1.00 70.69  ? 378 HOH A O   1 
HETATM 1675 O O   . HOH B 2 .   ? -14.340 0.908   7.980   1.00 55.32  ? 379 HOH A O   1 
HETATM 1676 O O   . HOH B 2 .   ? -7.768  -18.364 -6.074  1.00 64.38  ? 380 HOH A O   1 
HETATM 1677 O O   . HOH B 2 .   ? 21.415  10.066  3.186   1.00 84.08  ? 381 HOH A O   1 
HETATM 1678 O O   . HOH B 2 .   ? -11.925 -1.803  7.951   1.00 53.29  ? 382 HOH A O   1 
HETATM 1679 O O   . HOH B 2 .   ? -10.249 14.512  0.391   1.00 63.72  ? 383 HOH A O   1 
HETATM 1680 O O   . HOH B 2 .   ? 3.468   2.065   -14.307 1.00 65.12  ? 384 HOH A O   1 
HETATM 1681 O O   . HOH B 2 .   ? -6.366  1.461   32.278  1.00 83.78  ? 385 HOH A O   1 
HETATM 1682 O O   . HOH B 2 .   ? -5.282  5.012   -12.777 1.00 67.02  ? 386 HOH A O   1 
HETATM 1683 O O   . HOH B 2 .   ? -5.151  3.997   22.780  1.00 67.23  ? 387 HOH A O   1 
HETATM 1684 O O   . HOH B 2 .   ? 5.428   0.486   -21.213 1.00 79.57  ? 388 HOH A O   1 
HETATM 1685 O O   . HOH B 2 .   ? -17.224 0.279   2.624   1.00 56.86  ? 389 HOH A O   1 
HETATM 1686 O O   . HOH B 2 .   ? 3.760   17.645  1.315   1.00 71.74  ? 390 HOH A O   1 
HETATM 1687 O O   . HOH B 2 .   ? 15.102  10.440  -3.463  1.00 73.31  ? 391 HOH A O   1 
HETATM 1688 O O   . HOH B 2 .   ? 23.812  -0.479  3.898   1.00 72.51  ? 392 HOH A O   1 
# 
